data_4BL8
#
_entry.id   4BL8
#
_cell.length_a   97.320
_cell.length_b   99.550
_cell.length_c   192.940
_cell.angle_alpha   90.00
_cell.angle_beta   90.00
_cell.angle_gamma   90.00
#
_symmetry.space_group_name_H-M   'P 21 21 21'
#
loop_
_entity.id
_entity.type
_entity.pdbx_description
1 polymer 'MALTOSE-BINDING PERIPLASMIC PROTEIN, SUPPRESSOR OF FUSED HOMOLOG'
2 branched alpha-D-glucopyranose-(1-4)-alpha-D-glucopyranose
#
_entity_poly.entity_id   1
_entity_poly.type   'polypeptide(L)'
_entity_poly.pdbx_seq_one_letter_code
;MKTEEGKLVIWINGDKGYNGLAEVGKKFEKDTGIKVTVEHPDKLEEKFPQVAATGDGPDIIFWAHDRFGGYAQSGLLAEI
TPDKAFQDKLYPFTWDAVRYNGKLIAYPIAVEALSLIYNKDLLPNPPKTWEEIPALDKELKAKGKSALMFNLQEPYFTWP
LIAADGGYAFKYENGKYDIKDVGVDNAGAKAGLTFLVDLIKNKHMNADTDYSIAEAAFNKGETAMTINGPWAWSNIDTSK
VNYGVTVLPTFKGQPSKPFVGVLSAGINAASPNKELAKEFLENYLLTDEGLEAVNKDKPLGAVALKSYEEELAKDPRIAA
TMENAQKGEIMPNIPQMSAFWYAVRTAVINAASGRQTVDAALAAAQTNAAAPGLHAIYGECRRLYPDQPNPLQVTAIVKY
WLGGPDPLDYVSMYRNVGSPSANIPEHWHYISFGLSDLYGDNRVHEFTGTDGPSGFGFELTFRLKRETGESAPPTWPAEL
MQGLARYVFQSENTFCSGDHVSWHSPLDNSESRIQHMLLTEDPQMQPVQTPFGVVTFLQIVGVCTEELHSAQQWNGQGIL
ELLRTVPIAGGPWLITDMRRGETIFEIDPHLQERVDKGIETDGSNLSGVSAKCAWDDLSRPPEDDEDSRSICIGTQPRRL
SGKDTEQIRETLRRGLEINSKPVLPPINPQRQNGLAHDRAPSRKDSLESDSSTAIIPHELIRTRQLESVHLKFNQESGAL
IPLCLRGRLLHGRHFTYKSITGDMAITFVSTGVEGAFATEEHPYAAHGPWLQILLTEEFVEKMLEDLEDLTSPEEFKLPK
EYSWPEKKLKVSILPDVVFDSPLVEHHHHHH
;
_entity_poly.pdbx_strand_id   A,B
#
# COMPACT_ATOMS: atom_id res chain seq x y z
N GLU A 5 3.67 -30.44 -21.86
CA GLU A 5 2.66 -31.03 -20.99
C GLU A 5 1.40 -30.19 -20.92
N GLY A 6 0.44 -30.63 -20.11
CA GLY A 6 -0.81 -29.95 -19.93
C GLY A 6 -1.69 -30.72 -18.96
N LYS A 7 -2.55 -30.00 -18.24
CA LYS A 7 -3.49 -30.62 -17.32
C LYS A 7 -4.86 -30.66 -17.99
N LEU A 8 -5.78 -31.45 -17.45
CA LEU A 8 -7.13 -31.53 -17.99
C LEU A 8 -8.17 -31.43 -16.86
N VAL A 9 -8.96 -30.36 -16.86
CA VAL A 9 -9.85 -30.07 -15.73
C VAL A 9 -11.28 -30.11 -16.22
N ILE A 10 -12.14 -30.82 -15.48
CA ILE A 10 -13.52 -31.04 -15.90
C ILE A 10 -14.52 -30.56 -14.85
N TRP A 11 -15.59 -29.92 -15.30
CA TRP A 11 -16.68 -29.54 -14.41
C TRP A 11 -17.92 -30.35 -14.77
N ILE A 12 -18.58 -30.89 -13.75
CA ILE A 12 -19.81 -31.64 -13.96
C ILE A 12 -20.70 -31.43 -12.75
N ASN A 13 -22.00 -31.23 -12.96
CA ASN A 13 -22.89 -30.90 -11.86
C ASN A 13 -22.90 -31.99 -10.81
N GLY A 14 -23.16 -31.60 -9.57
CA GLY A 14 -23.04 -32.50 -8.43
C GLY A 14 -23.95 -33.71 -8.43
N ASP A 15 -25.16 -33.57 -8.97
CA ASP A 15 -26.11 -34.67 -8.97
C ASP A 15 -25.73 -35.80 -9.93
N LYS A 16 -24.79 -35.53 -10.84
CA LYS A 16 -24.33 -36.53 -11.80
C LYS A 16 -23.22 -37.42 -11.22
N GLY A 17 -22.78 -38.41 -12.00
CA GLY A 17 -21.68 -39.25 -11.57
C GLY A 17 -20.32 -38.62 -11.76
N TYR A 18 -19.81 -37.95 -10.73
CA TYR A 18 -18.51 -37.28 -10.85
C TYR A 18 -17.40 -38.24 -10.42
N ASN A 19 -17.78 -39.29 -9.69
CA ASN A 19 -16.83 -40.29 -9.21
C ASN A 19 -16.59 -41.38 -10.25
N GLY A 20 -17.63 -41.70 -11.01
CA GLY A 20 -17.50 -42.65 -12.10
C GLY A 20 -16.72 -41.99 -13.21
N LEU A 21 -16.99 -40.71 -13.44
CA LEU A 21 -16.27 -39.95 -14.45
C LEU A 21 -14.81 -39.74 -14.04
N ALA A 22 -14.56 -39.73 -12.73
CA ALA A 22 -13.20 -39.62 -12.22
C ALA A 22 -12.43 -40.92 -12.48
N GLU A 23 -13.15 -42.04 -12.42
CA GLU A 23 -12.55 -43.33 -12.74
C GLU A 23 -12.09 -43.37 -14.18
N VAL A 24 -12.89 -42.82 -15.09
CA VAL A 24 -12.51 -42.75 -16.48
C VAL A 24 -11.29 -41.83 -16.62
N GLY A 25 -11.25 -40.79 -15.78
CA GLY A 25 -10.14 -39.85 -15.78
C GLY A 25 -8.86 -40.50 -15.29
N LYS A 26 -9.00 -41.55 -14.49
CA LYS A 26 -7.86 -42.28 -13.96
C LYS A 26 -7.25 -43.18 -15.03
N LYS A 27 -8.13 -43.83 -15.78
CA LYS A 27 -7.72 -44.74 -16.85
C LYS A 27 -7.00 -43.97 -17.95
N PHE A 28 -7.40 -42.71 -18.15
CA PHE A 28 -6.76 -41.85 -19.14
C PHE A 28 -5.34 -41.52 -18.69
N GLU A 29 -5.20 -41.12 -17.43
CA GLU A 29 -3.89 -40.76 -16.89
C GLU A 29 -2.93 -41.96 -16.88
N LYS A 30 -3.50 -43.16 -16.74
CA LYS A 30 -2.69 -44.38 -16.75
C LYS A 30 -2.10 -44.60 -18.13
N ASP A 31 -2.97 -44.53 -19.14
CA ASP A 31 -2.58 -44.86 -20.51
C ASP A 31 -1.85 -43.74 -21.23
N THR A 32 -1.91 -42.52 -20.68
CA THR A 32 -1.37 -41.36 -21.40
C THR A 32 -0.37 -40.56 -20.57
N GLY A 33 -0.59 -40.49 -19.27
CA GLY A 33 0.29 -39.77 -18.38
C GLY A 33 -0.16 -38.34 -18.11
N ILE A 34 -1.32 -37.96 -18.62
CA ILE A 34 -1.89 -36.65 -18.37
C ILE A 34 -2.88 -36.72 -17.21
N LYS A 35 -2.72 -35.82 -16.23
CA LYS A 35 -3.57 -35.84 -15.05
C LYS A 35 -4.94 -35.24 -15.31
N VAL A 36 -5.99 -35.98 -14.99
CA VAL A 36 -7.35 -35.50 -15.16
C VAL A 36 -8.03 -35.20 -13.82
N THR A 37 -8.31 -33.93 -13.58
CA THR A 37 -9.02 -33.48 -12.38
C THR A 37 -10.51 -33.30 -12.68
N VAL A 38 -11.35 -33.73 -11.76
CA VAL A 38 -12.80 -33.53 -11.88
C VAL A 38 -13.34 -32.76 -10.68
N GLU A 39 -14.10 -31.70 -10.95
CA GLU A 39 -14.67 -30.85 -9.91
C GLU A 39 -16.17 -30.68 -10.15
N HIS A 40 -16.95 -30.51 -9.09
CA HIS A 40 -18.39 -30.31 -9.23
C HIS A 40 -18.82 -29.06 -8.48
N PRO A 41 -18.38 -27.89 -8.96
CA PRO A 41 -18.66 -26.61 -8.29
C PRO A 41 -20.15 -26.27 -8.31
N ASP A 42 -20.64 -25.60 -7.27
CA ASP A 42 -22.03 -25.17 -7.23
C ASP A 42 -22.27 -24.14 -8.32
N LYS A 43 -23.46 -24.15 -8.89
CA LYS A 43 -23.83 -23.17 -9.90
C LYS A 43 -22.81 -23.09 -11.03
N LEU A 44 -22.24 -24.23 -11.42
CA LEU A 44 -21.19 -24.24 -12.45
C LEU A 44 -21.70 -23.69 -13.79
N GLU A 45 -22.99 -23.83 -14.05
CA GLU A 45 -23.56 -23.34 -15.30
C GLU A 45 -23.55 -21.80 -15.39
N GLU A 46 -23.49 -21.14 -14.23
CA GLU A 46 -23.42 -19.68 -14.20
C GLU A 46 -21.96 -19.24 -14.09
N LYS A 47 -21.16 -20.03 -13.38
CA LYS A 47 -19.76 -19.68 -13.15
C LYS A 47 -18.89 -19.83 -14.38
N PHE A 48 -19.29 -20.69 -15.31
CA PHE A 48 -18.49 -20.91 -16.49
C PHE A 48 -18.31 -19.62 -17.30
N PRO A 49 -19.41 -18.98 -17.69
CA PRO A 49 -19.25 -17.77 -18.52
C PRO A 49 -18.59 -16.62 -17.74
N GLN A 50 -18.45 -16.78 -16.44
CA GLN A 50 -17.80 -15.77 -15.62
C GLN A 50 -16.29 -15.91 -15.71
N VAL A 51 -15.82 -17.13 -15.51
CA VAL A 51 -14.40 -17.40 -15.40
C VAL A 51 -13.83 -18.06 -16.65
N ALA A 52 -14.60 -18.02 -17.74
CA ALA A 52 -14.08 -18.41 -19.05
C ALA A 52 -13.58 -17.16 -19.73
N ALA A 53 -13.94 -16.01 -19.17
CA ALA A 53 -13.41 -14.74 -19.62
C ALA A 53 -11.96 -14.62 -19.20
N THR A 54 -11.68 -14.89 -17.94
CA THR A 54 -10.31 -14.86 -17.43
C THR A 54 -9.59 -16.18 -17.75
N GLY A 55 -10.27 -17.08 -18.45
CA GLY A 55 -9.72 -18.39 -18.77
C GLY A 55 -9.26 -19.17 -17.55
N ASP A 56 -9.82 -18.85 -16.39
CA ASP A 56 -9.51 -19.56 -15.13
C ASP A 56 -10.31 -20.85 -14.97
N GLY A 57 -10.96 -21.22 -16.06
CA GLY A 57 -11.99 -22.23 -16.13
C GLY A 57 -11.52 -23.59 -16.63
N PRO A 58 -12.43 -24.56 -16.67
CA PRO A 58 -12.17 -25.95 -17.08
C PRO A 58 -11.80 -26.10 -18.54
N ASP A 59 -11.13 -27.19 -18.86
CA ASP A 59 -10.87 -27.52 -20.26
C ASP A 59 -12.14 -28.13 -20.83
N ILE A 60 -12.86 -28.88 -20.01
CA ILE A 60 -14.15 -29.46 -20.40
C ILE A 60 -15.25 -29.08 -19.41
N ILE A 61 -16.46 -28.86 -19.92
CA ILE A 61 -17.61 -28.51 -19.05
C ILE A 61 -18.87 -29.31 -19.43
N PHE A 62 -19.48 -29.93 -18.43
CA PHE A 62 -20.65 -30.77 -18.65
C PHE A 62 -21.92 -30.08 -18.20
N TRP A 63 -22.96 -30.15 -19.04
CA TRP A 63 -24.28 -29.60 -18.70
C TRP A 63 -25.31 -29.92 -19.79
N ALA A 64 -26.59 -29.77 -19.47
CA ALA A 64 -27.64 -29.94 -20.47
C ALA A 64 -27.41 -28.98 -21.63
N HIS A 65 -27.76 -29.41 -22.84
CA HIS A 65 -27.40 -28.69 -24.06
C HIS A 65 -27.98 -27.27 -24.14
N ASP A 66 -29.02 -26.99 -23.37
CA ASP A 66 -29.68 -25.69 -23.47
C ASP A 66 -28.75 -24.53 -23.14
N ARG A 67 -27.78 -24.77 -22.25
CA ARG A 67 -26.87 -23.72 -21.84
C ARG A 67 -25.87 -23.39 -22.94
N PHE A 68 -25.56 -24.36 -23.79
CA PHE A 68 -24.41 -24.27 -24.68
C PHE A 68 -24.57 -23.25 -25.82
N GLY A 69 -25.76 -23.13 -26.36
CA GLY A 69 -25.97 -22.17 -27.42
C GLY A 69 -25.59 -20.79 -26.95
N GLY A 70 -25.80 -20.54 -25.66
CA GLY A 70 -25.47 -19.26 -25.06
C GLY A 70 -23.97 -19.08 -24.91
N TYR A 71 -23.28 -20.15 -24.49
CA TYR A 71 -21.82 -20.11 -24.39
C TYR A 71 -21.23 -19.89 -25.77
N ALA A 72 -21.72 -20.66 -26.74
CA ALA A 72 -21.21 -20.63 -28.11
C ALA A 72 -21.29 -19.22 -28.71
N GLN A 73 -22.40 -18.52 -28.47
CA GLN A 73 -22.53 -17.19 -29.03
C GLN A 73 -21.54 -16.22 -28.40
N SER A 74 -21.11 -16.50 -27.18
CA SER A 74 -20.14 -15.65 -26.48
C SER A 74 -18.71 -16.11 -26.78
N GLY A 75 -18.58 -17.10 -27.66
CA GLY A 75 -17.27 -17.58 -28.09
C GLY A 75 -16.49 -18.24 -26.97
N LEU A 76 -17.20 -18.94 -26.09
CA LEU A 76 -16.59 -19.61 -24.95
C LEU A 76 -16.32 -21.08 -25.25
N LEU A 77 -16.77 -21.55 -26.41
CA LEU A 77 -16.60 -22.95 -26.77
C LEU A 77 -15.88 -23.11 -28.11
N ALA A 78 -14.93 -24.04 -28.15
CA ALA A 78 -14.25 -24.41 -29.38
C ALA A 78 -15.12 -25.34 -30.19
N GLU A 79 -15.17 -25.15 -31.50
CA GLU A 79 -15.89 -26.06 -32.37
C GLU A 79 -15.22 -27.44 -32.30
N ILE A 80 -16.03 -28.49 -32.15
CA ILE A 80 -15.49 -29.84 -32.12
C ILE A 80 -15.50 -30.44 -33.53
N THR A 81 -14.52 -31.29 -33.81
CA THR A 81 -14.31 -31.79 -35.17
C THR A 81 -14.17 -33.31 -35.24
N PRO A 82 -15.25 -34.04 -34.90
CA PRO A 82 -15.21 -35.50 -35.03
C PRO A 82 -15.30 -35.91 -36.49
N ASP A 83 -14.60 -36.98 -36.88
CA ASP A 83 -14.70 -37.47 -38.25
C ASP A 83 -16.01 -38.24 -38.42
N LYS A 84 -16.28 -38.73 -39.63
CA LYS A 84 -17.57 -39.34 -39.92
C LYS A 84 -17.74 -40.64 -39.14
N ALA A 85 -16.65 -41.34 -38.91
CA ALA A 85 -16.68 -42.64 -38.25
C ALA A 85 -17.07 -42.53 -36.79
N PHE A 86 -16.85 -41.36 -36.20
CA PHE A 86 -17.22 -41.13 -34.81
C PHE A 86 -18.67 -40.67 -34.72
N GLN A 87 -19.07 -39.80 -35.64
CA GLN A 87 -20.43 -39.26 -35.65
C GLN A 87 -21.47 -40.35 -35.84
N ASP A 88 -21.09 -41.42 -36.54
CA ASP A 88 -22.02 -42.52 -36.80
C ASP A 88 -22.26 -43.34 -35.53
N LYS A 89 -21.35 -43.22 -34.57
CA LYS A 89 -21.49 -43.96 -33.32
C LYS A 89 -22.61 -43.42 -32.44
N LEU A 90 -22.91 -42.13 -32.56
CA LEU A 90 -23.97 -41.51 -31.76
C LEU A 90 -25.22 -41.24 -32.61
N TYR A 91 -26.37 -41.14 -31.96
CA TYR A 91 -27.64 -40.95 -32.66
C TYR A 91 -27.69 -39.55 -33.31
N PRO A 92 -28.32 -39.45 -34.49
CA PRO A 92 -28.34 -38.18 -35.20
C PRO A 92 -29.04 -37.03 -34.45
N PHE A 93 -30.03 -37.34 -33.62
CA PHE A 93 -30.79 -36.27 -32.98
C PHE A 93 -30.06 -35.71 -31.77
N THR A 94 -29.03 -36.40 -31.30
CA THR A 94 -28.26 -35.92 -30.14
C THR A 94 -27.18 -34.97 -30.62
N TRP A 95 -26.72 -35.16 -31.86
CA TRP A 95 -25.84 -34.19 -32.50
C TRP A 95 -26.66 -32.95 -32.82
N ASP A 96 -27.96 -33.12 -33.04
CA ASP A 96 -28.84 -31.99 -33.31
C ASP A 96 -28.88 -31.05 -32.12
N ALA A 97 -28.88 -31.63 -30.92
CA ALA A 97 -29.01 -30.85 -29.70
C ALA A 97 -27.77 -30.01 -29.46
N VAL A 98 -26.64 -30.43 -30.02
CA VAL A 98 -25.39 -29.74 -29.78
C VAL A 98 -24.95 -28.92 -31.00
N ARG A 99 -25.89 -28.62 -31.88
CA ARG A 99 -25.56 -27.86 -33.08
C ARG A 99 -26.09 -26.43 -32.94
N TYR A 100 -25.20 -25.46 -33.08
CA TYR A 100 -25.57 -24.04 -33.00
C TYR A 100 -25.00 -23.25 -34.18
N ASN A 101 -25.89 -22.59 -34.92
CA ASN A 101 -25.49 -21.84 -36.10
C ASN A 101 -24.55 -22.64 -37.00
N GLY A 102 -24.90 -23.90 -37.23
CA GLY A 102 -24.24 -24.73 -38.21
C GLY A 102 -23.05 -25.54 -37.70
N LYS A 103 -22.60 -25.27 -36.47
CA LYS A 103 -21.40 -25.91 -35.93
C LYS A 103 -21.72 -26.83 -34.76
N LEU A 104 -21.00 -27.95 -34.66
CA LEU A 104 -21.06 -28.80 -33.48
C LEU A 104 -20.23 -28.15 -32.39
N ILE A 105 -20.86 -27.87 -31.24
CA ILE A 105 -20.20 -27.13 -30.17
C ILE A 105 -19.96 -27.98 -28.92
N ALA A 106 -20.34 -29.24 -28.97
CA ALA A 106 -20.16 -30.14 -27.83
C ALA A 106 -20.51 -31.58 -28.20
N TYR A 107 -19.89 -32.53 -27.49
CA TYR A 107 -20.22 -33.94 -27.67
C TYR A 107 -21.46 -34.27 -26.85
N PRO A 108 -22.51 -34.84 -27.49
CA PRO A 108 -23.67 -35.31 -26.71
C PRO A 108 -23.30 -36.55 -25.91
N ILE A 109 -23.88 -36.72 -24.72
CA ILE A 109 -23.50 -37.80 -23.82
C ILE A 109 -24.69 -38.70 -23.54
N ALA A 110 -25.79 -38.11 -23.09
CA ALA A 110 -26.97 -38.88 -22.70
C ALA A 110 -28.24 -38.04 -22.75
N VAL A 111 -29.37 -38.70 -22.92
CA VAL A 111 -30.66 -38.03 -22.99
C VAL A 111 -31.40 -38.14 -21.66
N GLU A 112 -31.72 -37.00 -21.06
CA GLU A 112 -32.43 -36.96 -19.79
C GLU A 112 -33.85 -36.46 -19.98
N ALA A 113 -34.78 -37.00 -19.19
CA ALA A 113 -36.14 -36.49 -19.13
C ALA A 113 -36.75 -36.88 -17.78
N LEU A 114 -37.52 -35.98 -17.18
CA LEU A 114 -38.15 -36.27 -15.90
C LEU A 114 -39.20 -37.39 -16.03
N SER A 115 -39.25 -38.27 -15.02
CA SER A 115 -40.25 -39.33 -14.96
C SER A 115 -40.88 -39.34 -13.57
N LEU A 116 -42.01 -40.06 -13.44
CA LEU A 116 -42.66 -40.20 -12.14
C LEU A 116 -42.14 -41.42 -11.41
N ILE A 117 -41.43 -41.21 -10.31
CA ILE A 117 -40.92 -42.32 -9.49
C ILE A 117 -41.85 -42.52 -8.31
N TYR A 118 -42.31 -43.75 -8.11
CA TYR A 118 -43.29 -44.03 -7.07
C TYR A 118 -42.89 -45.24 -6.22
N ASN A 119 -43.28 -45.24 -4.95
CA ASN A 119 -42.99 -46.33 -4.02
C ASN A 119 -44.06 -47.42 -4.12
N LYS A 120 -43.72 -48.51 -4.81
CA LYS A 120 -44.65 -49.59 -5.08
C LYS A 120 -45.36 -50.11 -3.82
N ASP A 121 -44.65 -50.13 -2.69
CA ASP A 121 -45.21 -50.64 -1.45
C ASP A 121 -46.33 -49.72 -0.92
N LEU A 122 -46.08 -48.41 -0.97
CA LEU A 122 -47.05 -47.42 -0.48
C LEU A 122 -48.18 -47.16 -1.46
N LEU A 123 -47.91 -47.39 -2.75
CA LEU A 123 -48.79 -46.98 -3.83
C LEU A 123 -48.57 -47.89 -5.03
N PRO A 124 -49.14 -49.10 -5.01
CA PRO A 124 -48.91 -50.12 -6.04
C PRO A 124 -49.31 -49.63 -7.44
N ASN A 125 -50.40 -48.88 -7.53
CA ASN A 125 -50.86 -48.35 -8.81
C ASN A 125 -50.80 -46.83 -8.84
N PRO A 126 -49.73 -46.28 -9.45
CA PRO A 126 -49.54 -44.82 -9.46
C PRO A 126 -50.65 -44.12 -10.26
N PRO A 127 -51.03 -42.91 -9.84
CA PRO A 127 -52.15 -42.18 -10.47
C PRO A 127 -51.82 -41.73 -11.89
N LYS A 128 -52.77 -41.92 -12.80
CA LYS A 128 -52.56 -41.58 -14.20
C LYS A 128 -52.75 -40.10 -14.47
N THR A 129 -53.29 -39.37 -13.49
CA THR A 129 -53.55 -37.93 -13.66
C THR A 129 -53.15 -37.10 -12.43
N TRP A 130 -52.98 -35.79 -12.66
CA TRP A 130 -52.56 -34.88 -11.60
C TRP A 130 -53.72 -34.65 -10.63
N GLU A 131 -54.93 -34.58 -11.18
CA GLU A 131 -56.10 -34.26 -10.38
C GLU A 131 -56.41 -35.34 -9.35
N GLU A 132 -55.87 -36.53 -9.57
CA GLU A 132 -56.06 -37.65 -8.64
C GLU A 132 -55.31 -37.45 -7.33
N ILE A 133 -54.32 -36.56 -7.33
CA ILE A 133 -53.34 -36.50 -6.23
C ILE A 133 -53.85 -35.85 -4.95
N PRO A 134 -54.65 -34.76 -5.07
CA PRO A 134 -55.18 -34.21 -3.80
C PRO A 134 -55.98 -35.28 -3.02
N ALA A 135 -56.81 -36.03 -3.74
CA ALA A 135 -57.55 -37.12 -3.13
C ALA A 135 -56.59 -38.15 -2.56
N LEU A 136 -55.58 -38.52 -3.35
CA LEU A 136 -54.64 -39.57 -2.97
C LEU A 136 -53.82 -39.14 -1.76
N ASP A 137 -53.74 -37.84 -1.51
CA ASP A 137 -52.91 -37.31 -0.44
C ASP A 137 -53.62 -37.38 0.91
N LYS A 138 -54.94 -37.29 0.88
CA LYS A 138 -55.72 -37.38 2.11
C LYS A 138 -55.66 -38.81 2.65
N GLU A 139 -55.74 -39.78 1.76
CA GLU A 139 -55.65 -41.19 2.15
C GLU A 139 -54.31 -41.49 2.80
N LEU A 140 -53.24 -40.91 2.25
CA LEU A 140 -51.90 -41.14 2.75
C LEU A 140 -51.60 -40.33 4.02
N LYS A 141 -52.25 -39.18 4.16
CA LYS A 141 -52.05 -38.35 5.35
C LYS A 141 -52.72 -38.99 6.57
N ALA A 142 -53.72 -39.83 6.33
CA ALA A 142 -54.41 -40.53 7.42
C ALA A 142 -53.44 -41.47 8.15
N LYS A 143 -52.63 -42.19 7.38
CA LYS A 143 -51.58 -43.03 7.94
C LYS A 143 -50.24 -42.31 7.93
N GLY A 144 -50.28 -40.99 8.10
CA GLY A 144 -49.10 -40.19 8.39
C GLY A 144 -48.07 -39.99 7.30
N LYS A 145 -48.49 -40.16 6.05
CA LYS A 145 -47.56 -40.11 4.94
C LYS A 145 -47.96 -38.95 4.07
N SER A 146 -47.19 -38.69 3.01
CA SER A 146 -47.61 -37.72 1.99
C SER A 146 -47.65 -38.43 0.65
N ALA A 147 -48.26 -37.79 -0.34
CA ALA A 147 -48.47 -38.42 -1.64
C ALA A 147 -47.36 -38.07 -2.61
N LEU A 148 -46.94 -36.80 -2.64
CA LEU A 148 -45.98 -36.32 -3.65
C LEU A 148 -45.02 -35.28 -3.07
N MET A 149 -43.76 -35.35 -3.50
CA MET A 149 -42.75 -34.38 -3.07
C MET A 149 -41.64 -34.25 -4.12
N PHE A 150 -41.39 -33.03 -4.60
CA PHE A 150 -40.36 -32.81 -5.62
C PHE A 150 -39.87 -31.35 -5.63
N ASN A 151 -38.68 -31.15 -6.17
CA ASN A 151 -38.03 -29.83 -6.16
C ASN A 151 -38.92 -28.73 -6.74
N LEU A 152 -39.29 -27.75 -5.90
CA LEU A 152 -40.10 -26.63 -6.37
C LEU A 152 -39.28 -25.36 -6.50
N GLN A 153 -37.99 -25.46 -6.23
CA GLN A 153 -37.11 -24.30 -6.32
C GLN A 153 -36.63 -24.09 -7.75
N GLU A 154 -36.51 -25.18 -8.50
CA GLU A 154 -36.04 -25.11 -9.88
C GLU A 154 -37.20 -25.31 -10.85
N PRO A 155 -37.35 -24.41 -11.83
CA PRO A 155 -38.48 -24.51 -12.77
C PRO A 155 -38.43 -25.79 -13.60
N TYR A 156 -37.28 -26.44 -13.64
CA TYR A 156 -37.11 -27.64 -14.45
C TYR A 156 -38.06 -28.76 -14.05
N PHE A 157 -38.53 -28.72 -12.80
CA PHE A 157 -39.35 -29.81 -12.24
C PHE A 157 -40.82 -29.49 -12.24
N THR A 158 -41.18 -28.21 -12.34
CA THR A 158 -42.59 -27.84 -12.35
C THR A 158 -43.04 -27.45 -13.76
N TRP A 159 -42.09 -27.40 -14.70
CA TRP A 159 -42.40 -27.02 -16.07
C TRP A 159 -43.24 -28.06 -16.82
N PRO A 160 -43.08 -29.35 -16.52
CA PRO A 160 -43.90 -30.34 -17.23
C PRO A 160 -45.40 -30.10 -17.00
N LEU A 161 -45.78 -29.69 -15.79
CA LEU A 161 -47.17 -29.38 -15.48
C LEU A 161 -47.63 -28.10 -16.18
N ILE A 162 -46.79 -27.07 -16.12
CA ILE A 162 -47.09 -25.79 -16.75
C ILE A 162 -47.24 -25.92 -18.26
N ALA A 163 -46.44 -26.81 -18.85
CA ALA A 163 -46.44 -26.99 -20.29
C ALA A 163 -47.50 -27.99 -20.73
N ALA A 164 -48.08 -28.71 -19.78
CA ALA A 164 -49.04 -29.76 -20.11
C ALA A 164 -50.23 -29.21 -20.89
N ASP A 165 -50.76 -28.08 -20.43
CA ASP A 165 -51.90 -27.45 -21.08
C ASP A 165 -51.46 -26.65 -22.31
N GLY A 166 -50.20 -26.81 -22.71
CA GLY A 166 -49.70 -26.22 -23.93
C GLY A 166 -48.88 -24.95 -23.73
N GLY A 167 -48.59 -24.61 -22.49
CA GLY A 167 -47.70 -23.49 -22.23
C GLY A 167 -46.33 -23.78 -22.81
N TYR A 168 -45.64 -22.75 -23.29
CA TYR A 168 -44.36 -22.94 -23.97
C TYR A 168 -43.37 -21.81 -23.68
N ALA A 169 -42.12 -22.01 -24.12
CA ALA A 169 -41.06 -21.04 -23.89
C ALA A 169 -40.83 -20.20 -25.15
N PHE A 170 -40.45 -20.85 -26.24
CA PHE A 170 -40.33 -20.18 -27.54
C PHE A 170 -40.93 -21.06 -28.61
N LYS A 171 -41.52 -20.44 -29.62
CA LYS A 171 -42.26 -21.19 -30.62
C LYS A 171 -41.39 -21.47 -31.83
N TYR A 172 -41.37 -22.73 -32.25
CA TYR A 172 -40.64 -23.12 -33.45
C TYR A 172 -41.49 -22.84 -34.68
N GLU A 173 -41.34 -21.65 -35.23
CA GLU A 173 -42.21 -21.19 -36.30
C GLU A 173 -41.40 -20.57 -37.44
N ASN A 174 -41.64 -21.07 -38.66
CA ASN A 174 -40.94 -20.61 -39.85
C ASN A 174 -39.42 -20.84 -39.80
N GLY A 175 -39.02 -22.02 -39.30
CA GLY A 175 -37.64 -22.45 -39.35
C GLY A 175 -36.75 -22.02 -38.19
N LYS A 176 -37.19 -21.03 -37.43
CA LYS A 176 -36.40 -20.47 -36.34
C LYS A 176 -37.22 -20.37 -35.06
N TYR A 177 -36.61 -19.82 -34.02
CA TYR A 177 -37.31 -19.54 -32.76
C TYR A 177 -37.64 -18.06 -32.68
N ASP A 178 -38.89 -17.73 -32.35
CA ASP A 178 -39.31 -16.34 -32.22
C ASP A 178 -39.01 -15.84 -30.81
N ILE A 179 -37.97 -15.00 -30.67
CA ILE A 179 -37.45 -14.66 -29.34
C ILE A 179 -38.36 -13.78 -28.49
N LYS A 180 -39.29 -13.06 -29.10
CA LYS A 180 -40.22 -12.22 -28.34
C LYS A 180 -41.53 -12.95 -28.06
N ASP A 181 -41.84 -13.94 -28.90
CA ASP A 181 -43.04 -14.77 -28.72
C ASP A 181 -42.80 -15.86 -27.67
N VAL A 182 -42.94 -15.49 -26.40
CA VAL A 182 -42.79 -16.43 -25.30
C VAL A 182 -44.18 -16.88 -24.86
N GLY A 183 -44.29 -18.14 -24.42
CA GLY A 183 -45.59 -18.71 -24.10
C GLY A 183 -45.81 -19.07 -22.63
N VAL A 184 -45.20 -18.32 -21.72
CA VAL A 184 -45.36 -18.60 -20.30
C VAL A 184 -46.57 -17.87 -19.72
N ASP A 185 -47.30 -17.16 -20.57
CA ASP A 185 -48.29 -16.19 -20.12
C ASP A 185 -49.72 -16.51 -20.57
N ASN A 186 -49.87 -17.59 -21.35
CA ASN A 186 -51.15 -17.97 -21.95
C ASN A 186 -52.01 -18.79 -20.99
N ALA A 187 -53.23 -19.12 -21.44
CA ALA A 187 -54.18 -19.83 -20.60
C ALA A 187 -53.60 -21.14 -20.08
N GLY A 188 -53.01 -21.92 -20.97
CA GLY A 188 -52.47 -23.22 -20.62
C GLY A 188 -51.47 -23.20 -19.47
N ALA A 189 -50.57 -22.22 -19.49
CA ALA A 189 -49.55 -22.10 -18.48
C ALA A 189 -50.16 -21.71 -17.13
N LYS A 190 -51.15 -20.82 -17.17
CA LYS A 190 -51.85 -20.41 -15.96
C LYS A 190 -52.63 -21.56 -15.35
N ALA A 191 -53.17 -22.43 -16.20
CA ALA A 191 -53.93 -23.58 -15.73
C ALA A 191 -53.03 -24.54 -14.97
N GLY A 192 -51.81 -24.70 -15.46
CA GLY A 192 -50.84 -25.60 -14.86
C GLY A 192 -50.25 -25.06 -13.57
N LEU A 193 -49.91 -23.77 -13.55
CA LEU A 193 -49.30 -23.18 -12.38
C LEU A 193 -50.38 -22.93 -11.32
N THR A 194 -51.59 -22.59 -11.75
CA THR A 194 -52.68 -22.38 -10.79
C THR A 194 -52.87 -23.66 -10.01
N PHE A 195 -52.84 -24.80 -10.71
CA PHE A 195 -53.03 -26.10 -10.07
C PHE A 195 -51.90 -26.40 -9.10
N LEU A 196 -50.69 -25.97 -9.43
CA LEU A 196 -49.54 -26.19 -8.56
C LEU A 196 -49.67 -25.36 -7.28
N VAL A 197 -50.11 -24.11 -7.42
CA VAL A 197 -50.27 -23.24 -6.27
C VAL A 197 -51.40 -23.74 -5.37
N ASP A 198 -52.43 -24.33 -5.99
CA ASP A 198 -53.52 -24.94 -5.23
C ASP A 198 -53.00 -26.02 -4.30
N LEU A 199 -52.27 -26.97 -4.85
CA LEU A 199 -51.70 -28.06 -4.07
C LEU A 199 -51.02 -27.57 -2.80
N ILE A 200 -50.37 -26.40 -2.87
CA ILE A 200 -49.65 -25.86 -1.71
C ILE A 200 -50.60 -25.20 -0.72
N LYS A 201 -51.64 -24.53 -1.22
CA LYS A 201 -52.65 -23.93 -0.36
C LYS A 201 -53.30 -25.00 0.51
N ASN A 202 -53.73 -26.10 -0.11
CA ASN A 202 -54.40 -27.19 0.60
C ASN A 202 -53.43 -28.09 1.36
N LYS A 203 -52.16 -27.70 1.38
CA LYS A 203 -51.13 -28.36 2.17
C LYS A 203 -50.88 -29.82 1.78
N HIS A 204 -50.99 -30.10 0.48
CA HIS A 204 -50.58 -31.39 -0.06
C HIS A 204 -49.07 -31.34 -0.38
N MET A 205 -48.60 -30.14 -0.66
CA MET A 205 -47.17 -29.88 -0.88
C MET A 205 -46.78 -28.58 -0.18
N ASN A 206 -45.50 -28.46 0.18
CA ASN A 206 -45.00 -27.26 0.85
C ASN A 206 -44.08 -26.46 -0.06
N ALA A 207 -44.22 -25.13 -0.04
CA ALA A 207 -43.45 -24.27 -0.93
C ALA A 207 -41.94 -24.34 -0.69
N ASP A 208 -41.54 -24.69 0.53
CA ASP A 208 -40.12 -24.69 0.92
C ASP A 208 -39.36 -25.92 0.42
N THR A 209 -40.07 -26.85 -0.20
CA THR A 209 -39.48 -28.14 -0.58
C THR A 209 -38.45 -27.99 -1.71
N ASP A 210 -37.18 -28.21 -1.40
CA ASP A 210 -36.13 -28.18 -2.42
C ASP A 210 -35.66 -29.60 -2.74
N TYR A 211 -34.65 -29.71 -3.59
CA TYR A 211 -34.22 -31.03 -4.10
C TYR A 211 -33.89 -32.04 -3.00
N SER A 212 -32.98 -31.69 -2.11
CA SER A 212 -32.51 -32.63 -1.09
C SER A 212 -33.57 -32.96 -0.03
N ILE A 213 -34.57 -32.08 0.12
CA ILE A 213 -35.69 -32.34 1.01
C ILE A 213 -36.60 -33.43 0.44
N ALA A 214 -36.90 -33.32 -0.84
CA ALA A 214 -37.73 -34.30 -1.53
C ALA A 214 -37.04 -35.66 -1.59
N GLU A 215 -35.75 -35.65 -1.94
CA GLU A 215 -34.99 -36.89 -2.10
C GLU A 215 -34.95 -37.67 -0.79
N ALA A 216 -34.78 -36.97 0.33
CA ALA A 216 -34.70 -37.62 1.63
C ALA A 216 -36.06 -38.19 2.01
N ALA A 217 -37.11 -37.43 1.73
CA ALA A 217 -38.47 -37.88 2.04
C ALA A 217 -38.78 -39.20 1.34
N PHE A 218 -38.61 -39.24 0.03
CA PHE A 218 -38.94 -40.44 -0.73
C PHE A 218 -38.08 -41.65 -0.35
N ASN A 219 -36.81 -41.41 -0.03
CA ASN A 219 -35.87 -42.49 0.25
C ASN A 219 -36.02 -43.06 1.65
N LYS A 220 -36.79 -42.38 2.50
CA LYS A 220 -37.09 -42.88 3.84
C LYS A 220 -38.49 -43.48 3.85
N GLY A 221 -39.23 -43.27 2.77
CA GLY A 221 -40.57 -43.82 2.63
C GLY A 221 -41.64 -42.92 3.21
N GLU A 222 -41.29 -41.66 3.46
CA GLU A 222 -42.21 -40.70 4.05
C GLU A 222 -43.21 -40.15 3.04
N THR A 223 -42.93 -40.34 1.75
CA THR A 223 -43.81 -39.84 0.70
C THR A 223 -43.89 -40.85 -0.45
N ALA A 224 -45.06 -40.90 -1.10
CA ALA A 224 -45.37 -41.99 -2.03
C ALA A 224 -44.87 -41.74 -3.44
N MET A 225 -44.54 -40.49 -3.77
CA MET A 225 -44.12 -40.16 -5.14
C MET A 225 -43.12 -39.01 -5.20
N THR A 226 -42.48 -38.88 -6.36
CA THR A 226 -41.52 -37.82 -6.60
C THR A 226 -41.31 -37.68 -8.10
N ILE A 227 -40.65 -36.60 -8.52
CA ILE A 227 -40.32 -36.41 -9.93
C ILE A 227 -38.82 -36.16 -10.02
N ASN A 228 -38.14 -36.91 -10.88
CA ASN A 228 -36.69 -36.84 -10.97
C ASN A 228 -36.13 -37.55 -12.21
N GLY A 229 -34.85 -37.29 -12.51
CA GLY A 229 -34.19 -37.87 -13.66
C GLY A 229 -33.40 -39.13 -13.34
N PRO A 230 -32.85 -39.79 -14.36
CA PRO A 230 -32.08 -41.03 -14.20
C PRO A 230 -30.95 -40.94 -13.17
N TRP A 231 -30.42 -39.74 -12.96
CA TRP A 231 -29.32 -39.55 -12.01
C TRP A 231 -29.72 -39.83 -10.58
N ALA A 232 -31.00 -39.64 -10.27
CA ALA A 232 -31.52 -39.84 -8.92
C ALA A 232 -31.71 -41.31 -8.56
N TRP A 233 -31.84 -42.18 -9.55
CA TRP A 233 -32.11 -43.59 -9.29
C TRP A 233 -31.06 -44.25 -8.40
N SER A 234 -29.82 -43.79 -8.48
CA SER A 234 -28.71 -44.43 -7.77
C SER A 234 -28.93 -44.43 -6.25
N ASN A 235 -29.41 -43.32 -5.71
CA ASN A 235 -29.62 -43.20 -4.27
C ASN A 235 -30.87 -43.92 -3.78
N ILE A 236 -31.80 -44.20 -4.69
CA ILE A 236 -33.00 -44.97 -4.35
C ILE A 236 -32.67 -46.45 -4.32
N ASP A 237 -31.61 -46.84 -5.00
CA ASP A 237 -31.10 -48.20 -4.94
C ASP A 237 -30.50 -48.46 -3.57
N THR A 238 -29.78 -47.47 -3.05
CA THR A 238 -29.10 -47.59 -1.77
C THR A 238 -30.09 -47.54 -0.61
N SER A 239 -31.23 -46.88 -0.81
CA SER A 239 -32.25 -46.79 0.23
C SER A 239 -33.09 -48.06 0.29
N LYS A 240 -32.96 -48.91 -0.72
CA LYS A 240 -33.68 -50.18 -0.78
C LYS A 240 -35.20 -49.98 -0.80
N VAL A 241 -35.65 -48.80 -1.21
CA VAL A 241 -37.08 -48.54 -1.34
C VAL A 241 -37.60 -49.21 -2.62
N ASN A 242 -38.66 -50.01 -2.48
CA ASN A 242 -39.18 -50.77 -3.61
C ASN A 242 -39.93 -49.87 -4.59
N TYR A 243 -39.25 -49.38 -5.61
CA TYR A 243 -39.80 -48.33 -6.47
C TYR A 243 -39.89 -48.70 -7.94
N GLY A 244 -40.69 -47.94 -8.69
CA GLY A 244 -40.78 -48.08 -10.13
C GLY A 244 -40.74 -46.71 -10.81
N VAL A 245 -40.27 -46.68 -12.05
CA VAL A 245 -40.21 -45.45 -12.84
C VAL A 245 -41.19 -45.54 -14.01
N THR A 246 -42.05 -44.53 -14.13
CA THR A 246 -43.18 -44.61 -15.06
C THR A 246 -43.51 -43.25 -15.70
N VAL A 247 -44.55 -43.24 -16.52
CA VAL A 247 -45.01 -42.02 -17.18
C VAL A 247 -45.54 -41.01 -16.16
N LEU A 248 -45.29 -39.72 -16.41
CA LEU A 248 -45.78 -38.64 -15.56
C LEU A 248 -47.29 -38.53 -15.65
N PRO A 249 -47.93 -37.98 -14.60
CA PRO A 249 -49.40 -37.83 -14.60
C PRO A 249 -49.87 -36.85 -15.69
N THR A 250 -51.07 -37.05 -16.23
CA THR A 250 -51.62 -36.12 -17.23
C THR A 250 -52.31 -34.96 -16.52
N PHE A 251 -52.48 -33.84 -17.21
CA PHE A 251 -53.22 -32.71 -16.65
C PHE A 251 -54.31 -32.23 -17.63
N LYS A 252 -55.55 -32.29 -17.20
CA LYS A 252 -56.67 -31.93 -18.06
C LYS A 252 -56.65 -32.78 -19.34
N GLY A 253 -56.21 -34.03 -19.21
CA GLY A 253 -56.29 -34.98 -20.31
C GLY A 253 -55.10 -34.97 -21.24
N GLN A 254 -54.26 -33.95 -21.09
CA GLN A 254 -53.05 -33.84 -21.91
C GLN A 254 -51.86 -34.31 -21.09
N PRO A 255 -50.79 -34.76 -21.74
CA PRO A 255 -49.66 -35.30 -20.96
C PRO A 255 -48.72 -34.22 -20.42
N SER A 256 -48.06 -34.49 -19.29
CA SER A 256 -47.01 -33.61 -18.81
C SER A 256 -45.91 -33.59 -19.86
N LYS A 257 -45.45 -32.40 -20.24
CA LYS A 257 -44.41 -32.24 -21.26
C LYS A 257 -43.10 -31.77 -20.64
N PRO A 258 -42.30 -32.72 -20.14
CA PRO A 258 -40.99 -32.35 -19.58
C PRO A 258 -40.03 -31.87 -20.67
N PHE A 259 -39.28 -30.81 -20.41
CA PHE A 259 -38.21 -30.38 -21.31
C PHE A 259 -37.10 -31.42 -21.32
N VAL A 260 -36.90 -32.09 -22.46
CA VAL A 260 -35.85 -33.06 -22.61
C VAL A 260 -34.50 -32.34 -22.72
N GLY A 261 -33.50 -32.84 -22.02
CA GLY A 261 -32.19 -32.24 -22.07
C GLY A 261 -31.14 -33.27 -22.37
N VAL A 262 -30.22 -32.95 -23.27
CA VAL A 262 -29.11 -33.84 -23.57
C VAL A 262 -27.83 -33.43 -22.83
N LEU A 263 -27.41 -34.23 -21.84
CA LEU A 263 -26.16 -33.94 -21.14
C LEU A 263 -25.04 -33.89 -22.18
N SER A 264 -24.35 -32.76 -22.27
CA SER A 264 -23.31 -32.57 -23.29
C SER A 264 -22.01 -32.15 -22.66
N ALA A 265 -20.91 -32.39 -23.37
CA ALA A 265 -19.59 -31.99 -22.91
C ALA A 265 -18.95 -31.07 -23.96
N GLY A 266 -18.73 -29.82 -23.58
CA GLY A 266 -18.09 -28.85 -24.47
C GLY A 266 -16.63 -28.61 -24.11
N ILE A 267 -15.86 -28.11 -25.06
CA ILE A 267 -14.46 -27.81 -24.80
C ILE A 267 -14.26 -26.30 -24.74
N ASN A 268 -13.60 -25.84 -23.67
CA ASN A 268 -13.32 -24.42 -23.52
C ASN A 268 -12.47 -23.91 -24.68
N ALA A 269 -12.87 -22.77 -25.24
CA ALA A 269 -12.13 -22.19 -26.37
C ALA A 269 -10.78 -21.62 -25.92
N ALA A 270 -10.64 -21.42 -24.61
CA ALA A 270 -9.41 -20.89 -24.05
C ALA A 270 -8.53 -22.01 -23.48
N SER A 271 -8.95 -23.24 -23.73
CA SER A 271 -8.19 -24.40 -23.29
C SER A 271 -6.99 -24.60 -24.20
N PRO A 272 -5.78 -24.70 -23.61
CA PRO A 272 -4.60 -25.03 -24.41
C PRO A 272 -4.54 -26.52 -24.72
N ASN A 273 -5.53 -27.25 -24.22
CA ASN A 273 -5.53 -28.71 -24.27
C ASN A 273 -6.74 -29.25 -25.02
N LYS A 274 -7.11 -28.60 -26.12
CA LYS A 274 -8.27 -29.01 -26.90
C LYS A 274 -8.06 -30.37 -27.53
N GLU A 275 -6.80 -30.75 -27.76
CA GLU A 275 -6.47 -32.03 -28.37
C GLU A 275 -6.55 -33.16 -27.35
N LEU A 276 -6.07 -32.88 -26.14
CA LEU A 276 -6.15 -33.83 -25.04
C LEU A 276 -7.60 -34.02 -24.64
N ALA A 277 -8.39 -32.97 -24.79
CA ALA A 277 -9.80 -33.05 -24.44
C ALA A 277 -10.55 -33.89 -25.49
N LYS A 278 -10.17 -33.76 -26.75
CA LYS A 278 -10.80 -34.54 -27.81
C LYS A 278 -10.51 -36.03 -27.66
N GLU A 279 -9.30 -36.35 -27.20
CA GLU A 279 -8.90 -37.73 -26.96
C GLU A 279 -9.67 -38.33 -25.81
N PHE A 280 -9.78 -37.59 -24.72
CA PHE A 280 -10.44 -38.11 -23.52
C PHE A 280 -11.92 -38.35 -23.77
N LEU A 281 -12.55 -37.48 -24.56
CA LEU A 281 -13.99 -37.55 -24.78
C LEU A 281 -14.34 -38.59 -25.83
N GLU A 282 -13.54 -38.66 -26.90
CA GLU A 282 -13.86 -39.52 -28.04
C GLU A 282 -13.44 -40.97 -27.82
N ASN A 283 -12.38 -41.17 -27.06
CA ASN A 283 -11.76 -42.49 -26.99
C ASN A 283 -11.66 -43.04 -25.58
N TYR A 284 -12.32 -42.38 -24.64
CA TYR A 284 -12.38 -42.89 -23.27
C TYR A 284 -13.80 -42.83 -22.74
N LEU A 285 -14.33 -41.62 -22.60
CA LEU A 285 -15.67 -41.40 -22.06
C LEU A 285 -16.76 -41.93 -22.98
N LEU A 286 -16.60 -41.71 -24.28
CA LEU A 286 -17.59 -42.18 -25.25
C LEU A 286 -17.28 -43.56 -25.83
N THR A 287 -17.23 -44.57 -24.96
CA THR A 287 -17.15 -45.95 -25.37
C THR A 287 -18.00 -46.77 -24.41
N ASP A 288 -18.09 -48.08 -24.65
CA ASP A 288 -18.86 -48.94 -23.78
C ASP A 288 -18.29 -48.94 -22.36
N GLU A 289 -16.97 -48.88 -22.25
CA GLU A 289 -16.30 -48.96 -20.95
C GLU A 289 -16.38 -47.65 -20.18
N GLY A 290 -16.20 -46.54 -20.89
CA GLY A 290 -16.21 -45.22 -20.28
C GLY A 290 -17.59 -44.82 -19.81
N LEU A 291 -18.57 -44.93 -20.71
CA LEU A 291 -19.94 -44.60 -20.36
C LEU A 291 -20.45 -45.49 -19.24
N GLU A 292 -20.01 -46.75 -19.23
CA GLU A 292 -20.42 -47.67 -18.18
C GLU A 292 -19.97 -47.19 -16.80
N ALA A 293 -18.75 -46.68 -16.73
CA ALA A 293 -18.16 -46.24 -15.48
C ALA A 293 -18.94 -45.06 -14.89
N VAL A 294 -19.53 -44.25 -15.77
CA VAL A 294 -20.29 -43.11 -15.30
C VAL A 294 -21.71 -43.52 -15.00
N ASN A 295 -22.24 -44.49 -15.75
CA ASN A 295 -23.61 -44.96 -15.55
C ASN A 295 -23.75 -45.66 -14.20
N LYS A 296 -22.74 -46.42 -13.82
CA LYS A 296 -22.77 -47.17 -12.57
C LYS A 296 -22.81 -46.24 -11.37
N ASP A 297 -22.10 -45.12 -11.47
CA ASP A 297 -22.02 -44.17 -10.37
C ASP A 297 -23.36 -43.45 -10.17
N LYS A 298 -23.90 -42.92 -11.27
CA LYS A 298 -25.22 -42.30 -11.31
C LYS A 298 -25.77 -42.44 -12.71
N PRO A 299 -26.87 -43.19 -12.88
CA PRO A 299 -27.38 -43.48 -14.24
C PRO A 299 -27.49 -42.25 -15.13
N LEU A 300 -27.15 -42.39 -16.42
CA LEU A 300 -27.09 -41.26 -17.35
C LEU A 300 -28.40 -41.04 -18.08
N GLY A 301 -29.30 -42.03 -18.01
CA GLY A 301 -30.51 -42.03 -18.82
C GLY A 301 -30.32 -42.94 -20.02
N ALA A 302 -30.75 -42.48 -21.19
CA ALA A 302 -30.59 -43.26 -22.42
C ALA A 302 -29.42 -42.71 -23.24
N VAL A 303 -28.26 -43.34 -23.12
CA VAL A 303 -27.02 -42.78 -23.69
C VAL A 303 -27.10 -42.54 -25.20
N ALA A 304 -26.26 -41.64 -25.68
CA ALA A 304 -26.23 -41.28 -27.09
C ALA A 304 -25.35 -42.22 -27.90
N LEU A 305 -24.55 -43.04 -27.23
CA LEU A 305 -23.69 -44.00 -27.90
C LEU A 305 -24.46 -45.25 -28.30
N LYS A 306 -24.73 -45.38 -29.59
CA LYS A 306 -25.61 -46.42 -30.11
C LYS A 306 -25.38 -47.79 -29.47
N SER A 307 -24.11 -48.16 -29.30
CA SER A 307 -23.79 -49.49 -28.80
C SER A 307 -24.23 -49.66 -27.35
N TYR A 308 -23.79 -48.78 -26.47
CA TYR A 308 -24.11 -48.95 -25.06
C TYR A 308 -25.58 -48.64 -24.79
N GLU A 309 -26.26 -48.07 -25.78
CA GLU A 309 -27.68 -47.77 -25.66
C GLU A 309 -28.49 -49.05 -25.79
N GLU A 310 -28.18 -49.81 -26.83
CA GLU A 310 -28.86 -51.07 -27.11
C GLU A 310 -28.65 -52.07 -25.98
N GLU A 311 -27.60 -51.86 -25.20
CA GLU A 311 -27.28 -52.78 -24.11
C GLU A 311 -28.12 -52.51 -22.87
N LEU A 312 -28.49 -51.25 -22.66
CA LEU A 312 -29.27 -50.88 -21.49
C LEU A 312 -30.76 -50.75 -21.80
N ALA A 313 -31.10 -50.74 -23.09
CA ALA A 313 -32.46 -50.46 -23.54
C ALA A 313 -33.51 -51.31 -22.82
N LYS A 314 -33.12 -52.52 -22.41
CA LYS A 314 -34.04 -53.44 -21.76
C LYS A 314 -34.56 -52.85 -20.45
N ASP A 315 -33.67 -52.16 -19.73
CA ASP A 315 -34.00 -51.53 -18.45
C ASP A 315 -35.29 -50.71 -18.53
N PRO A 316 -36.35 -51.16 -17.86
CA PRO A 316 -37.65 -50.48 -17.99
C PRO A 316 -37.60 -49.04 -17.52
N ARG A 317 -36.68 -48.75 -16.59
CA ARG A 317 -36.50 -47.39 -16.10
C ARG A 317 -36.11 -46.45 -17.24
N ILE A 318 -35.27 -46.93 -18.15
CA ILE A 318 -34.87 -46.16 -19.34
C ILE A 318 -36.07 -46.02 -20.27
N ALA A 319 -36.86 -47.09 -20.38
CA ALA A 319 -38.02 -47.08 -21.27
C ALA A 319 -39.02 -46.00 -20.85
N ALA A 320 -39.21 -45.84 -19.55
CA ALA A 320 -40.15 -44.85 -19.02
C ALA A 320 -39.58 -43.44 -19.19
N THR A 321 -38.26 -43.33 -19.18
CA THR A 321 -37.61 -42.04 -19.40
C THR A 321 -37.93 -41.54 -20.81
N MET A 322 -37.74 -42.40 -21.80
CA MET A 322 -37.94 -42.02 -23.20
C MET A 322 -39.41 -41.86 -23.55
N GLU A 323 -40.30 -42.53 -22.82
CA GLU A 323 -41.72 -42.35 -23.04
C GLU A 323 -42.10 -40.92 -22.67
N ASN A 324 -41.57 -40.44 -21.56
CA ASN A 324 -41.81 -39.08 -21.14
C ASN A 324 -41.07 -38.07 -22.01
N ALA A 325 -39.93 -38.49 -22.55
CA ALA A 325 -39.15 -37.64 -23.43
C ALA A 325 -39.90 -37.43 -24.74
N GLN A 326 -40.66 -38.43 -25.17
CA GLN A 326 -41.39 -38.35 -26.42
C GLN A 326 -42.56 -37.38 -26.27
N LYS A 327 -43.16 -37.38 -25.09
CA LYS A 327 -44.33 -36.54 -24.83
C LYS A 327 -43.92 -35.12 -24.51
N GLY A 328 -42.68 -34.95 -24.08
CA GLY A 328 -42.14 -33.64 -23.79
C GLY A 328 -41.61 -32.97 -25.05
N GLU A 329 -40.78 -31.96 -24.86
CA GLU A 329 -40.21 -31.22 -25.97
C GLU A 329 -38.71 -31.07 -25.73
N ILE A 330 -37.89 -31.23 -26.75
CA ILE A 330 -36.46 -31.01 -26.58
C ILE A 330 -36.16 -29.52 -26.37
N MET A 331 -35.37 -29.20 -25.35
CA MET A 331 -35.04 -27.83 -25.02
C MET A 331 -34.36 -27.15 -26.19
N PRO A 332 -34.71 -25.88 -26.46
CA PRO A 332 -33.93 -25.15 -27.45
C PRO A 332 -32.54 -24.86 -26.86
N ASN A 333 -31.57 -24.47 -27.68
CA ASN A 333 -30.25 -24.11 -27.16
C ASN A 333 -29.92 -22.65 -27.40
N ILE A 334 -30.85 -21.91 -28.01
CA ILE A 334 -30.65 -20.49 -28.25
C ILE A 334 -30.18 -19.77 -26.97
N PRO A 335 -29.36 -18.72 -27.11
CA PRO A 335 -28.87 -17.97 -25.95
C PRO A 335 -29.97 -17.47 -25.00
N GLN A 336 -31.18 -17.25 -25.51
CA GLN A 336 -32.25 -16.67 -24.70
C GLN A 336 -32.86 -17.68 -23.71
N MET A 337 -32.33 -18.91 -23.69
CA MET A 337 -32.89 -19.93 -22.81
C MET A 337 -32.63 -19.59 -21.36
N SER A 338 -31.40 -19.19 -21.03
CA SER A 338 -31.08 -18.90 -19.63
C SER A 338 -32.03 -17.82 -19.13
N ALA A 339 -32.30 -16.82 -19.97
CA ALA A 339 -33.24 -15.75 -19.61
C ALA A 339 -34.58 -16.36 -19.24
N PHE A 340 -35.15 -17.15 -20.15
CA PHE A 340 -36.43 -17.82 -19.92
C PHE A 340 -36.43 -18.57 -18.60
N TRP A 341 -35.38 -19.34 -18.33
CA TRP A 341 -35.34 -20.18 -17.14
C TRP A 341 -35.39 -19.31 -15.90
N TYR A 342 -34.70 -18.18 -15.92
CA TYR A 342 -34.68 -17.31 -14.77
C TYR A 342 -36.06 -16.68 -14.57
N ALA A 343 -36.67 -16.21 -15.67
CA ALA A 343 -37.97 -15.57 -15.60
C ALA A 343 -38.98 -16.46 -14.89
N VAL A 344 -38.90 -17.77 -15.15
CA VAL A 344 -39.84 -18.75 -14.61
C VAL A 344 -39.39 -19.24 -13.23
N ARG A 345 -38.09 -19.40 -13.01
CA ARG A 345 -37.57 -19.73 -11.70
C ARG A 345 -38.24 -18.81 -10.68
N THR A 346 -38.41 -17.55 -11.05
CA THR A 346 -39.02 -16.56 -10.16
C THR A 346 -40.54 -16.74 -10.13
N ALA A 347 -41.15 -16.67 -11.30
CA ALA A 347 -42.59 -16.80 -11.41
C ALA A 347 -43.13 -17.93 -10.52
N VAL A 348 -42.56 -19.12 -10.62
CA VAL A 348 -43.02 -20.27 -9.85
C VAL A 348 -42.84 -20.04 -8.35
N ILE A 349 -41.69 -19.54 -7.94
CA ILE A 349 -41.43 -19.30 -6.53
C ILE A 349 -42.38 -18.24 -5.96
N ASN A 350 -42.45 -17.07 -6.60
CA ASN A 350 -43.33 -16.02 -6.13
C ASN A 350 -44.78 -16.47 -6.08
N ALA A 351 -45.21 -17.21 -7.10
CA ALA A 351 -46.60 -17.65 -7.20
C ALA A 351 -46.93 -18.72 -6.14
N ALA A 352 -45.93 -19.49 -5.76
CA ALA A 352 -46.15 -20.59 -4.81
C ALA A 352 -46.04 -20.12 -3.35
N SER A 353 -45.08 -19.25 -3.08
CA SER A 353 -44.81 -18.80 -1.73
C SER A 353 -45.83 -17.78 -1.24
N GLY A 354 -46.63 -17.26 -2.18
CA GLY A 354 -47.68 -16.33 -1.85
C GLY A 354 -47.30 -14.89 -2.11
N ARG A 355 -46.02 -14.64 -2.45
CA ARG A 355 -45.57 -13.29 -2.72
C ARG A 355 -46.35 -12.62 -3.83
N GLN A 356 -47.10 -13.39 -4.61
CA GLN A 356 -47.66 -12.88 -5.85
C GLN A 356 -48.74 -13.80 -6.43
N THR A 357 -49.67 -13.23 -7.18
CA THR A 357 -50.73 -14.01 -7.80
C THR A 357 -50.20 -14.71 -9.03
N VAL A 358 -50.75 -15.87 -9.36
CA VAL A 358 -50.31 -16.64 -10.52
C VAL A 358 -50.44 -15.81 -11.80
N ASP A 359 -51.52 -15.03 -11.89
CA ASP A 359 -51.82 -14.29 -13.12
C ASP A 359 -50.78 -13.18 -13.40
N ALA A 360 -50.17 -12.64 -12.36
CA ALA A 360 -49.23 -11.54 -12.52
C ALA A 360 -47.78 -12.00 -12.40
N ALA A 361 -47.58 -13.18 -11.80
CA ALA A 361 -46.25 -13.77 -11.71
C ALA A 361 -45.84 -14.25 -13.09
N LEU A 362 -46.80 -14.76 -13.85
CA LEU A 362 -46.53 -15.24 -15.20
C LEU A 362 -46.54 -14.09 -16.21
N ALA A 363 -47.36 -13.08 -15.96
CA ALA A 363 -47.35 -11.90 -16.82
C ALA A 363 -46.00 -11.20 -16.66
N ALA A 364 -45.36 -11.40 -15.52
CA ALA A 364 -44.07 -10.79 -15.24
C ALA A 364 -42.98 -11.53 -16.00
N ALA A 365 -43.01 -12.86 -15.92
CA ALA A 365 -42.02 -13.68 -16.60
C ALA A 365 -42.11 -13.50 -18.11
N GLN A 366 -43.27 -13.07 -18.60
CA GLN A 366 -43.48 -12.85 -20.03
C GLN A 366 -42.62 -11.68 -20.54
N THR A 367 -42.64 -10.55 -19.82
CA THR A 367 -41.89 -9.37 -20.22
C THR A 367 -40.41 -9.53 -19.92
N ASN A 368 -40.09 -10.27 -18.87
CA ASN A 368 -38.71 -10.40 -18.40
C ASN A 368 -37.91 -11.43 -19.19
N ALA A 369 -38.60 -12.42 -19.74
CA ALA A 369 -37.95 -13.42 -20.60
C ALA A 369 -37.53 -12.75 -21.90
N ALA A 370 -38.40 -11.89 -22.43
CA ALA A 370 -38.18 -11.24 -23.71
C ALA A 370 -37.06 -10.19 -23.60
N ALA A 371 -36.99 -9.55 -22.41
CA ALA A 371 -36.16 -8.36 -22.03
C ALA A 371 -34.65 -8.52 -21.73
N PRO A 372 -33.77 -8.20 -22.69
CA PRO A 372 -32.32 -8.40 -22.57
C PRO A 372 -31.61 -7.51 -21.52
N GLY A 373 -31.96 -6.24 -21.46
CA GLY A 373 -31.32 -5.32 -20.55
C GLY A 373 -31.50 -5.69 -19.08
N LEU A 374 -32.62 -6.22 -18.73
CA LEU A 374 -32.83 -6.68 -17.38
C LEU A 374 -31.97 -7.88 -17.03
N HIS A 375 -31.82 -8.75 -17.98
CA HIS A 375 -31.15 -9.98 -17.78
C HIS A 375 -29.74 -9.80 -17.41
N ALA A 376 -29.08 -8.85 -18.03
CA ALA A 376 -27.67 -8.62 -17.79
C ALA A 376 -27.33 -8.16 -16.40
N ILE A 377 -28.15 -7.28 -15.90
CA ILE A 377 -28.03 -6.83 -14.56
C ILE A 377 -28.30 -7.93 -13.60
N TYR A 378 -29.30 -8.75 -13.85
CA TYR A 378 -29.50 -9.80 -12.90
C TYR A 378 -28.28 -10.64 -12.94
N GLY A 379 -27.66 -10.75 -14.07
CA GLY A 379 -26.51 -11.61 -14.15
C GLY A 379 -25.41 -11.13 -13.27
N GLU A 380 -25.18 -9.84 -13.22
CA GLU A 380 -24.19 -9.40 -12.24
C GLU A 380 -24.60 -9.65 -10.84
N CYS A 381 -25.85 -9.44 -10.55
CA CYS A 381 -26.29 -9.62 -9.19
C CYS A 381 -26.08 -11.02 -8.76
N ARG A 382 -26.36 -11.94 -9.65
CA ARG A 382 -26.19 -13.35 -9.34
C ARG A 382 -24.73 -13.72 -9.27
N ARG A 383 -23.87 -12.86 -9.81
CA ARG A 383 -22.43 -13.08 -9.68
C ARG A 383 -21.97 -12.70 -8.28
N LEU A 384 -22.70 -11.80 -7.60
CA LEU A 384 -22.34 -11.38 -6.27
C LEU A 384 -23.07 -12.19 -5.21
N TYR A 385 -24.29 -12.63 -5.51
CA TYR A 385 -25.11 -13.33 -4.53
C TYR A 385 -25.62 -14.65 -5.07
N PRO A 386 -24.69 -15.59 -5.31
CA PRO A 386 -25.02 -16.92 -5.84
C PRO A 386 -26.04 -17.64 -5.00
N ASP A 387 -26.02 -17.42 -3.68
CA ASP A 387 -26.91 -18.18 -2.79
C ASP A 387 -28.20 -17.47 -2.41
N GLN A 388 -28.56 -16.44 -3.17
CA GLN A 388 -29.85 -15.77 -2.99
C GLN A 388 -30.56 -15.66 -4.33
N PRO A 389 -31.15 -16.77 -4.81
CA PRO A 389 -31.78 -16.72 -6.12
C PRO A 389 -33.11 -15.95 -6.08
N ASN A 390 -33.71 -15.81 -4.91
CA ASN A 390 -34.98 -15.09 -4.78
C ASN A 390 -35.00 -14.05 -3.67
N PRO A 391 -34.46 -12.86 -3.96
CA PRO A 391 -34.28 -11.78 -2.98
C PRO A 391 -35.58 -11.02 -2.74
N LEU A 392 -35.80 -10.50 -1.53
CA LEU A 392 -36.94 -9.64 -1.33
C LEU A 392 -36.82 -8.54 -2.36
N GLN A 393 -37.94 -8.11 -2.95
CA GLN A 393 -37.90 -7.21 -4.10
C GLN A 393 -39.15 -6.34 -4.24
N VAL A 394 -38.94 -5.04 -4.42
CA VAL A 394 -40.06 -4.11 -4.63
C VAL A 394 -40.33 -3.92 -6.11
N THR A 395 -41.60 -4.03 -6.51
CA THR A 395 -41.97 -3.88 -7.92
C THR A 395 -42.99 -2.78 -8.09
N ALA A 396 -42.77 -1.92 -9.08
CA ALA A 396 -43.76 -0.91 -9.45
C ALA A 396 -44.95 -1.62 -10.11
N ILE A 397 -46.12 -1.53 -9.50
CA ILE A 397 -47.29 -2.25 -10.00
C ILE A 397 -48.00 -1.50 -11.15
N VAL A 398 -47.90 -0.18 -11.14
CA VAL A 398 -48.33 0.62 -12.28
C VAL A 398 -47.07 1.04 -13.03
N LYS A 399 -46.77 0.34 -14.12
CA LYS A 399 -45.52 0.55 -14.83
C LYS A 399 -45.37 2.01 -15.27
N TYR A 400 -44.12 2.50 -15.20
CA TYR A 400 -43.82 3.90 -15.49
C TYR A 400 -44.17 4.31 -16.91
N TRP A 401 -44.28 3.35 -17.82
CA TRP A 401 -44.56 3.68 -19.22
C TRP A 401 -46.04 3.56 -19.60
N LEU A 402 -46.90 3.37 -18.60
CA LEU A 402 -48.34 3.44 -18.81
C LEU A 402 -48.89 4.64 -18.06
N GLY A 403 -48.01 5.59 -17.75
CA GLY A 403 -48.39 6.81 -17.04
C GLY A 403 -48.08 6.73 -15.56
N GLY A 404 -47.40 5.67 -15.15
CA GLY A 404 -47.10 5.46 -13.76
C GLY A 404 -46.13 6.50 -13.21
N PRO A 405 -46.14 6.73 -11.88
CA PRO A 405 -45.25 7.70 -11.24
C PRO A 405 -43.83 7.21 -11.06
N ASP A 406 -43.68 5.95 -10.69
CA ASP A 406 -42.38 5.40 -10.29
C ASP A 406 -41.63 4.76 -11.46
N PRO A 407 -40.48 5.37 -11.84
CA PRO A 407 -39.73 4.97 -13.04
C PRO A 407 -38.91 3.70 -12.90
N LEU A 408 -38.64 3.25 -11.67
CA LEU A 408 -37.90 2.01 -11.44
C LEU A 408 -38.87 0.83 -11.39
N ASP A 409 -38.78 -0.03 -12.40
CA ASP A 409 -39.66 -1.19 -12.51
C ASP A 409 -39.43 -2.18 -11.38
N TYR A 410 -38.17 -2.33 -10.96
CA TYR A 410 -37.83 -3.20 -9.83
C TYR A 410 -36.75 -2.56 -8.97
N VAL A 411 -36.69 -2.99 -7.72
CA VAL A 411 -35.52 -2.73 -6.89
C VAL A 411 -35.27 -3.99 -6.10
N SER A 412 -34.14 -4.66 -6.36
CA SER A 412 -33.81 -5.90 -5.68
C SER A 412 -33.04 -5.63 -4.39
N MET A 413 -33.29 -6.44 -3.37
CA MET A 413 -32.68 -6.23 -2.05
C MET A 413 -31.92 -7.47 -1.58
N TYR A 414 -30.61 -7.43 -1.70
CA TYR A 414 -29.77 -8.55 -1.29
C TYR A 414 -29.23 -8.37 0.13
N ARG A 415 -28.79 -9.47 0.74
CA ARG A 415 -28.11 -9.42 2.03
C ARG A 415 -26.62 -9.59 1.81
N ASN A 416 -25.85 -8.56 2.08
CA ASN A 416 -24.40 -8.63 1.95
C ASN A 416 -23.74 -8.84 3.30
N VAL A 417 -23.18 -10.03 3.52
CA VAL A 417 -22.62 -10.40 4.83
C VAL A 417 -21.40 -9.55 5.23
N GLY A 418 -20.88 -8.77 4.29
CA GLY A 418 -19.76 -7.89 4.56
C GLY A 418 -18.47 -8.67 4.68
N SER A 419 -17.46 -8.08 5.30
CA SER A 419 -16.19 -8.75 5.51
C SER A 419 -15.76 -8.51 6.95
N PRO A 420 -15.67 -9.60 7.74
CA PRO A 420 -15.25 -9.42 9.14
C PRO A 420 -13.75 -9.11 9.28
N SER A 421 -12.94 -9.53 8.31
CA SER A 421 -11.50 -9.30 8.36
C SER A 421 -11.13 -7.86 8.00
N ALA A 422 -11.93 -7.23 7.14
CA ALA A 422 -11.64 -5.89 6.66
C ALA A 422 -12.53 -4.81 7.29
N ASN A 423 -13.25 -5.16 8.34
CA ASN A 423 -14.05 -4.17 9.07
C ASN A 423 -15.23 -3.61 8.26
N ILE A 424 -15.77 -4.41 7.35
CA ILE A 424 -16.94 -4.02 6.57
C ILE A 424 -18.18 -4.72 7.14
N PRO A 425 -19.12 -3.93 7.70
CA PRO A 425 -20.26 -4.52 8.41
C PRO A 425 -21.27 -5.23 7.50
N GLU A 426 -22.09 -6.09 8.08
CA GLU A 426 -23.19 -6.71 7.36
C GLU A 426 -24.18 -5.61 7.02
N HIS A 427 -24.66 -5.61 5.79
CA HIS A 427 -25.55 -4.56 5.30
C HIS A 427 -26.49 -5.07 4.23
N TRP A 428 -27.43 -4.23 3.81
CA TRP A 428 -28.36 -4.55 2.73
C TRP A 428 -27.93 -3.83 1.47
N HIS A 429 -28.01 -4.51 0.33
CA HIS A 429 -27.56 -3.92 -0.93
C HIS A 429 -28.74 -3.83 -1.86
N TYR A 430 -29.14 -2.61 -2.21
CA TYR A 430 -30.23 -2.39 -3.17
C TYR A 430 -29.71 -2.10 -4.58
N ILE A 431 -30.27 -2.78 -5.59
CA ILE A 431 -29.95 -2.48 -6.98
C ILE A 431 -31.25 -2.12 -7.70
N SER A 432 -31.23 -1.08 -8.53
CA SER A 432 -32.44 -0.60 -9.21
C SER A 432 -32.52 -1.12 -10.65
N PHE A 433 -33.71 -1.02 -11.24
CA PHE A 433 -33.92 -1.49 -12.63
C PHE A 433 -34.82 -0.55 -13.39
N GLY A 434 -34.26 0.18 -14.35
CA GLY A 434 -35.09 1.02 -15.20
C GLY A 434 -34.45 2.35 -15.56
N LEU A 435 -33.35 2.69 -14.91
CA LEU A 435 -32.64 3.89 -15.29
C LEU A 435 -31.89 3.59 -16.57
N SER A 436 -31.45 2.33 -16.73
CA SER A 436 -30.90 1.87 -17.99
C SER A 436 -32.03 1.28 -18.85
N ASP A 437 -31.69 0.83 -20.06
CA ASP A 437 -32.71 0.31 -20.97
C ASP A 437 -32.91 -1.18 -20.78
N LEU A 438 -34.03 -1.55 -20.18
CA LEU A 438 -34.29 -2.95 -19.87
C LEU A 438 -34.84 -3.69 -21.07
N TYR A 439 -35.66 -3.03 -21.88
CA TYR A 439 -36.42 -3.73 -22.91
C TYR A 439 -35.97 -3.43 -24.33
N GLY A 440 -35.41 -2.24 -24.54
CA GLY A 440 -34.87 -1.85 -25.83
C GLY A 440 -35.88 -1.85 -26.95
N ASP A 441 -37.09 -1.43 -26.65
CA ASP A 441 -38.14 -1.32 -27.65
C ASP A 441 -38.85 0.02 -27.57
N ASN A 442 -38.08 1.07 -27.25
CA ASN A 442 -38.60 2.42 -27.29
C ASN A 442 -39.84 2.62 -26.43
N ARG A 443 -39.99 1.85 -25.36
CA ARG A 443 -41.13 2.01 -24.46
C ARG A 443 -40.86 3.04 -23.38
N VAL A 444 -39.62 3.10 -22.90
CA VAL A 444 -39.23 4.08 -21.89
C VAL A 444 -38.03 4.90 -22.34
N HIS A 445 -37.10 4.24 -23.04
CA HIS A 445 -35.82 4.86 -23.41
C HIS A 445 -35.53 4.65 -24.89
N GLU A 446 -34.93 5.65 -25.52
CA GLU A 446 -34.57 5.57 -26.94
C GLU A 446 -33.49 4.53 -27.17
N PHE A 447 -33.75 3.61 -28.09
CA PHE A 447 -32.80 2.56 -28.44
C PHE A 447 -31.61 3.16 -29.19
N THR A 448 -30.44 3.11 -28.59
CA THR A 448 -29.24 3.70 -29.21
C THR A 448 -28.14 2.67 -29.45
N GLY A 449 -28.51 1.48 -29.91
CA GLY A 449 -27.54 0.46 -30.28
C GLY A 449 -26.63 0.01 -29.16
N THR A 450 -25.75 -0.95 -29.47
CA THR A 450 -24.85 -1.51 -28.47
C THR A 450 -23.73 -0.55 -28.09
N ASP A 451 -23.51 0.46 -28.92
CA ASP A 451 -22.49 1.47 -28.64
C ASP A 451 -23.10 2.68 -27.96
N GLY A 452 -22.54 3.04 -26.81
CA GLY A 452 -23.05 4.17 -26.04
C GLY A 452 -23.76 3.72 -24.79
N PRO A 453 -24.35 4.66 -24.05
CA PRO A 453 -25.07 4.32 -22.81
C PRO A 453 -26.42 3.64 -23.04
N SER A 454 -26.74 2.68 -22.16
CA SER A 454 -28.04 2.02 -22.14
C SER A 454 -29.01 2.88 -21.35
N GLY A 455 -29.89 3.59 -22.03
CA GLY A 455 -30.74 4.53 -21.32
C GLY A 455 -29.84 5.58 -20.69
N PHE A 456 -30.09 5.91 -19.43
CA PHE A 456 -29.27 6.92 -18.75
C PHE A 456 -27.84 6.41 -18.52
N GLY A 457 -27.63 5.11 -18.69
CA GLY A 457 -26.30 4.55 -18.67
C GLY A 457 -25.90 3.97 -17.32
N PHE A 458 -26.77 4.05 -16.32
CA PHE A 458 -26.45 3.52 -15.01
C PHE A 458 -27.70 3.06 -14.24
N GLU A 459 -27.48 2.31 -13.17
CA GLU A 459 -28.54 1.95 -12.22
C GLU A 459 -28.08 2.35 -10.83
N LEU A 460 -29.02 2.74 -9.97
CA LEU A 460 -28.65 3.12 -8.62
C LEU A 460 -28.41 1.88 -7.75
N THR A 461 -27.56 2.02 -6.75
CA THR A 461 -27.40 1.01 -5.72
C THR A 461 -27.26 1.74 -4.38
N PHE A 462 -27.50 1.02 -3.28
CA PHE A 462 -27.44 1.61 -1.94
C PHE A 462 -27.00 0.53 -0.95
N ARG A 463 -26.20 0.90 0.04
CA ARG A 463 -25.78 -0.06 1.04
C ARG A 463 -26.17 0.48 2.42
N LEU A 464 -27.12 -0.17 3.06
CA LEU A 464 -27.65 0.27 4.34
C LEU A 464 -27.16 -0.63 5.46
N LYS A 465 -26.52 -0.07 6.49
CA LYS A 465 -26.05 -0.85 7.61
C LYS A 465 -27.19 -1.64 8.23
N ARG A 466 -26.98 -2.94 8.42
CA ARG A 466 -28.01 -3.81 9.01
C ARG A 466 -28.17 -3.47 10.48
N GLU A 467 -29.39 -3.10 10.88
CA GLU A 467 -29.68 -2.88 12.29
C GLU A 467 -29.90 -4.22 13.01
N THR A 468 -29.85 -4.19 14.33
CA THR A 468 -29.86 -5.44 15.08
C THR A 468 -31.28 -5.99 15.17
N GLY A 469 -31.41 -7.31 15.00
CA GLY A 469 -32.70 -7.96 15.04
C GLY A 469 -33.50 -7.74 13.78
N GLU A 470 -32.83 -7.42 12.67
CA GLU A 470 -33.49 -7.21 11.39
C GLU A 470 -33.40 -8.46 10.51
N SER A 471 -34.50 -9.19 10.41
CA SER A 471 -34.52 -10.43 9.65
C SER A 471 -34.42 -10.17 8.15
N ALA A 472 -34.96 -9.04 7.71
CA ALA A 472 -35.04 -8.74 6.29
C ALA A 472 -34.73 -7.27 6.05
N PRO A 473 -34.37 -6.92 4.81
CA PRO A 473 -34.06 -5.51 4.50
C PRO A 473 -35.30 -4.64 4.56
N PRO A 474 -35.18 -3.40 5.07
CA PRO A 474 -36.30 -2.47 5.06
C PRO A 474 -36.60 -2.05 3.64
N THR A 475 -37.79 -1.49 3.38
CA THR A 475 -38.17 -1.15 2.01
C THR A 475 -38.14 0.35 1.76
N TRP A 476 -37.87 1.15 2.79
CA TRP A 476 -37.88 2.60 2.63
C TRP A 476 -36.84 3.09 1.60
N PRO A 477 -35.71 2.36 1.44
CA PRO A 477 -34.75 2.89 0.48
C PRO A 477 -35.22 2.71 -0.96
N ALA A 478 -36.08 1.74 -1.24
CA ALA A 478 -36.63 1.57 -2.58
C ALA A 478 -37.42 2.84 -2.91
N GLU A 479 -38.15 3.36 -1.93
CA GLU A 479 -38.88 4.62 -2.09
C GLU A 479 -37.92 5.74 -2.46
N LEU A 480 -36.81 5.82 -1.73
CA LEU A 480 -35.79 6.85 -1.94
C LEU A 480 -35.26 6.82 -3.37
N MET A 481 -34.95 5.63 -3.85
CA MET A 481 -34.43 5.46 -5.20
C MET A 481 -35.46 5.85 -6.24
N GLN A 482 -36.75 5.67 -5.94
CA GLN A 482 -37.79 6.14 -6.85
C GLN A 482 -37.71 7.65 -6.91
N GLY A 483 -37.42 8.28 -5.77
CA GLY A 483 -37.31 9.72 -5.69
C GLY A 483 -36.15 10.26 -6.50
N LEU A 484 -34.99 9.62 -6.38
CA LEU A 484 -33.82 10.03 -7.15
C LEU A 484 -34.03 9.78 -8.63
N ALA A 485 -34.68 8.67 -8.96
CA ALA A 485 -34.88 8.28 -10.35
C ALA A 485 -35.78 9.30 -11.03
N ARG A 486 -36.83 9.71 -10.32
CA ARG A 486 -37.72 10.75 -10.82
C ARG A 486 -36.92 12.03 -11.08
N TYR A 487 -36.02 12.36 -10.15
CA TYR A 487 -35.20 13.56 -10.28
C TYR A 487 -34.39 13.55 -11.57
N VAL A 488 -33.83 12.40 -11.92
CA VAL A 488 -33.05 12.26 -13.14
C VAL A 488 -33.92 12.32 -14.39
N PHE A 489 -34.97 11.51 -14.40
CA PHE A 489 -35.83 11.43 -15.58
C PHE A 489 -36.37 12.78 -16.00
N GLN A 490 -37.07 13.46 -15.11
CA GLN A 490 -37.80 14.67 -15.44
C GLN A 490 -36.88 15.78 -15.95
N SER A 491 -35.66 15.80 -15.43
CA SER A 491 -34.69 16.83 -15.81
C SER A 491 -33.81 16.41 -16.99
N GLU A 492 -33.68 15.10 -17.20
CA GLU A 492 -32.81 14.57 -18.24
C GLU A 492 -31.34 14.96 -18.02
N ASN A 493 -30.98 15.24 -16.77
CA ASN A 493 -29.57 15.48 -16.41
C ASN A 493 -29.00 14.28 -15.66
N THR A 494 -28.07 13.56 -16.30
CA THR A 494 -27.51 12.35 -15.71
C THR A 494 -26.50 12.67 -14.63
N PHE A 495 -26.17 11.66 -13.84
CA PHE A 495 -25.23 11.81 -12.75
C PHE A 495 -23.93 11.06 -13.02
N CYS A 496 -22.85 11.55 -12.43
CA CYS A 496 -21.55 10.90 -12.56
C CYS A 496 -21.04 10.57 -11.16
N SER A 497 -20.01 9.75 -11.08
CA SER A 497 -19.39 9.46 -9.81
C SER A 497 -18.77 10.73 -9.30
N GLY A 498 -19.20 11.14 -8.10
CA GLY A 498 -18.71 12.33 -7.44
C GLY A 498 -19.79 13.39 -7.26
N ASP A 499 -20.87 13.27 -8.00
CA ASP A 499 -21.96 14.24 -7.91
C ASP A 499 -22.61 14.23 -6.53
N HIS A 500 -23.20 15.35 -6.14
CA HIS A 500 -23.91 15.41 -4.87
C HIS A 500 -25.37 15.72 -5.12
N VAL A 501 -26.22 15.39 -4.16
CA VAL A 501 -27.64 15.65 -4.26
C VAL A 501 -28.18 16.18 -2.92
N SER A 502 -28.66 17.43 -2.92
CA SER A 502 -29.31 18.01 -1.75
C SER A 502 -30.71 17.42 -1.61
N TRP A 503 -30.95 16.74 -0.50
CA TRP A 503 -32.23 16.10 -0.25
C TRP A 503 -32.99 16.86 0.85
N HIS A 504 -32.24 17.41 1.79
CA HIS A 504 -32.80 18.27 2.83
C HIS A 504 -33.87 17.56 3.66
N SER A 505 -33.72 16.25 3.79
CA SER A 505 -34.64 15.46 4.59
C SER A 505 -33.89 14.20 5.03
N PRO A 506 -34.00 13.85 6.32
CA PRO A 506 -33.39 12.57 6.71
C PRO A 506 -33.89 11.48 5.76
N LEU A 507 -32.97 10.78 5.10
CA LEU A 507 -33.33 9.86 4.00
C LEU A 507 -34.43 8.85 4.38
N ASP A 508 -34.45 8.41 5.63
CA ASP A 508 -35.41 7.39 6.06
C ASP A 508 -36.68 7.97 6.69
N ASN A 509 -36.79 9.29 6.71
CA ASN A 509 -37.93 9.98 7.33
C ASN A 509 -38.02 9.77 8.84
N SER A 510 -36.96 9.26 9.44
CA SER A 510 -36.76 9.37 10.88
C SER A 510 -35.90 10.62 11.11
N GLU A 511 -35.53 10.90 12.36
CA GLU A 511 -34.76 12.11 12.64
C GLU A 511 -33.29 12.04 12.26
N SER A 512 -32.88 10.94 11.64
CA SER A 512 -31.47 10.69 11.34
C SER A 512 -30.75 11.93 10.81
N ARG A 513 -29.51 12.12 11.23
CA ARG A 513 -28.72 13.27 10.80
C ARG A 513 -28.24 13.13 9.36
N ILE A 514 -28.36 11.92 8.80
CA ILE A 514 -28.01 11.66 7.42
C ILE A 514 -29.16 12.16 6.54
N GLN A 515 -28.97 13.32 5.90
CA GLN A 515 -30.06 13.97 5.18
C GLN A 515 -29.72 14.31 3.74
N HIS A 516 -28.60 13.81 3.24
CA HIS A 516 -28.18 14.10 1.88
C HIS A 516 -27.50 12.90 1.24
N MET A 517 -26.91 13.11 0.06
CA MET A 517 -26.36 12.00 -0.70
C MET A 517 -25.21 12.45 -1.58
N LEU A 518 -24.16 11.65 -1.62
CA LEU A 518 -23.13 11.75 -2.63
C LEU A 518 -23.22 10.48 -3.48
N LEU A 519 -22.78 10.54 -4.73
CA LEU A 519 -22.82 9.39 -5.61
C LEU A 519 -21.40 8.95 -5.91
N THR A 520 -21.19 7.64 -6.04
CA THR A 520 -19.88 7.08 -6.34
C THR A 520 -20.02 5.69 -6.92
N GLU A 521 -19.03 5.26 -7.69
CA GLU A 521 -19.07 3.96 -8.34
C GLU A 521 -19.17 2.85 -7.30
N ASP A 522 -20.20 2.03 -7.43
CA ASP A 522 -20.40 0.90 -6.54
C ASP A 522 -19.14 0.04 -6.54
N PRO A 523 -18.63 -0.29 -5.34
CA PRO A 523 -17.33 -0.98 -5.19
C PRO A 523 -17.30 -2.42 -5.71
N GLN A 524 -18.45 -3.06 -5.88
CA GLN A 524 -18.49 -4.45 -6.30
C GLN A 524 -19.12 -4.66 -7.69
N MET A 525 -20.34 -4.14 -7.87
CA MET A 525 -21.01 -4.18 -9.16
C MET A 525 -20.07 -3.68 -10.25
N GLN A 526 -19.92 -4.45 -11.32
CA GLN A 526 -19.02 -4.07 -12.40
C GLN A 526 -19.84 -3.74 -13.64
N PRO A 527 -19.45 -2.68 -14.38
CA PRO A 527 -20.20 -2.29 -15.57
C PRO A 527 -20.46 -3.47 -16.51
N VAL A 528 -21.63 -3.48 -17.14
CA VAL A 528 -22.08 -4.61 -17.94
C VAL A 528 -22.29 -4.22 -19.40
N GLN A 529 -22.04 -5.15 -20.32
CA GLN A 529 -22.40 -4.92 -21.72
C GLN A 529 -23.79 -5.44 -21.98
N THR A 530 -24.59 -4.61 -22.63
CA THR A 530 -25.99 -4.92 -22.92
C THR A 530 -26.21 -4.70 -24.40
N PRO A 531 -27.10 -5.48 -25.03
CA PRO A 531 -27.37 -5.24 -26.44
C PRO A 531 -28.00 -3.87 -26.72
N PHE A 532 -28.23 -3.07 -25.68
CA PHE A 532 -28.81 -1.74 -25.84
C PHE A 532 -27.86 -0.65 -25.34
N GLY A 533 -26.72 -1.07 -24.78
CA GLY A 533 -25.72 -0.09 -24.37
C GLY A 533 -24.88 -0.56 -23.19
N VAL A 534 -24.29 0.39 -22.49
CA VAL A 534 -23.44 0.07 -21.35
C VAL A 534 -24.14 0.50 -20.07
N VAL A 535 -23.98 -0.27 -19.01
CA VAL A 535 -24.61 0.05 -17.74
C VAL A 535 -23.58 0.02 -16.62
N THR A 536 -23.25 1.18 -16.06
CA THR A 536 -22.42 1.22 -14.85
C THR A 536 -23.35 1.28 -13.64
N PHE A 537 -22.78 1.20 -12.44
CA PHE A 537 -23.63 1.23 -11.24
C PHE A 537 -23.19 2.31 -10.27
N LEU A 538 -24.03 3.31 -10.06
CA LEU A 538 -23.77 4.36 -9.09
C LEU A 538 -24.37 3.99 -7.75
N GLN A 539 -23.62 4.20 -6.67
CA GLN A 539 -24.09 3.91 -5.33
C GLN A 539 -24.36 5.21 -4.61
N ILE A 540 -25.49 5.26 -3.91
CA ILE A 540 -25.85 6.39 -3.06
C ILE A 540 -25.10 6.27 -1.74
N VAL A 541 -24.65 7.40 -1.20
CA VAL A 541 -23.96 7.42 0.08
C VAL A 541 -24.55 8.51 0.98
N GLY A 542 -25.27 8.14 2.02
CA GLY A 542 -25.86 9.12 2.91
C GLY A 542 -24.82 9.98 3.60
N VAL A 543 -25.08 11.27 3.75
CA VAL A 543 -24.14 12.17 4.41
C VAL A 543 -24.89 13.23 5.23
N CYS A 544 -24.19 13.86 6.17
CA CYS A 544 -24.76 14.97 6.95
C CYS A 544 -24.70 16.26 6.15
N THR A 545 -25.47 17.28 6.53
CA THR A 545 -25.44 18.53 5.78
C THR A 545 -24.03 19.11 5.80
N GLU A 546 -23.35 19.01 6.94
CA GLU A 546 -22.00 19.52 7.07
C GLU A 546 -21.11 18.93 5.98
N GLU A 547 -21.28 17.64 5.71
CA GLU A 547 -20.45 16.93 4.73
C GLU A 547 -20.85 17.26 3.29
N LEU A 548 -22.16 17.39 3.06
CA LEU A 548 -22.68 17.83 1.77
C LEU A 548 -22.07 19.16 1.37
N HIS A 549 -21.94 20.06 2.36
CA HIS A 549 -21.36 21.40 2.15
C HIS A 549 -19.88 21.29 1.77
N SER A 550 -19.16 20.37 2.40
CA SER A 550 -17.75 20.16 2.10
C SER A 550 -17.58 19.72 0.66
N ALA A 551 -18.49 18.88 0.21
CA ALA A 551 -18.42 18.34 -1.13
C ALA A 551 -18.69 19.44 -2.14
N GLN A 552 -19.50 20.43 -1.76
CA GLN A 552 -19.83 21.54 -2.65
C GLN A 552 -18.70 22.56 -2.69
N GLN A 553 -18.04 22.74 -1.54
CA GLN A 553 -16.94 23.70 -1.43
C GLN A 553 -15.65 23.19 -2.05
N TRP A 554 -15.43 21.88 -2.01
CA TRP A 554 -14.19 21.29 -2.48
C TRP A 554 -14.43 20.41 -3.70
N ASN A 555 -14.88 19.18 -3.46
CA ASN A 555 -15.17 18.24 -4.54
C ASN A 555 -15.95 17.06 -4.00
N GLY A 556 -16.58 16.31 -4.89
CA GLY A 556 -17.28 15.11 -4.47
C GLY A 556 -16.29 13.99 -4.18
N GLN A 557 -15.29 13.84 -5.04
CA GLN A 557 -14.34 12.75 -4.92
C GLN A 557 -13.56 12.84 -3.63
N GLY A 558 -13.06 14.04 -3.34
CA GLY A 558 -12.25 14.26 -2.14
C GLY A 558 -13.00 13.89 -0.87
N ILE A 559 -14.27 14.25 -0.77
CA ILE A 559 -15.03 13.96 0.44
C ILE A 559 -15.30 12.47 0.51
N LEU A 560 -15.52 11.85 -0.63
CA LEU A 560 -15.77 10.41 -0.68
C LEU A 560 -14.54 9.66 -0.13
N GLU A 561 -13.35 10.10 -0.51
CA GLU A 561 -12.12 9.50 0.00
C GLU A 561 -12.10 9.52 1.52
N LEU A 562 -12.58 10.61 2.11
CA LEU A 562 -12.56 10.76 3.56
C LEU A 562 -13.58 9.82 4.21
N LEU A 563 -14.77 9.72 3.64
CA LEU A 563 -15.78 8.84 4.21
C LEU A 563 -15.24 7.41 4.26
N ARG A 564 -14.28 7.10 3.38
CA ARG A 564 -13.71 5.76 3.31
C ARG A 564 -12.71 5.52 4.43
N THR A 565 -12.07 6.58 4.88
CA THR A 565 -11.06 6.44 5.93
C THR A 565 -11.69 6.45 7.33
N VAL A 566 -12.97 6.79 7.41
CA VAL A 566 -13.72 6.72 8.67
C VAL A 566 -14.72 5.57 8.59
N PRO A 567 -14.37 4.39 9.12
CA PRO A 567 -15.18 3.18 8.95
C PRO A 567 -16.66 3.35 9.33
N ILE A 568 -16.95 4.07 10.40
CA ILE A 568 -18.31 4.17 10.92
C ILE A 568 -19.16 5.12 10.12
N ALA A 569 -18.59 5.68 9.06
CA ALA A 569 -19.30 6.65 8.20
C ALA A 569 -19.36 6.18 6.74
N GLY A 570 -18.78 5.01 6.47
CA GLY A 570 -18.80 4.44 5.13
C GLY A 570 -17.78 3.33 4.98
N GLY A 571 -16.55 3.57 5.41
CA GLY A 571 -15.47 2.63 5.19
C GLY A 571 -15.18 2.47 3.71
N PRO A 572 -14.42 1.44 3.35
CA PRO A 572 -14.02 1.23 1.95
C PRO A 572 -15.22 1.03 1.00
N TRP A 573 -16.36 0.57 1.53
CA TRP A 573 -17.52 0.29 0.70
C TRP A 573 -18.59 1.36 0.82
N LEU A 574 -18.29 2.40 1.60
CA LEU A 574 -19.17 3.56 1.74
C LEU A 574 -20.58 3.10 2.09
N ILE A 575 -20.67 2.27 3.14
CA ILE A 575 -21.96 1.83 3.69
C ILE A 575 -22.58 2.95 4.51
N THR A 576 -23.86 3.24 4.28
CA THR A 576 -24.55 4.29 5.01
C THR A 576 -25.10 3.78 6.33
N ASP A 577 -24.65 4.36 7.43
CA ASP A 577 -25.19 4.04 8.74
C ASP A 577 -26.16 5.15 9.15
N MET A 578 -27.45 4.84 9.14
CA MET A 578 -28.49 5.84 9.40
C MET A 578 -28.58 6.27 10.86
N ARG A 579 -27.87 5.57 11.75
CA ARG A 579 -27.89 5.92 13.16
C ARG A 579 -26.63 6.69 13.55
N ARG A 580 -25.83 7.04 12.55
CA ARG A 580 -24.66 7.87 12.78
C ARG A 580 -25.10 9.24 13.27
N GLY A 581 -24.55 9.67 14.40
CA GLY A 581 -24.96 10.92 15.00
C GLY A 581 -23.88 11.99 14.95
N GLU A 582 -22.73 11.65 14.37
CA GLU A 582 -21.59 12.57 14.30
C GLU A 582 -21.10 12.76 12.87
N THR A 583 -20.74 13.98 12.51
CA THR A 583 -20.11 14.22 11.20
C THR A 583 -18.69 13.69 11.25
N ILE A 584 -18.05 13.53 10.10
CA ILE A 584 -16.69 13.02 10.07
C ILE A 584 -15.70 14.03 10.64
N PHE A 585 -16.12 15.29 10.76
CA PHE A 585 -15.25 16.33 11.28
C PHE A 585 -15.29 16.39 12.81
N GLU A 586 -16.29 15.77 13.40
CA GLU A 586 -16.42 15.71 14.84
C GLU A 586 -15.83 14.39 15.37
N ILE A 587 -15.71 13.41 14.49
CA ILE A 587 -15.07 12.16 14.84
C ILE A 587 -13.55 12.30 14.75
N ASP A 588 -13.12 13.07 13.76
CA ASP A 588 -11.70 13.23 13.47
C ASP A 588 -11.48 14.69 13.07
N PRO A 589 -11.29 15.57 14.08
CA PRO A 589 -11.22 17.00 13.80
C PRO A 589 -10.12 17.36 12.80
N HIS A 590 -9.09 16.52 12.69
CA HIS A 590 -7.95 16.85 11.85
C HIS A 590 -8.23 16.62 10.37
N LEU A 591 -9.49 16.33 10.05
CA LEU A 591 -9.90 16.13 8.65
C LEU A 591 -10.29 17.45 8.02
N GLN A 592 -10.83 18.36 8.84
CA GLN A 592 -11.17 19.70 8.37
C GLN A 592 -9.97 20.33 7.70
N GLU A 593 -8.78 20.03 8.21
CA GLU A 593 -7.54 20.53 7.62
C GLU A 593 -7.36 19.99 6.21
N ARG A 594 -7.58 18.70 6.02
CA ARG A 594 -7.41 18.09 4.70
C ARG A 594 -8.28 18.76 3.65
N VAL A 595 -9.49 19.15 4.06
CA VAL A 595 -10.42 19.78 3.12
C VAL A 595 -9.94 21.18 2.75
N ASP A 596 -9.56 21.96 3.75
CA ASP A 596 -9.06 23.31 3.51
C ASP A 596 -7.87 23.26 2.57
N LYS A 597 -6.95 22.34 2.81
CA LYS A 597 -5.78 22.17 1.95
C LYS A 597 -6.23 21.77 0.56
N GLY A 598 -7.19 20.86 0.50
CA GLY A 598 -7.73 20.38 -0.76
C GLY A 598 -8.32 21.51 -1.58
N ILE A 599 -8.82 22.54 -0.90
CA ILE A 599 -9.41 23.71 -1.54
C ILE A 599 -8.31 24.68 -1.99
N GLU A 600 -7.24 24.78 -1.20
CA GLU A 600 -6.15 25.71 -1.50
C GLU A 600 -5.42 25.25 -2.76
N THR A 601 -5.43 23.94 -3.02
CA THR A 601 -4.67 23.37 -4.13
C THR A 601 -5.54 23.00 -5.32
N ASP A 602 -6.71 22.45 -5.05
CA ASP A 602 -7.63 22.07 -6.11
C ASP A 602 -8.57 23.21 -6.46
N GLY A 603 -8.98 23.98 -5.44
CA GLY A 603 -9.89 25.08 -5.64
C GLY A 603 -11.32 24.67 -5.37
N SER A 604 -12.20 25.65 -5.19
CA SER A 604 -13.58 25.39 -4.84
C SER A 604 -14.43 25.09 -6.07
N ASN A 605 -15.39 24.17 -5.93
CA ASN A 605 -16.35 23.88 -7.00
C ASN A 605 -17.54 24.83 -6.95
N LEU A 606 -17.68 25.51 -5.81
CA LEU A 606 -18.79 26.41 -5.54
C LEU A 606 -18.64 27.69 -6.35
N SER A 607 -19.48 27.88 -7.37
CA SER A 607 -19.39 29.05 -8.25
C SER A 607 -20.16 30.27 -7.74
N GLY A 608 -20.98 30.08 -6.71
CA GLY A 608 -21.81 31.16 -6.20
C GLY A 608 -22.77 30.65 -5.13
N VAL A 609 -23.53 31.56 -4.54
CA VAL A 609 -24.50 31.17 -3.53
C VAL A 609 -25.67 32.13 -3.52
N SER A 610 -26.82 31.64 -3.05
CA SER A 610 -27.93 32.52 -2.78
C SER A 610 -27.89 32.75 -1.28
N ALA A 611 -27.61 33.99 -0.89
CA ALA A 611 -27.49 34.32 0.53
C ALA A 611 -27.95 35.74 0.80
N LYS A 612 -28.13 36.05 2.08
CA LYS A 612 -28.58 37.38 2.49
C LYS A 612 -27.43 38.38 2.35
N CYS A 613 -27.56 39.31 1.42
CA CYS A 613 -26.50 40.26 1.16
C CYS A 613 -26.99 41.45 0.34
N ALA A 614 -26.14 42.47 0.22
CA ALA A 614 -26.43 43.62 -0.63
C ALA A 614 -25.18 44.49 -0.74
N TRP A 615 -25.20 45.43 -1.66
CA TRP A 615 -24.09 46.35 -1.81
C TRP A 615 -24.61 47.77 -1.94
N ASP A 616 -23.77 48.74 -1.63
CA ASP A 616 -24.19 50.13 -1.64
C ASP A 616 -23.06 51.02 -2.16
N ASP A 617 -23.44 52.10 -2.84
CA ASP A 617 -22.47 53.04 -3.36
C ASP A 617 -22.07 54.03 -2.27
N LEU A 618 -20.86 54.59 -2.37
CA LEU A 618 -20.43 55.64 -1.45
C LEU A 618 -19.99 56.86 -2.23
N ILE A 701 -31.02 51.18 -18.81
CA ILE A 701 -30.06 50.71 -17.83
C ILE A 701 -28.63 51.15 -18.23
N ARG A 702 -27.78 51.38 -17.23
CA ARG A 702 -26.44 51.88 -17.47
C ARG A 702 -25.37 50.88 -17.04
N THR A 703 -24.11 51.32 -17.07
CA THR A 703 -23.03 50.62 -16.36
C THR A 703 -22.34 51.61 -15.45
N ARG A 704 -22.84 51.73 -14.22
CA ARG A 704 -22.28 52.67 -13.25
C ARG A 704 -20.87 52.23 -12.88
N GLN A 705 -19.87 53.04 -13.22
CA GLN A 705 -18.53 52.80 -12.73
C GLN A 705 -18.33 53.56 -11.42
N LEU A 706 -17.92 52.84 -10.39
CA LEU A 706 -17.80 53.38 -9.04
C LEU A 706 -16.36 53.29 -8.55
N GLU A 707 -16.05 54.03 -7.49
CA GLU A 707 -14.71 53.97 -6.90
C GLU A 707 -14.76 53.76 -5.39
N SER A 708 -15.97 53.64 -4.85
CA SER A 708 -16.14 53.33 -3.44
C SER A 708 -17.35 52.40 -3.26
N VAL A 709 -17.11 51.22 -2.70
CA VAL A 709 -18.17 50.22 -2.60
C VAL A 709 -18.25 49.66 -1.18
N HIS A 710 -19.47 49.39 -0.74
CA HIS A 710 -19.71 48.92 0.62
C HIS A 710 -20.55 47.65 0.59
N LEU A 711 -19.90 46.49 0.69
CA LEU A 711 -20.59 45.21 0.64
C LEU A 711 -21.09 44.82 2.01
N LYS A 712 -22.34 44.36 2.08
CA LYS A 712 -22.96 43.98 3.34
C LYS A 712 -23.39 42.52 3.27
N PHE A 713 -23.03 41.72 4.26
CA PHE A 713 -23.34 40.28 4.28
C PHE A 713 -24.03 39.84 5.56
N ASN A 714 -24.67 38.68 5.50
CA ASN A 714 -25.17 37.99 6.69
C ASN A 714 -23.97 37.29 7.31
N GLN A 715 -24.08 36.86 8.56
CA GLN A 715 -22.98 36.12 9.19
C GLN A 715 -22.71 34.81 8.47
N GLU A 716 -23.78 34.10 8.12
CA GLU A 716 -23.66 32.82 7.46
C GLU A 716 -22.92 32.94 6.14
N SER A 717 -23.36 33.88 5.31
CA SER A 717 -22.78 34.03 3.98
C SER A 717 -21.47 34.83 4.03
N GLY A 718 -21.20 35.46 5.17
CA GLY A 718 -19.98 36.21 5.36
C GLY A 718 -18.83 35.28 5.65
N ALA A 719 -19.12 34.18 6.34
CA ALA A 719 -18.11 33.17 6.61
C ALA A 719 -17.63 32.52 5.30
N LEU A 720 -18.41 32.70 4.24
CA LEU A 720 -18.02 32.18 2.92
C LEU A 720 -16.90 32.99 2.29
N ILE A 721 -16.80 34.28 2.61
CA ILE A 721 -15.91 35.18 1.89
C ILE A 721 -14.48 34.65 1.73
N PRO A 722 -13.90 34.04 2.77
CA PRO A 722 -12.54 33.53 2.61
C PRO A 722 -12.46 32.39 1.61
N LEU A 723 -13.47 31.54 1.57
CA LEU A 723 -13.55 30.48 0.55
C LEU A 723 -13.67 31.07 -0.85
N CYS A 724 -14.40 32.17 -0.97
CA CYS A 724 -14.51 32.93 -2.22
C CYS A 724 -13.15 33.48 -2.64
N LEU A 725 -12.36 33.94 -1.68
CA LEU A 725 -11.07 34.56 -1.96
C LEU A 725 -9.98 33.50 -2.22
N ARG A 726 -9.74 32.66 -1.22
CA ARG A 726 -8.69 31.66 -1.29
C ARG A 726 -9.00 30.55 -2.30
N GLY A 727 -10.27 30.16 -2.36
CA GLY A 727 -10.68 29.00 -3.13
C GLY A 727 -11.05 29.27 -4.58
N ARG A 728 -11.23 30.53 -4.95
CA ARG A 728 -11.62 30.84 -6.32
C ARG A 728 -10.92 32.02 -6.95
N LEU A 729 -10.96 33.19 -6.31
CA LEU A 729 -10.26 34.35 -6.86
C LEU A 729 -8.75 34.09 -7.01
N LEU A 730 -8.22 33.19 -6.19
CA LEU A 730 -6.80 32.86 -6.28
C LEU A 730 -6.54 31.84 -7.38
N HIS A 731 -7.57 31.09 -7.78
CA HIS A 731 -7.47 30.14 -8.87
C HIS A 731 -8.02 30.73 -10.15
N GLY A 732 -8.10 32.06 -10.19
CA GLY A 732 -8.54 32.76 -11.39
C GLY A 732 -9.98 32.49 -11.76
N ARG A 733 -10.86 32.41 -10.77
CA ARG A 733 -12.26 32.09 -10.99
C ARG A 733 -13.16 33.15 -10.34
N HIS A 734 -14.34 33.36 -10.89
CA HIS A 734 -15.31 34.30 -10.34
C HIS A 734 -16.10 33.62 -9.24
N PHE A 735 -16.85 34.40 -8.48
CA PHE A 735 -17.75 33.87 -7.46
C PHE A 735 -18.88 34.87 -7.24
N THR A 736 -20.13 34.41 -7.29
CA THR A 736 -21.27 35.32 -7.27
C THR A 736 -22.19 35.08 -6.09
N TYR A 737 -22.51 36.15 -5.38
CA TYR A 737 -23.51 36.15 -4.32
C TYR A 737 -24.83 36.71 -4.84
N LYS A 738 -25.86 35.88 -4.95
CA LYS A 738 -27.18 36.39 -5.32
C LYS A 738 -27.98 36.70 -4.05
N SER A 739 -28.95 37.59 -4.17
CA SER A 739 -29.46 38.31 -3.02
C SER A 739 -30.64 37.63 -2.31
N ILE A 740 -31.61 37.14 -3.08
CA ILE A 740 -32.76 36.41 -2.53
C ILE A 740 -33.65 37.21 -1.58
N THR A 741 -33.22 38.41 -1.22
CA THR A 741 -34.06 39.34 -0.50
C THR A 741 -34.50 40.44 -1.47
N GLY A 742 -34.09 40.27 -2.72
CA GLY A 742 -34.22 41.33 -3.72
C GLY A 742 -33.68 40.85 -5.06
N ASP A 743 -32.92 41.72 -5.73
CA ASP A 743 -32.34 41.38 -7.01
C ASP A 743 -30.85 41.71 -7.12
N MET A 744 -30.29 42.21 -6.02
CA MET A 744 -28.87 42.56 -5.99
C MET A 744 -27.99 41.32 -6.18
N ALA A 745 -26.74 41.56 -6.55
CA ALA A 745 -25.77 40.48 -6.68
C ALA A 745 -24.37 41.09 -6.57
N ILE A 746 -23.42 40.27 -6.11
CA ILE A 746 -22.03 40.70 -6.01
C ILE A 746 -21.16 39.61 -6.63
N THR A 747 -20.52 39.90 -7.75
CA THR A 747 -19.65 38.94 -8.41
C THR A 747 -18.20 39.36 -8.22
N PHE A 748 -17.50 38.65 -7.34
CA PHE A 748 -16.06 38.78 -7.20
C PHE A 748 -15.37 38.23 -8.45
N VAL A 749 -14.42 38.99 -9.00
CA VAL A 749 -13.78 38.62 -10.25
C VAL A 749 -12.26 38.76 -10.11
N SER A 750 -11.53 37.70 -10.46
CA SER A 750 -10.08 37.72 -10.37
C SER A 750 -9.50 38.51 -11.53
N THR A 751 -8.22 38.82 -11.42
CA THR A 751 -7.50 39.38 -12.55
C THR A 751 -7.52 38.37 -13.69
N GLY A 752 -7.87 38.81 -14.89
CA GLY A 752 -7.76 37.98 -16.07
C GLY A 752 -8.75 36.83 -16.17
N VAL A 753 -10.04 37.12 -16.00
CA VAL A 753 -11.08 36.18 -16.41
C VAL A 753 -11.99 36.85 -17.43
N GLU A 754 -12.37 36.10 -18.45
CA GLU A 754 -13.15 36.65 -19.56
C GLU A 754 -14.51 37.11 -19.09
N GLY A 755 -15.14 37.97 -19.90
CA GLY A 755 -16.57 38.20 -19.77
C GLY A 755 -16.98 39.45 -19.03
N ALA A 756 -16.10 39.97 -18.19
CA ALA A 756 -16.55 40.76 -17.05
C ALA A 756 -16.06 42.20 -17.11
N PHE A 757 -16.94 43.12 -16.75
CA PHE A 757 -16.81 44.52 -17.14
C PHE A 757 -16.09 45.41 -16.14
N ALA A 758 -15.72 44.86 -14.98
CA ALA A 758 -14.78 45.57 -14.12
C ALA A 758 -13.39 45.38 -14.73
N THR A 759 -12.73 46.49 -15.07
CA THR A 759 -11.50 46.43 -15.86
C THR A 759 -10.23 46.32 -15.01
N GLU A 760 -10.28 46.85 -13.79
CA GLU A 760 -9.08 47.00 -12.95
C GLU A 760 -8.34 48.28 -13.29
N GLU A 761 -8.80 48.99 -14.33
CA GLU A 761 -8.57 50.42 -14.42
C GLU A 761 -9.63 51.05 -13.52
N HIS A 762 -10.80 50.41 -13.49
CA HIS A 762 -11.86 50.78 -12.56
C HIS A 762 -12.49 49.48 -12.02
N PRO A 763 -11.96 48.96 -10.91
CA PRO A 763 -12.30 47.64 -10.39
C PRO A 763 -13.75 47.46 -9.96
N TYR A 764 -14.46 48.52 -9.63
CA TYR A 764 -15.84 48.37 -9.17
C TYR A 764 -16.83 48.93 -10.17
N ALA A 765 -17.39 48.05 -10.99
CA ALA A 765 -18.42 48.46 -11.93
C ALA A 765 -19.71 47.73 -11.57
N ALA A 766 -20.84 48.35 -11.86
CA ALA A 766 -22.14 47.74 -11.66
C ALA A 766 -22.98 47.96 -12.90
N HIS A 767 -23.82 46.99 -13.21
CA HIS A 767 -24.73 47.11 -14.32
C HIS A 767 -26.09 47.54 -13.85
N GLY A 768 -26.32 47.40 -12.55
CA GLY A 768 -27.64 47.00 -12.13
C GLY A 768 -27.85 47.02 -10.65
N PRO A 769 -28.67 46.08 -10.19
CA PRO A 769 -28.39 45.49 -8.89
C PRO A 769 -27.17 44.58 -9.03
N TRP A 770 -26.77 44.29 -10.27
CA TRP A 770 -25.61 43.45 -10.56
C TRP A 770 -24.29 44.19 -10.38
N LEU A 771 -23.57 43.86 -9.33
CA LEU A 771 -22.28 44.47 -9.06
C LEU A 771 -21.16 43.49 -9.37
N GLN A 772 -20.12 43.96 -10.06
CA GLN A 772 -18.90 43.17 -10.24
C GLN A 772 -17.71 43.93 -9.68
N ILE A 773 -16.92 43.27 -8.85
CA ILE A 773 -15.74 43.89 -8.27
C ILE A 773 -14.50 43.03 -8.46
N LEU A 774 -13.45 43.63 -9.01
CA LEU A 774 -12.23 42.91 -9.36
C LEU A 774 -11.13 43.16 -8.32
N LEU A 775 -10.54 42.07 -7.83
CA LEU A 775 -9.49 42.14 -6.82
C LEU A 775 -8.19 41.54 -7.34
N THR A 776 -7.09 42.29 -7.21
CA THR A 776 -5.77 41.79 -7.61
C THR A 776 -5.31 40.72 -6.64
N GLU A 777 -4.41 39.85 -7.09
CA GLU A 777 -3.90 38.79 -6.20
C GLU A 777 -3.33 39.36 -4.92
N GLU A 778 -2.53 40.41 -5.04
CA GLU A 778 -1.90 41.06 -3.89
C GLU A 778 -2.94 41.43 -2.84
N PHE A 779 -4.00 42.09 -3.29
CA PHE A 779 -5.04 42.58 -2.38
C PHE A 779 -5.88 41.46 -1.79
N VAL A 780 -6.02 40.35 -2.51
CA VAL A 780 -6.79 39.21 -2.01
C VAL A 780 -6.01 38.56 -0.87
N GLU A 781 -4.70 38.46 -1.03
CA GLU A 781 -3.86 37.78 -0.04
C GLU A 781 -3.83 38.56 1.27
N LYS A 782 -3.82 39.89 1.17
CA LYS A 782 -3.82 40.75 2.36
C LYS A 782 -5.21 40.81 2.97
N MET A 783 -6.22 40.80 2.11
CA MET A 783 -7.60 40.85 2.56
C MET A 783 -7.93 39.60 3.37
N LEU A 784 -7.29 38.49 3.02
CA LEU A 784 -7.51 37.22 3.72
C LEU A 784 -6.87 37.26 5.11
N GLU A 785 -5.78 38.00 5.24
CA GLU A 785 -5.15 38.19 6.54
C GLU A 785 -6.07 38.98 7.47
N ASP A 786 -6.75 39.97 6.91
CA ASP A 786 -7.58 40.88 7.68
C ASP A 786 -8.93 40.28 8.07
N LEU A 787 -9.30 39.16 7.45
CA LEU A 787 -10.57 38.51 7.75
C LEU A 787 -10.37 37.23 8.56
N GLU A 788 -10.64 37.30 9.85
CA GLU A 788 -10.49 36.16 10.74
C GLU A 788 -11.80 35.89 11.51
N ASP A 789 -12.50 34.85 11.10
CA ASP A 789 -13.80 34.50 11.67
C ASP A 789 -13.67 33.32 12.64
N GLU A 795 -16.26 33.42 18.02
CA GLU A 795 -16.42 34.84 18.31
C GLU A 795 -17.78 35.31 17.82
N PHE A 796 -18.36 36.28 18.52
CA PHE A 796 -19.72 36.72 18.20
C PHE A 796 -19.89 38.21 18.47
N LYS A 797 -19.24 39.04 17.66
CA LYS A 797 -19.37 40.49 17.80
C LYS A 797 -20.04 41.07 16.58
N LEU A 798 -21.10 41.86 16.79
CA LEU A 798 -21.78 42.47 15.66
C LEU A 798 -22.34 43.86 15.95
N PRO A 799 -22.47 44.70 14.90
CA PRO A 799 -21.86 44.41 13.59
C PRO A 799 -20.35 44.59 13.60
N LYS A 800 -19.62 43.69 12.93
CA LYS A 800 -18.20 43.92 12.68
C LYS A 800 -18.12 44.76 11.42
N GLU A 801 -16.99 45.42 11.21
CA GLU A 801 -16.75 46.10 9.96
C GLU A 801 -15.27 46.15 9.64
N TYR A 802 -14.94 45.93 8.37
CA TYR A 802 -13.57 46.00 7.91
C TYR A 802 -13.48 47.14 6.90
N SER A 803 -12.41 47.92 6.96
CA SER A 803 -12.25 49.07 6.07
C SER A 803 -10.90 49.01 5.35
N TRP A 804 -10.72 49.89 4.37
CA TRP A 804 -9.50 49.90 3.55
C TRP A 804 -9.26 51.27 2.87
N PRO A 805 -8.23 51.36 2.02
CA PRO A 805 -8.11 52.57 1.18
C PRO A 805 -9.10 52.57 0.02
N GLU A 806 -9.49 51.38 -0.43
CA GLU A 806 -10.43 51.21 -1.53
C GLU A 806 -11.91 51.31 -1.13
N LYS A 807 -12.22 50.69 0.00
CA LYS A 807 -13.46 49.95 0.13
C LYS A 807 -13.85 49.69 1.57
N LYS A 808 -15.05 49.14 1.78
CA LYS A 808 -15.50 48.74 3.11
C LYS A 808 -16.35 47.48 3.03
N LEU A 809 -16.45 46.76 4.14
CA LEU A 809 -17.13 45.47 4.18
C LEU A 809 -17.75 45.20 5.55
N LYS A 810 -19.08 45.16 5.61
CA LYS A 810 -19.78 44.95 6.86
C LYS A 810 -20.34 43.53 6.96
N VAL A 811 -20.53 43.06 8.18
CA VAL A 811 -21.31 41.85 8.42
C VAL A 811 -22.31 42.18 9.50
N SER A 812 -23.60 42.15 9.16
CA SER A 812 -24.62 42.51 10.14
C SER A 812 -25.81 41.55 10.10
N ILE A 813 -26.86 41.86 10.86
CA ILE A 813 -27.73 40.82 11.39
C ILE A 813 -29.13 40.65 10.78
N LEU A 814 -30.06 41.49 11.23
CA LEU A 814 -31.47 41.40 10.84
C LEU A 814 -31.85 42.17 9.56
N PRO A 815 -31.14 43.26 9.26
CA PRO A 815 -31.62 44.15 8.19
C PRO A 815 -32.19 43.44 6.97
N ASP A 816 -31.59 42.32 6.53
CA ASP A 816 -32.01 41.70 5.29
C ASP A 816 -33.46 41.20 5.39
N VAL A 817 -33.76 40.44 6.45
CA VAL A 817 -35.07 39.79 6.60
C VAL A 817 -36.22 40.81 6.81
N VAL A 818 -35.93 41.89 7.53
CA VAL A 818 -36.78 43.08 7.48
C VAL A 818 -36.45 43.87 6.20
N MET B 1 29.23 28.03 -22.28
CA MET B 1 30.28 27.22 -21.58
C MET B 1 29.86 25.76 -21.44
N LYS B 2 30.67 24.97 -20.75
CA LYS B 2 30.43 23.54 -20.65
C LYS B 2 29.72 23.17 -19.35
N THR B 3 29.46 24.17 -18.52
CA THR B 3 28.74 23.98 -17.26
C THR B 3 27.27 24.36 -17.44
N GLU B 4 26.91 24.82 -18.63
CA GLU B 4 25.54 25.25 -18.93
C GLU B 4 24.84 24.27 -19.87
N GLU B 5 25.46 23.12 -20.11
CA GLU B 5 24.92 22.10 -21.01
C GLU B 5 23.70 21.39 -20.44
N GLY B 6 22.63 21.34 -21.20
CA GLY B 6 21.41 20.69 -20.77
C GLY B 6 21.42 19.19 -21.02
N LYS B 7 21.59 18.43 -19.96
CA LYS B 7 21.56 16.97 -20.03
C LYS B 7 20.59 16.40 -19.00
N LEU B 8 20.30 15.11 -19.11
CA LEU B 8 19.48 14.40 -18.13
C LEU B 8 20.12 13.09 -17.76
N VAL B 9 20.25 12.82 -16.46
CA VAL B 9 20.67 11.52 -15.97
C VAL B 9 19.62 10.99 -15.00
N ILE B 10 19.21 9.74 -15.16
CA ILE B 10 18.13 9.17 -14.36
C ILE B 10 18.58 7.91 -13.63
N TRP B 11 18.16 7.75 -12.39
CA TRP B 11 18.40 6.53 -11.64
C TRP B 11 17.07 5.84 -11.40
N ILE B 12 17.02 4.53 -11.61
CA ILE B 12 15.82 3.75 -11.35
C ILE B 12 16.23 2.35 -10.94
N ASN B 13 15.59 1.79 -9.93
CA ASN B 13 16.04 0.51 -9.39
C ASN B 13 15.99 -0.57 -10.45
N GLY B 14 16.85 -1.57 -10.31
CA GLY B 14 17.07 -2.59 -11.33
C GLY B 14 15.87 -3.46 -11.67
N ASP B 15 15.01 -3.73 -10.68
CA ASP B 15 13.86 -4.60 -10.89
C ASP B 15 12.77 -3.94 -11.75
N LYS B 16 12.84 -2.62 -11.91
CA LYS B 16 11.87 -1.88 -12.70
C LYS B 16 12.23 -1.88 -14.19
N GLY B 17 11.37 -1.29 -15.01
CA GLY B 17 11.65 -1.16 -16.44
C GLY B 17 12.61 -0.03 -16.77
N TYR B 18 13.90 -0.31 -16.84
CA TYR B 18 14.88 0.72 -17.12
C TYR B 18 15.11 0.82 -18.62
N ASN B 19 14.72 -0.23 -19.35
CA ASN B 19 14.87 -0.28 -20.81
C ASN B 19 13.69 0.37 -21.51
N GLY B 20 12.51 0.23 -20.91
CA GLY B 20 11.33 0.88 -21.44
C GLY B 20 11.44 2.37 -21.17
N LEU B 21 11.96 2.72 -20.00
CA LEU B 21 12.16 4.12 -19.62
C LEU B 21 13.26 4.73 -20.48
N ALA B 22 14.19 3.90 -20.94
CA ALA B 22 15.25 4.36 -21.84
C ALA B 22 14.67 4.67 -23.21
N GLU B 23 13.66 3.91 -23.62
CA GLU B 23 12.98 4.17 -24.88
C GLU B 23 12.31 5.53 -24.85
N VAL B 24 11.69 5.87 -23.71
CA VAL B 24 11.07 7.17 -23.55
C VAL B 24 12.16 8.25 -23.59
N GLY B 25 13.33 7.92 -23.06
CA GLY B 25 14.46 8.84 -23.05
C GLY B 25 15.01 9.08 -24.44
N LYS B 26 14.81 8.10 -25.33
CA LYS B 26 15.23 8.23 -26.71
C LYS B 26 14.30 9.18 -27.45
N LYS B 27 13.00 9.02 -27.25
CA LYS B 27 12.00 9.83 -27.93
C LYS B 27 12.16 11.30 -27.54
N PHE B 28 12.62 11.53 -26.32
CA PHE B 28 12.86 12.88 -25.83
C PHE B 28 14.05 13.49 -26.56
N GLU B 29 15.14 12.74 -26.67
CA GLU B 29 16.33 13.21 -27.36
C GLU B 29 16.08 13.47 -28.84
N LYS B 30 15.15 12.71 -29.42
CA LYS B 30 14.80 12.89 -30.83
C LYS B 30 14.10 14.22 -31.03
N ASP B 31 13.10 14.49 -30.19
CA ASP B 31 12.25 15.66 -30.35
C ASP B 31 12.87 16.95 -29.80
N THR B 32 13.92 16.81 -28.99
CA THR B 32 14.45 17.97 -28.28
C THR B 32 15.95 18.16 -28.51
N GLY B 33 16.68 17.05 -28.63
CA GLY B 33 18.11 17.11 -28.87
C GLY B 33 18.93 17.01 -27.59
N ILE B 34 18.27 16.81 -26.46
CA ILE B 34 18.95 16.61 -25.18
C ILE B 34 19.14 15.12 -24.90
N LYS B 35 20.35 14.72 -24.57
CA LYS B 35 20.65 13.30 -24.35
C LYS B 35 20.18 12.84 -22.96
N VAL B 36 19.40 11.77 -22.94
CA VAL B 36 18.90 11.20 -21.68
C VAL B 36 19.58 9.86 -21.37
N THR B 37 20.37 9.84 -20.31
CA THR B 37 21.03 8.63 -19.84
C THR B 37 20.24 8.00 -18.69
N VAL B 38 20.09 6.68 -18.71
CA VAL B 38 19.42 5.94 -17.63
C VAL B 38 20.36 4.90 -17.02
N GLU B 39 20.47 4.93 -15.70
CA GLU B 39 21.35 4.02 -14.97
C GLU B 39 20.54 3.33 -13.86
N HIS B 40 20.92 2.11 -13.51
CA HIS B 40 20.26 1.39 -12.42
C HIS B 40 21.27 0.90 -11.40
N PRO B 41 21.92 1.84 -10.68
CA PRO B 41 22.96 1.49 -9.72
C PRO B 41 22.42 0.69 -8.53
N ASP B 42 23.23 -0.21 -7.99
CA ASP B 42 22.83 -0.96 -6.80
C ASP B 42 22.70 -0.01 -5.63
N LYS B 43 21.76 -0.29 -4.73
CA LYS B 43 21.58 0.52 -3.54
C LYS B 43 21.47 2.01 -3.88
N LEU B 44 20.76 2.34 -4.95
CA LEU B 44 20.61 3.74 -5.37
C LEU B 44 19.90 4.57 -4.33
N GLU B 45 19.02 3.95 -3.54
CA GLU B 45 18.27 4.68 -2.52
C GLU B 45 19.19 5.18 -1.40
N GLU B 46 20.33 4.52 -1.20
CA GLU B 46 21.29 4.94 -0.19
C GLU B 46 22.33 5.87 -0.82
N LYS B 47 22.67 5.60 -2.07
CA LYS B 47 23.72 6.35 -2.76
C LYS B 47 23.29 7.77 -3.12
N PHE B 48 22.00 7.99 -3.29
CA PHE B 48 21.52 9.30 -3.67
C PHE B 48 21.91 10.36 -2.64
N PRO B 49 21.52 10.17 -1.37
CA PRO B 49 21.86 11.22 -0.39
C PRO B 49 23.37 11.35 -0.15
N GLN B 50 24.15 10.40 -0.65
CA GLN B 50 25.60 10.45 -0.51
C GLN B 50 26.19 11.39 -1.56
N VAL B 51 25.63 11.36 -2.76
CA VAL B 51 26.20 12.05 -3.92
C VAL B 51 25.28 13.12 -4.50
N ALA B 52 24.26 13.53 -3.75
CA ALA B 52 23.24 14.44 -4.29
C ALA B 52 23.83 15.77 -4.77
N ALA B 53 24.70 16.35 -3.95
CA ALA B 53 25.20 17.71 -4.20
C ALA B 53 26.56 17.73 -4.88
N THR B 54 27.25 16.59 -4.94
CA THR B 54 28.54 16.54 -5.63
C THR B 54 28.37 16.75 -7.14
N GLY B 55 27.12 16.87 -7.57
CA GLY B 55 26.83 17.10 -8.98
C GLY B 55 27.13 15.85 -9.77
N ASP B 56 27.35 14.76 -9.03
CA ASP B 56 27.44 13.44 -9.64
C ASP B 56 26.10 12.74 -9.50
N GLY B 57 25.14 13.29 -8.77
CA GLY B 57 23.89 12.55 -8.67
C GLY B 57 22.99 12.84 -9.85
N PRO B 58 21.91 12.07 -9.98
CA PRO B 58 20.96 12.14 -11.09
C PRO B 58 20.14 13.41 -11.08
N ASP B 59 19.60 13.79 -12.23
CA ASP B 59 18.65 14.89 -12.30
C ASP B 59 17.31 14.38 -11.84
N ILE B 60 17.01 13.11 -12.14
CA ILE B 60 15.78 12.47 -11.68
C ILE B 60 16.08 11.16 -10.94
N ILE B 61 15.30 10.84 -9.91
CA ILE B 61 15.49 9.61 -9.15
C ILE B 61 14.17 8.91 -8.87
N PHE B 62 14.09 7.62 -9.19
CA PHE B 62 12.87 6.84 -9.03
C PHE B 62 12.94 5.93 -7.81
N TRP B 63 11.87 5.88 -7.03
CA TRP B 63 11.78 4.98 -5.90
C TRP B 63 10.41 5.07 -5.23
N ALA B 64 10.07 4.10 -4.40
CA ALA B 64 8.82 4.16 -3.63
C ALA B 64 8.80 5.43 -2.79
N HIS B 65 7.62 5.99 -2.59
CA HIS B 65 7.47 7.32 -1.98
C HIS B 65 8.01 7.41 -0.55
N ASP B 66 8.15 6.27 0.13
CA ASP B 66 8.55 6.30 1.54
C ASP B 66 9.94 6.92 1.74
N ARG B 67 10.80 6.79 0.75
CA ARG B 67 12.15 7.34 0.87
C ARG B 67 12.16 8.85 0.75
N PHE B 68 11.18 9.40 0.03
CA PHE B 68 11.24 10.79 -0.40
C PHE B 68 11.07 11.81 0.73
N GLY B 69 10.22 11.51 1.70
CA GLY B 69 10.05 12.43 2.81
C GLY B 69 11.38 12.68 3.48
N GLY B 70 12.23 11.66 3.49
CA GLY B 70 13.55 11.77 4.08
C GLY B 70 14.47 12.63 3.25
N TYR B 71 14.43 12.45 1.93
CA TYR B 71 15.22 13.28 1.03
C TYR B 71 14.78 14.73 1.19
N ALA B 72 13.47 14.95 1.12
CA ALA B 72 12.89 16.27 1.14
C ALA B 72 13.34 17.05 2.38
N GLN B 73 13.38 16.40 3.54
CA GLN B 73 13.77 17.09 4.76
C GLN B 73 15.24 17.51 4.70
N SER B 74 16.04 16.77 3.93
CA SER B 74 17.47 17.07 3.79
C SER B 74 17.70 18.04 2.64
N GLY B 75 16.62 18.51 2.03
CA GLY B 75 16.70 19.49 0.96
C GLY B 75 17.37 18.96 -0.30
N LEU B 76 17.14 17.69 -0.58
CA LEU B 76 17.75 17.03 -1.73
C LEU B 76 16.79 17.00 -2.91
N LEU B 77 15.57 17.48 -2.70
CA LEU B 77 14.57 17.48 -3.77
C LEU B 77 13.99 18.87 -4.01
N ALA B 78 13.86 19.23 -5.29
CA ALA B 78 13.21 20.46 -5.69
C ALA B 78 11.70 20.27 -5.66
N GLU B 79 10.99 21.28 -5.17
CA GLU B 79 9.53 21.24 -5.19
C GLU B 79 9.07 21.23 -6.64
N ILE B 80 8.13 20.34 -6.97
CA ILE B 80 7.59 20.28 -8.32
C ILE B 80 6.35 21.16 -8.42
N THR B 81 6.13 21.74 -9.59
CA THR B 81 5.08 22.75 -9.76
C THR B 81 4.17 22.48 -10.96
N PRO B 82 3.40 21.37 -10.93
CA PRO B 82 2.46 21.09 -12.01
C PRO B 82 1.26 22.02 -11.92
N ASP B 83 0.72 22.45 -13.05
CA ASP B 83 -0.49 23.27 -13.03
C ASP B 83 -1.71 22.40 -12.72
N LYS B 84 -2.88 23.00 -12.60
CA LYS B 84 -4.07 22.27 -12.23
C LYS B 84 -4.46 21.23 -13.28
N ALA B 85 -4.21 21.53 -14.55
CA ALA B 85 -4.62 20.66 -15.64
C ALA B 85 -3.84 19.35 -15.66
N PHE B 86 -2.65 19.37 -15.08
CA PHE B 86 -1.84 18.16 -14.99
C PHE B 86 -2.21 17.36 -13.76
N GLN B 87 -2.44 18.05 -12.65
CA GLN B 87 -2.79 17.40 -11.40
C GLN B 87 -4.10 16.61 -11.51
N ASP B 88 -4.98 17.05 -12.40
CA ASP B 88 -6.27 16.39 -12.60
C ASP B 88 -6.08 15.06 -13.34
N LYS B 89 -4.97 14.93 -14.06
CA LYS B 89 -4.72 13.72 -14.83
C LYS B 89 -4.40 12.52 -13.94
N LEU B 90 -3.84 12.77 -12.75
CA LEU B 90 -3.48 11.70 -11.83
C LEU B 90 -4.46 11.64 -10.66
N TYR B 91 -4.56 10.48 -10.02
CA TYR B 91 -5.50 10.29 -8.91
C TYR B 91 -5.08 11.11 -7.70
N PRO B 92 -6.06 11.62 -6.92
CA PRO B 92 -5.74 12.50 -5.78
C PRO B 92 -4.92 11.83 -4.68
N PHE B 93 -5.08 10.52 -4.48
CA PHE B 93 -4.40 9.84 -3.38
C PHE B 93 -2.94 9.53 -3.70
N THR B 94 -2.57 9.62 -4.97
CA THR B 94 -1.17 9.38 -5.36
C THR B 94 -0.37 10.65 -5.22
N TRP B 95 -1.03 11.80 -5.36
CA TRP B 95 -0.39 13.08 -5.03
C TRP B 95 -0.23 13.15 -3.52
N ASP B 96 -1.11 12.48 -2.78
CA ASP B 96 -1.03 12.44 -1.33
C ASP B 96 0.24 11.77 -0.88
N ALA B 97 0.65 10.72 -1.58
CA ALA B 97 1.81 9.94 -1.23
C ALA B 97 3.09 10.74 -1.43
N VAL B 98 3.05 11.74 -2.32
CA VAL B 98 4.24 12.51 -2.63
C VAL B 98 4.20 13.91 -2.01
N ARG B 99 3.37 14.09 -0.99
CA ARG B 99 3.24 15.38 -0.33
C ARG B 99 3.94 15.33 1.02
N TYR B 100 4.89 16.23 1.24
CA TYR B 100 5.61 16.33 2.50
C TYR B 100 5.63 17.78 3.03
N ASN B 101 5.14 17.97 4.24
CA ASN B 101 5.06 19.30 4.83
C ASN B 101 4.47 20.30 3.85
N GLY B 102 3.38 19.92 3.19
CA GLY B 102 2.60 20.83 2.39
C GLY B 102 3.00 20.95 0.92
N LYS B 103 4.15 20.41 0.56
CA LYS B 103 4.69 20.57 -0.80
C LYS B 103 4.71 19.25 -1.57
N LEU B 104 4.46 19.33 -2.87
CA LEU B 104 4.65 18.17 -3.75
C LEU B 104 6.13 18.04 -4.03
N ILE B 105 6.69 16.88 -3.72
CA ILE B 105 8.14 16.67 -3.84
C ILE B 105 8.51 15.66 -4.92
N ALA B 106 7.51 15.12 -5.61
CA ALA B 106 7.77 14.14 -6.65
C ALA B 106 6.50 13.80 -7.41
N TYR B 107 6.65 13.41 -8.67
CA TYR B 107 5.52 12.95 -9.49
C TYR B 107 5.21 11.50 -9.17
N PRO B 108 3.97 11.18 -8.79
CA PRO B 108 3.60 9.78 -8.60
C PRO B 108 3.52 9.06 -9.94
N ILE B 109 3.88 7.78 -9.99
CA ILE B 109 3.95 7.05 -11.24
C ILE B 109 3.01 5.86 -11.26
N ALA B 110 3.10 5.02 -10.23
CA ALA B 110 2.28 3.82 -10.17
C ALA B 110 2.12 3.31 -8.74
N VAL B 111 1.07 2.55 -8.49
CA VAL B 111 0.80 2.00 -7.17
C VAL B 111 1.20 0.53 -7.12
N GLU B 112 2.10 0.19 -6.19
CA GLU B 112 2.57 -1.18 -6.02
C GLU B 112 2.06 -1.78 -4.72
N ALA B 113 1.79 -3.07 -4.73
CA ALA B 113 1.46 -3.80 -3.52
C ALA B 113 1.75 -5.27 -3.75
N LEU B 114 2.27 -5.95 -2.73
CA LEU B 114 2.59 -7.37 -2.87
C LEU B 114 1.32 -8.21 -3.03
N SER B 115 1.38 -9.23 -3.89
CA SER B 115 0.28 -10.17 -4.07
C SER B 115 0.82 -11.60 -4.00
N LEU B 116 -0.09 -12.57 -3.89
CA LEU B 116 0.30 -13.98 -3.90
C LEU B 116 0.26 -14.54 -5.32
N ILE B 117 1.42 -14.87 -5.86
CA ILE B 117 1.51 -15.46 -7.19
C ILE B 117 1.65 -16.96 -7.03
N TYR B 118 0.82 -17.73 -7.73
CA TYR B 118 0.82 -19.18 -7.58
C TYR B 118 0.80 -19.89 -8.94
N ASN B 119 1.40 -21.08 -8.98
CA ASN B 119 1.46 -21.90 -10.19
C ASN B 119 0.21 -22.75 -10.32
N LYS B 120 -0.71 -22.34 -11.19
CA LYS B 120 -2.00 -23.00 -11.35
C LYS B 120 -1.89 -24.50 -11.59
N ASP B 121 -0.85 -24.91 -12.31
CA ASP B 121 -0.66 -26.32 -12.64
C ASP B 121 -0.32 -27.14 -11.39
N LEU B 122 0.56 -26.61 -10.55
CA LEU B 122 1.00 -27.29 -9.33
C LEU B 122 -0.02 -27.18 -8.20
N LEU B 123 -0.81 -26.11 -8.24
CA LEU B 123 -1.68 -25.74 -7.12
C LEU B 123 -2.87 -24.93 -7.65
N PRO B 124 -3.87 -25.64 -8.20
CA PRO B 124 -5.03 -25.00 -8.85
C PRO B 124 -5.80 -24.08 -7.91
N ASN B 125 -5.95 -24.47 -6.65
CA ASN B 125 -6.64 -23.65 -5.67
C ASN B 125 -5.70 -23.17 -4.56
N PRO B 126 -5.21 -21.93 -4.67
CA PRO B 126 -4.24 -21.42 -3.70
C PRO B 126 -4.85 -21.30 -2.30
N PRO B 127 -4.04 -21.52 -1.26
CA PRO B 127 -4.52 -21.53 0.13
C PRO B 127 -4.98 -20.15 0.59
N LYS B 128 -6.12 -20.10 1.27
CA LYS B 128 -6.68 -18.83 1.72
C LYS B 128 -6.04 -18.36 3.03
N THR B 129 -5.24 -19.22 3.67
CA THR B 129 -4.61 -18.87 4.94
C THR B 129 -3.15 -19.29 5.01
N TRP B 130 -2.39 -18.69 5.93
CA TRP B 130 -0.98 -18.98 6.10
C TRP B 130 -0.79 -20.33 6.78
N GLU B 131 -1.70 -20.65 7.70
CA GLU B 131 -1.58 -21.87 8.48
C GLU B 131 -1.76 -23.12 7.62
N GLU B 132 -2.34 -22.94 6.43
CA GLU B 132 -2.55 -24.04 5.51
C GLU B 132 -1.23 -24.52 4.87
N ILE B 133 -0.22 -23.68 4.91
CA ILE B 133 0.97 -23.89 4.09
C ILE B 133 1.93 -24.98 4.60
N PRO B 134 2.13 -25.10 5.92
CA PRO B 134 2.97 -26.22 6.37
C PRO B 134 2.43 -27.56 5.89
N ALA B 135 1.11 -27.73 6.02
CA ALA B 135 0.46 -28.93 5.52
C ALA B 135 0.65 -29.06 4.01
N LEU B 136 0.43 -27.95 3.30
CA LEU B 136 0.51 -27.93 1.84
C LEU B 136 1.92 -28.23 1.35
N ASP B 137 2.90 -28.03 2.23
CA ASP B 137 4.30 -28.16 1.85
C ASP B 137 4.76 -29.62 1.91
N LYS B 138 4.14 -30.39 2.80
CA LYS B 138 4.45 -31.80 2.92
C LYS B 138 3.96 -32.56 1.71
N GLU B 139 2.76 -32.20 1.23
CA GLU B 139 2.19 -32.81 0.03
C GLU B 139 3.09 -32.56 -1.18
N LEU B 140 3.62 -31.35 -1.27
CA LEU B 140 4.45 -30.96 -2.41
C LEU B 140 5.87 -31.50 -2.29
N LYS B 141 6.35 -31.71 -1.06
CA LYS B 141 7.68 -32.24 -0.85
C LYS B 141 7.73 -33.74 -1.18
N ALA B 142 6.57 -34.40 -1.14
CA ALA B 142 6.48 -35.82 -1.50
C ALA B 142 6.84 -36.02 -2.97
N LYS B 143 6.33 -35.15 -3.82
CA LYS B 143 6.68 -35.15 -5.24
C LYS B 143 7.76 -34.12 -5.52
N GLY B 144 8.66 -33.93 -4.55
CA GLY B 144 9.90 -33.20 -4.76
C GLY B 144 9.82 -31.71 -5.05
N LYS B 145 8.63 -31.11 -4.93
CA LYS B 145 8.51 -29.64 -5.00
C LYS B 145 8.38 -28.97 -3.63
N SER B 146 8.38 -27.63 -3.62
CA SER B 146 8.14 -26.86 -2.40
C SER B 146 6.86 -26.06 -2.57
N ALA B 147 6.35 -25.52 -1.46
CA ALA B 147 5.06 -24.83 -1.49
C ALA B 147 5.21 -23.33 -1.69
N LEU B 148 6.18 -22.74 -1.00
CA LEU B 148 6.32 -21.28 -0.99
C LEU B 148 7.79 -20.84 -0.96
N MET B 149 8.10 -19.76 -1.67
CA MET B 149 9.45 -19.20 -1.68
C MET B 149 9.42 -17.72 -2.02
N PHE B 150 10.00 -16.88 -1.16
CA PHE B 150 10.01 -15.44 -1.40
C PHE B 150 11.13 -14.75 -0.62
N ASN B 151 11.51 -13.55 -1.06
CA ASN B 151 12.64 -12.81 -0.50
C ASN B 151 12.52 -12.64 1.02
N LEU B 152 13.45 -13.22 1.77
CA LEU B 152 13.45 -13.08 3.23
C LEU B 152 14.57 -12.15 3.69
N GLN B 153 15.31 -11.58 2.75
CA GLN B 153 16.39 -10.67 3.08
C GLN B 153 15.87 -9.25 3.29
N GLU B 154 14.79 -8.91 2.60
CA GLU B 154 14.20 -7.58 2.69
C GLU B 154 12.92 -7.62 3.50
N PRO B 155 12.81 -6.75 4.51
CA PRO B 155 11.60 -6.75 5.35
C PRO B 155 10.32 -6.43 4.59
N TYR B 156 10.45 -5.88 3.39
CA TYR B 156 9.30 -5.49 2.59
C TYR B 156 8.40 -6.67 2.23
N PHE B 157 8.97 -7.88 2.25
CA PHE B 157 8.26 -9.08 1.81
C PHE B 157 7.72 -9.89 2.98
N THR B 158 8.28 -9.69 4.17
CA THR B 158 7.81 -10.44 5.34
C THR B 158 6.96 -9.56 6.23
N TRP B 159 6.86 -8.28 5.91
CA TRP B 159 6.10 -7.35 6.74
C TRP B 159 4.58 -7.59 6.68
N PRO B 160 4.05 -8.04 5.53
CA PRO B 160 2.61 -8.27 5.47
C PRO B 160 2.15 -9.29 6.52
N LEU B 161 2.98 -10.30 6.78
CA LEU B 161 2.67 -11.31 7.78
C LEU B 161 2.81 -10.73 9.20
N ILE B 162 3.88 -9.99 9.43
CA ILE B 162 4.12 -9.37 10.74
C ILE B 162 3.05 -8.35 11.10
N ALA B 163 2.51 -7.68 10.09
CA ALA B 163 1.51 -6.64 10.30
C ALA B 163 0.11 -7.21 10.29
N ALA B 164 -0.03 -8.47 9.90
CA ALA B 164 -1.34 -9.11 9.81
C ALA B 164 -2.06 -9.09 11.15
N ASP B 165 -1.35 -9.46 12.21
CA ASP B 165 -1.92 -9.50 13.54
C ASP B 165 -2.00 -8.10 14.16
N GLY B 166 -1.72 -7.08 13.34
CA GLY B 166 -1.87 -5.71 13.77
C GLY B 166 -0.57 -5.01 14.15
N GLY B 167 0.56 -5.67 13.92
CA GLY B 167 1.85 -5.04 14.14
C GLY B 167 1.99 -3.85 13.23
N TYR B 168 2.66 -2.80 13.69
CA TYR B 168 2.75 -1.56 12.93
C TYR B 168 4.11 -0.86 13.08
N ALA B 169 4.33 0.17 12.27
CA ALA B 169 5.59 0.90 12.28
C ALA B 169 5.44 2.21 13.05
N PHE B 170 4.54 3.09 12.60
CA PHE B 170 4.21 4.30 13.34
C PHE B 170 2.68 4.50 13.30
N LYS B 171 2.11 5.15 14.32
CA LYS B 171 0.65 5.23 14.42
C LYS B 171 0.07 6.58 13.98
N TYR B 172 -0.96 6.53 13.13
CA TYR B 172 -1.57 7.75 12.59
C TYR B 172 -2.61 8.29 13.57
N GLU B 173 -2.17 9.15 14.48
CA GLU B 173 -3.01 9.61 15.57
C GLU B 173 -2.93 11.13 15.74
N ASN B 174 -4.10 11.78 15.73
CA ASN B 174 -4.19 13.23 15.84
C ASN B 174 -3.50 13.99 14.70
N GLY B 175 -3.68 13.49 13.47
CA GLY B 175 -3.24 14.19 12.27
C GLY B 175 -1.81 13.93 11.82
N LYS B 176 -0.99 13.40 12.71
CA LYS B 176 0.42 13.17 12.41
C LYS B 176 0.83 11.74 12.77
N TYR B 177 2.13 11.45 12.61
CA TYR B 177 2.69 10.17 13.03
C TYR B 177 3.45 10.35 14.34
N ASP B 178 3.19 9.49 15.31
CA ASP B 178 3.88 9.56 16.58
C ASP B 178 5.20 8.81 16.49
N ILE B 179 6.30 9.54 16.34
CA ILE B 179 7.63 8.93 16.18
C ILE B 179 8.03 8.17 17.45
N LYS B 180 7.48 8.56 18.59
CA LYS B 180 7.82 7.94 19.86
C LYS B 180 7.11 6.59 20.00
N ASP B 181 5.96 6.46 19.35
CA ASP B 181 5.15 5.24 19.43
C ASP B 181 5.39 4.31 18.24
N VAL B 182 6.38 3.43 18.37
CA VAL B 182 6.65 2.41 17.35
C VAL B 182 5.97 1.12 17.78
N GLY B 183 5.65 0.26 16.82
CA GLY B 183 4.81 -0.89 17.10
C GLY B 183 5.43 -2.23 16.79
N VAL B 184 6.75 -2.30 16.67
CA VAL B 184 7.42 -3.53 16.26
C VAL B 184 7.73 -4.44 17.43
N ASP B 185 7.11 -4.16 18.59
CA ASP B 185 7.41 -4.93 19.78
C ASP B 185 6.12 -5.47 20.42
N ASN B 186 5.00 -5.39 19.70
CA ASN B 186 3.74 -5.84 20.29
C ASN B 186 3.41 -7.30 19.98
N ALA B 187 2.34 -7.80 20.59
CA ALA B 187 1.94 -9.20 20.45
C ALA B 187 1.77 -9.58 18.98
N GLY B 188 1.01 -8.76 18.25
CA GLY B 188 0.69 -9.04 16.86
C GLY B 188 1.92 -9.29 15.99
N ALA B 189 2.94 -8.47 16.18
CA ALA B 189 4.15 -8.56 15.37
C ALA B 189 4.93 -9.83 15.71
N LYS B 190 4.94 -10.18 16.99
CA LYS B 190 5.61 -11.41 17.44
C LYS B 190 4.89 -12.64 16.93
N ALA B 191 3.57 -12.57 16.81
CA ALA B 191 2.78 -13.69 16.32
C ALA B 191 3.11 -13.96 14.85
N GLY B 192 3.32 -12.87 14.10
CA GLY B 192 3.62 -12.97 12.68
C GLY B 192 5.03 -13.43 12.40
N LEU B 193 5.99 -12.91 13.15
CA LEU B 193 7.38 -13.25 12.94
C LEU B 193 7.67 -14.63 13.53
N THR B 194 7.01 -14.97 14.63
CA THR B 194 7.18 -16.29 15.23
C THR B 194 6.77 -17.35 14.22
N PHE B 195 5.68 -17.09 13.51
CA PHE B 195 5.18 -18.03 12.51
C PHE B 195 6.16 -18.15 11.34
N LEU B 196 6.81 -17.04 10.99
CA LEU B 196 7.79 -17.06 9.91
C LEU B 196 9.02 -17.87 10.28
N VAL B 197 9.48 -17.70 11.52
CA VAL B 197 10.64 -18.43 12.00
C VAL B 197 10.34 -19.92 12.10
N ASP B 198 9.10 -20.25 12.45
CA ASP B 198 8.64 -21.63 12.49
C ASP B 198 8.83 -22.29 11.14
N LEU B 199 8.26 -21.68 10.11
CA LEU B 199 8.36 -22.21 8.74
C LEU B 199 9.79 -22.61 8.38
N ILE B 200 10.77 -21.86 8.88
CA ILE B 200 12.16 -22.15 8.55
C ILE B 200 12.73 -23.28 9.39
N LYS B 201 12.31 -23.37 10.64
CA LYS B 201 12.71 -24.48 11.50
C LYS B 201 12.27 -25.81 10.91
N ASN B 202 11.00 -25.90 10.51
CA ASN B 202 10.44 -27.12 9.94
C ASN B 202 10.84 -27.33 8.48
N LYS B 203 11.72 -26.46 7.98
CA LYS B 203 12.31 -26.61 6.65
C LYS B 203 11.29 -26.54 5.51
N HIS B 204 10.26 -25.72 5.68
CA HIS B 204 9.35 -25.42 4.58
C HIS B 204 9.93 -24.26 3.77
N MET B 205 10.71 -23.42 4.44
CA MET B 205 11.44 -22.32 3.81
C MET B 205 12.87 -22.26 4.36
N ASN B 206 13.78 -21.71 3.58
CA ASN B 206 15.17 -21.59 3.99
C ASN B 206 15.54 -20.13 4.25
N ALA B 207 16.31 -19.89 5.29
CA ALA B 207 16.68 -18.52 5.69
C ALA B 207 17.54 -17.80 4.64
N ASP B 208 18.27 -18.57 3.82
CA ASP B 208 19.21 -17.99 2.86
C ASP B 208 18.53 -17.48 1.60
N THR B 209 17.20 -17.68 1.49
CA THR B 209 16.48 -17.38 0.25
C THR B 209 16.36 -15.88 0.00
N ASP B 210 17.04 -15.39 -1.04
CA ASP B 210 16.96 -13.98 -1.41
C ASP B 210 16.13 -13.83 -2.69
N TYR B 211 16.01 -12.60 -3.19
CA TYR B 211 15.11 -12.31 -4.31
C TYR B 211 15.34 -13.21 -5.52
N SER B 212 16.56 -13.22 -6.06
CA SER B 212 16.85 -13.94 -7.30
C SER B 212 16.76 -15.46 -7.13
N ILE B 213 16.90 -15.95 -5.90
CA ILE B 213 16.75 -17.38 -5.61
C ILE B 213 15.28 -17.79 -5.72
N ALA B 214 14.40 -16.98 -5.15
CA ALA B 214 12.96 -17.23 -5.20
C ALA B 214 12.43 -17.12 -6.62
N GLU B 215 12.85 -16.08 -7.33
CA GLU B 215 12.37 -15.84 -8.68
C GLU B 215 12.73 -16.99 -9.61
N ALA B 216 13.94 -17.53 -9.46
CA ALA B 216 14.38 -18.64 -10.31
C ALA B 216 13.60 -19.90 -9.98
N ALA B 217 13.37 -20.13 -8.70
CA ALA B 217 12.62 -21.30 -8.25
C ALA B 217 11.23 -21.33 -8.88
N PHE B 218 10.48 -20.25 -8.71
CA PHE B 218 9.11 -20.19 -9.22
C PHE B 218 9.03 -20.27 -10.75
N ASN B 219 10.00 -19.66 -11.42
CA ASN B 219 9.97 -19.60 -12.88
C ASN B 219 10.42 -20.89 -13.56
N LYS B 220 10.99 -21.81 -12.79
CA LYS B 220 11.35 -23.13 -13.29
C LYS B 220 10.31 -24.16 -12.86
N GLY B 221 9.39 -23.74 -12.00
CA GLY B 221 8.32 -24.60 -11.54
C GLY B 221 8.70 -25.44 -10.33
N GLU B 222 9.79 -25.08 -9.69
CA GLU B 222 10.30 -25.84 -8.54
C GLU B 222 9.52 -25.54 -7.26
N THR B 223 8.75 -24.46 -7.26
CA THR B 223 7.97 -24.07 -6.09
C THR B 223 6.60 -23.55 -6.52
N ALA B 224 5.59 -23.78 -5.68
CA ALA B 224 4.20 -23.57 -6.07
C ALA B 224 3.72 -22.13 -5.85
N MET B 225 4.44 -21.36 -5.03
CA MET B 225 4.00 -20.00 -4.71
C MET B 225 5.15 -19.04 -4.46
N THR B 226 4.83 -17.75 -4.47
CA THR B 226 5.81 -16.70 -4.24
C THR B 226 5.06 -15.41 -3.90
N ILE B 227 5.78 -14.41 -3.39
CA ILE B 227 5.21 -13.11 -3.12
C ILE B 227 6.04 -12.05 -3.85
N ASN B 228 5.37 -11.20 -4.61
CA ASN B 228 6.07 -10.22 -5.44
C ASN B 228 5.16 -9.15 -6.03
N GLY B 229 5.75 -8.08 -6.53
CA GLY B 229 5.01 -6.97 -7.10
C GLY B 229 4.83 -7.07 -8.60
N PRO B 230 4.06 -6.16 -9.20
CA PRO B 230 3.77 -6.11 -10.64
C PRO B 230 5.03 -6.17 -11.51
N TRP B 231 6.16 -5.68 -11.01
CA TRP B 231 7.40 -5.65 -11.77
C TRP B 231 7.92 -7.06 -12.09
N ALA B 232 7.59 -8.02 -11.24
CA ALA B 232 8.06 -9.39 -11.38
C ALA B 232 7.30 -10.18 -12.46
N TRP B 233 6.09 -9.74 -12.78
CA TRP B 233 5.24 -10.47 -13.72
C TRP B 233 5.90 -10.68 -15.08
N SER B 234 6.75 -9.73 -15.49
CA SER B 234 7.33 -9.76 -16.83
C SER B 234 8.16 -11.03 -17.07
N ASN B 235 8.94 -11.43 -16.07
CA ASN B 235 9.80 -12.60 -16.20
C ASN B 235 9.05 -13.92 -16.08
N ILE B 236 7.86 -13.88 -15.48
CA ILE B 236 7.02 -15.06 -15.38
C ILE B 236 6.28 -15.29 -16.70
N ASP B 237 6.15 -14.23 -17.49
CA ASP B 237 5.60 -14.33 -18.83
C ASP B 237 6.59 -15.05 -19.74
N THR B 238 7.88 -14.73 -19.58
CA THR B 238 8.92 -15.31 -20.40
C THR B 238 9.20 -16.77 -20.03
N SER B 239 8.91 -17.14 -18.79
CA SER B 239 9.11 -18.52 -18.33
C SER B 239 7.95 -19.41 -18.76
N LYS B 240 6.87 -18.80 -19.23
CA LYS B 240 5.70 -19.54 -19.71
C LYS B 240 5.07 -20.40 -18.63
N VAL B 241 5.31 -20.05 -17.36
CA VAL B 241 4.68 -20.75 -16.25
C VAL B 241 3.23 -20.29 -16.12
N ASN B 242 2.30 -21.24 -16.10
CA ASN B 242 0.88 -20.92 -16.05
C ASN B 242 0.45 -20.43 -14.68
N TYR B 243 0.45 -19.11 -14.50
CA TYR B 243 0.30 -18.53 -13.16
C TYR B 243 -0.89 -17.58 -13.03
N GLY B 244 -1.27 -17.31 -11.78
CA GLY B 244 -2.29 -16.32 -11.47
C GLY B 244 -1.86 -15.42 -10.32
N VAL B 245 -2.39 -14.20 -10.29
CA VAL B 245 -2.09 -13.26 -9.22
C VAL B 245 -3.34 -12.99 -8.38
N THR B 246 -3.22 -13.17 -7.07
CA THR B 246 -4.39 -13.19 -6.20
C THR B 246 -4.12 -12.54 -4.84
N VAL B 247 -5.13 -12.56 -3.97
CA VAL B 247 -5.02 -12.04 -2.61
C VAL B 247 -4.04 -12.85 -1.78
N LEU B 248 -3.28 -12.16 -0.91
CA LEU B 248 -2.33 -12.82 -0.01
C LEU B 248 -3.07 -13.66 1.02
N PRO B 249 -2.42 -14.68 1.59
CA PRO B 249 -3.02 -15.54 2.61
C PRO B 249 -3.32 -14.75 3.89
N THR B 250 -4.37 -15.13 4.62
CA THR B 250 -4.68 -14.48 5.89
C THR B 250 -3.89 -15.14 7.02
N PHE B 251 -3.72 -14.43 8.13
CA PHE B 251 -3.03 -14.99 9.30
C PHE B 251 -3.86 -14.78 10.56
N LYS B 252 -4.25 -15.88 11.19
CA LYS B 252 -5.13 -15.83 12.37
C LYS B 252 -6.43 -15.09 12.05
N GLY B 253 -6.91 -15.24 10.81
CA GLY B 253 -8.21 -14.72 10.41
C GLY B 253 -8.19 -13.29 9.91
N GLN B 254 -7.06 -12.61 10.10
CA GLN B 254 -6.89 -11.24 9.63
C GLN B 254 -6.07 -11.25 8.34
N PRO B 255 -6.21 -10.22 7.50
CA PRO B 255 -5.52 -10.27 6.21
C PRO B 255 -4.09 -9.81 6.31
N SER B 256 -3.23 -10.29 5.42
CA SER B 256 -1.88 -9.76 5.27
C SER B 256 -1.96 -8.30 4.87
N LYS B 257 -1.23 -7.45 5.58
CA LYS B 257 -1.24 -6.03 5.30
C LYS B 257 0.07 -5.59 4.69
N PRO B 258 0.20 -5.70 3.36
CA PRO B 258 1.40 -5.22 2.68
C PRO B 258 1.48 -3.71 2.71
N PHE B 259 2.67 -3.16 2.97
CA PHE B 259 2.91 -1.74 2.84
C PHE B 259 2.79 -1.33 1.37
N VAL B 260 1.80 -0.52 1.05
CA VAL B 260 1.62 -0.03 -0.31
C VAL B 260 2.65 1.06 -0.58
N GLY B 261 3.26 1.02 -1.75
CA GLY B 261 4.23 2.02 -2.11
C GLY B 261 3.92 2.60 -3.47
N VAL B 262 4.04 3.92 -3.59
CA VAL B 262 3.85 4.59 -4.86
C VAL B 262 5.19 4.92 -5.51
N LEU B 263 5.53 4.25 -6.61
CA LEU B 263 6.74 4.58 -7.34
C LEU B 263 6.68 6.04 -7.73
N SER B 264 7.65 6.83 -7.31
CA SER B 264 7.64 8.26 -7.58
C SER B 264 8.93 8.71 -8.23
N ALA B 265 8.89 9.85 -8.91
CA ALA B 265 10.07 10.41 -9.53
C ALA B 265 10.31 11.82 -9.01
N GLY B 266 11.41 12.02 -8.30
CA GLY B 266 11.76 13.33 -7.77
C GLY B 266 12.85 14.00 -8.58
N ILE B 267 12.96 15.32 -8.44
CA ILE B 267 13.99 16.05 -9.15
C ILE B 267 15.06 16.53 -8.19
N ASN B 268 16.33 16.27 -8.50
CA ASN B 268 17.43 16.70 -7.65
C ASN B 268 17.44 18.22 -7.51
N ALA B 269 17.59 18.71 -6.29
CA ALA B 269 17.60 20.15 -6.03
C ALA B 269 18.89 20.79 -6.55
N ALA B 270 19.91 19.95 -6.81
CA ALA B 270 21.19 20.42 -7.31
C ALA B 270 21.28 20.23 -8.82
N SER B 271 20.16 19.83 -9.43
CA SER B 271 20.11 19.66 -10.87
C SER B 271 20.03 21.03 -11.55
N PRO B 272 20.92 21.29 -12.50
CA PRO B 272 20.80 22.52 -13.29
C PRO B 272 19.73 22.37 -14.37
N ASN B 273 19.09 21.20 -14.41
CA ASN B 273 18.17 20.87 -15.49
C ASN B 273 16.77 20.56 -14.98
N LYS B 274 16.32 21.32 -13.98
CA LYS B 274 15.00 21.09 -13.38
C LYS B 274 13.88 21.33 -14.38
N GLU B 275 14.14 22.16 -15.39
CA GLU B 275 13.12 22.49 -16.40
C GLU B 275 13.04 21.37 -17.43
N LEU B 276 14.19 20.83 -17.81
CA LEU B 276 14.25 19.71 -18.74
C LEU B 276 13.66 18.47 -18.08
N ALA B 277 13.82 18.37 -16.77
CA ALA B 277 13.29 17.24 -16.02
C ALA B 277 11.77 17.34 -15.94
N LYS B 278 11.25 18.55 -15.78
CA LYS B 278 9.81 18.77 -15.71
C LYS B 278 9.14 18.43 -17.04
N GLU B 279 9.83 18.75 -18.13
CA GLU B 279 9.33 18.45 -19.47
C GLU B 279 9.28 16.95 -19.72
N PHE B 280 10.36 16.26 -19.37
CA PHE B 280 10.44 14.83 -19.63
C PHE B 280 9.42 14.05 -18.81
N LEU B 281 9.17 14.49 -17.60
CA LEU B 281 8.28 13.76 -16.70
C LEU B 281 6.81 14.05 -16.99
N GLU B 282 6.50 15.30 -17.29
CA GLU B 282 5.12 15.74 -17.46
C GLU B 282 4.57 15.46 -18.85
N ASN B 283 5.43 15.48 -19.85
CA ASN B 283 4.96 15.45 -21.23
C ASN B 283 5.54 14.32 -22.05
N TYR B 284 6.22 13.39 -21.39
CA TYR B 284 6.72 12.20 -22.05
C TYR B 284 6.40 10.94 -21.25
N LEU B 285 6.96 10.84 -20.05
CA LEU B 285 6.78 9.68 -19.20
C LEU B 285 5.34 9.55 -18.70
N LEU B 286 4.75 10.68 -18.31
CA LEU B 286 3.38 10.68 -17.81
C LEU B 286 2.33 10.95 -18.90
N THR B 287 2.31 10.06 -19.90
CA THR B 287 1.22 10.04 -20.88
C THR B 287 0.89 8.58 -21.19
N ASP B 288 -0.11 8.37 -22.03
CA ASP B 288 -0.49 7.02 -22.41
C ASP B 288 0.67 6.31 -23.11
N GLU B 289 1.45 7.05 -23.89
CA GLU B 289 2.52 6.46 -24.69
C GLU B 289 3.77 6.20 -23.86
N GLY B 290 4.09 7.13 -22.97
CA GLY B 290 5.27 7.01 -22.13
C GLY B 290 5.13 5.93 -21.09
N LEU B 291 4.03 5.96 -20.34
CA LEU B 291 3.76 4.95 -19.33
C LEU B 291 3.66 3.57 -19.95
N GLU B 292 3.10 3.49 -21.16
CA GLU B 292 2.99 2.21 -21.85
C GLU B 292 4.35 1.59 -22.12
N ALA B 293 5.32 2.43 -22.51
CA ALA B 293 6.66 1.95 -22.84
C ALA B 293 7.36 1.37 -21.63
N VAL B 294 7.04 1.86 -20.46
CA VAL B 294 7.63 1.35 -19.23
C VAL B 294 6.87 0.15 -18.71
N ASN B 295 5.56 0.12 -18.95
CA ASN B 295 4.71 -0.97 -18.50
C ASN B 295 5.03 -2.25 -19.26
N LYS B 296 5.31 -2.12 -20.54
CA LYS B 296 5.61 -3.27 -21.39
C LYS B 296 6.92 -3.95 -20.97
N ASP B 297 7.89 -3.14 -20.55
CA ASP B 297 9.18 -3.67 -20.14
C ASP B 297 9.07 -4.44 -18.83
N LYS B 298 8.46 -3.79 -17.83
CA LYS B 298 8.17 -4.43 -16.55
C LYS B 298 6.93 -3.74 -15.97
N PRO B 299 5.82 -4.48 -15.81
CA PRO B 299 4.57 -3.86 -15.37
C PRO B 299 4.73 -2.92 -14.16
N LEU B 300 4.02 -1.80 -14.17
CA LEU B 300 4.16 -0.78 -13.14
C LEU B 300 3.19 -0.98 -11.98
N GLY B 301 2.18 -1.83 -12.19
CA GLY B 301 1.08 -1.96 -11.25
C GLY B 301 -0.12 -1.18 -11.75
N ALA B 302 -0.78 -0.46 -10.85
CA ALA B 302 -1.94 0.36 -11.21
C ALA B 302 -1.52 1.82 -11.32
N VAL B 303 -1.24 2.26 -12.55
CA VAL B 303 -0.65 3.60 -12.76
C VAL B 303 -1.48 4.74 -12.16
N ALA B 304 -0.81 5.87 -11.91
CA ALA B 304 -1.45 7.03 -11.31
C ALA B 304 -2.10 7.92 -12.36
N LEU B 305 -1.81 7.67 -13.64
CA LEU B 305 -2.38 8.45 -14.73
C LEU B 305 -3.78 7.93 -15.08
N LYS B 306 -4.79 8.71 -14.68
CA LYS B 306 -6.19 8.29 -14.78
C LYS B 306 -6.52 7.61 -16.11
N SER B 307 -6.00 8.15 -17.21
CA SER B 307 -6.36 7.62 -18.53
C SER B 307 -5.80 6.22 -18.74
N TYR B 308 -4.48 6.06 -18.58
CA TYR B 308 -3.86 4.77 -18.84
C TYR B 308 -4.25 3.75 -17.76
N GLU B 309 -4.84 4.23 -16.67
CA GLU B 309 -5.27 3.35 -15.59
C GLU B 309 -6.53 2.62 -16.00
N GLU B 310 -7.49 3.38 -16.53
CA GLU B 310 -8.76 2.84 -16.97
C GLU B 310 -8.58 1.86 -18.12
N GLU B 311 -7.46 1.97 -18.82
CA GLU B 311 -7.19 1.11 -19.96
C GLU B 311 -6.65 -0.26 -19.53
N LEU B 312 -5.94 -0.31 -18.42
CA LEU B 312 -5.36 -1.56 -17.93
C LEU B 312 -6.21 -2.18 -16.82
N ALA B 313 -7.17 -1.43 -16.29
CA ALA B 313 -7.95 -1.86 -15.13
C ALA B 313 -8.54 -3.26 -15.29
N LYS B 314 -8.84 -3.64 -16.53
CA LYS B 314 -9.46 -4.93 -16.82
C LYS B 314 -8.54 -6.08 -16.39
N ASP B 315 -7.24 -5.89 -16.60
CA ASP B 315 -6.22 -6.89 -16.24
C ASP B 315 -6.42 -7.38 -14.80
N PRO B 316 -6.79 -8.66 -14.63
CA PRO B 316 -7.09 -9.18 -13.29
C PRO B 316 -5.88 -9.13 -12.37
N ARG B 317 -4.69 -9.16 -12.95
CA ARG B 317 -3.45 -9.07 -12.17
C ARG B 317 -3.41 -7.72 -11.43
N ILE B 318 -3.85 -6.66 -12.10
CA ILE B 318 -3.92 -5.34 -11.48
C ILE B 318 -4.99 -5.33 -10.40
N ALA B 319 -6.10 -6.01 -10.66
CA ALA B 319 -7.22 -6.06 -9.72
C ALA B 319 -6.79 -6.70 -8.41
N ALA B 320 -5.98 -7.74 -8.49
CA ALA B 320 -5.50 -8.43 -7.30
C ALA B 320 -4.47 -7.59 -6.55
N THR B 321 -3.73 -6.77 -7.29
CA THR B 321 -2.76 -5.88 -6.68
C THR B 321 -3.48 -4.88 -5.77
N MET B 322 -4.54 -4.27 -6.28
CA MET B 322 -5.26 -3.22 -5.55
C MET B 322 -6.11 -3.82 -4.42
N GLU B 323 -6.49 -5.08 -4.55
CA GLU B 323 -7.22 -5.74 -3.48
C GLU B 323 -6.31 -5.86 -2.27
N ASN B 324 -5.07 -6.25 -2.51
CA ASN B 324 -4.09 -6.35 -1.44
C ASN B 324 -3.65 -4.97 -0.94
N ALA B 325 -3.68 -3.99 -1.83
CA ALA B 325 -3.32 -2.62 -1.47
C ALA B 325 -4.38 -2.03 -0.53
N GLN B 326 -5.63 -2.46 -0.68
CA GLN B 326 -6.72 -1.95 0.13
C GLN B 326 -6.59 -2.51 1.55
N LYS B 327 -6.18 -3.77 1.63
CA LYS B 327 -6.07 -4.46 2.91
C LYS B 327 -4.80 -4.07 3.65
N GLY B 328 -3.82 -3.59 2.89
CA GLY B 328 -2.57 -3.13 3.46
C GLY B 328 -2.68 -1.69 3.95
N GLU B 329 -1.53 -1.05 4.13
CA GLU B 329 -1.48 0.32 4.60
C GLU B 329 -0.49 1.09 3.74
N ILE B 330 -0.82 2.32 3.35
CA ILE B 330 0.12 3.12 2.58
C ILE B 330 1.30 3.53 3.46
N MET B 331 2.51 3.33 2.95
CA MET B 331 3.72 3.66 3.69
C MET B 331 3.73 5.12 4.06
N PRO B 332 4.22 5.44 5.27
CA PRO B 332 4.43 6.86 5.56
C PRO B 332 5.66 7.34 4.79
N ASN B 333 5.84 8.65 4.66
CA ASN B 333 7.03 9.15 4.00
C ASN B 333 7.94 9.91 4.94
N ILE B 334 7.56 9.99 6.21
CA ILE B 334 8.38 10.68 7.20
C ILE B 334 9.84 10.20 7.14
N PRO B 335 10.80 11.07 7.45
CA PRO B 335 12.22 10.72 7.42
C PRO B 335 12.57 9.47 8.23
N GLN B 336 11.81 9.18 9.27
CA GLN B 336 12.13 8.07 10.17
C GLN B 336 11.80 6.70 9.57
N MET B 337 11.34 6.67 8.32
CA MET B 337 10.98 5.41 7.69
C MET B 337 12.22 4.58 7.42
N SER B 338 13.26 5.19 6.88
CA SER B 338 14.46 4.42 6.56
C SER B 338 14.99 3.76 7.83
N ALA B 339 14.92 4.47 8.96
CA ALA B 339 15.34 3.91 10.24
C ALA B 339 14.55 2.65 10.53
N PHE B 340 13.23 2.78 10.55
CA PHE B 340 12.35 1.64 10.78
C PHE B 340 12.69 0.46 9.88
N TRP B 341 12.90 0.71 8.60
CA TRP B 341 13.14 -0.37 7.66
C TRP B 341 14.41 -1.11 8.01
N TYR B 342 15.44 -0.38 8.44
CA TYR B 342 16.70 -1.00 8.80
C TYR B 342 16.55 -1.81 10.08
N ALA B 343 15.86 -1.24 11.07
CA ALA B 343 15.64 -1.93 12.35
C ALA B 343 15.02 -3.30 12.12
N VAL B 344 14.08 -3.40 11.17
CA VAL B 344 13.37 -4.64 10.87
C VAL B 344 14.16 -5.52 9.90
N ARG B 345 14.88 -4.90 8.97
CA ARG B 345 15.75 -5.64 8.07
C ARG B 345 16.67 -6.55 8.88
N THR B 346 17.09 -6.07 10.05
CA THR B 346 17.94 -6.85 10.94
C THR B 346 17.09 -7.85 11.75
N ALA B 347 16.10 -7.34 12.46
CA ALA B 347 15.25 -8.18 13.30
C ALA B 347 14.84 -9.45 12.58
N VAL B 348 14.33 -9.34 11.36
CA VAL B 348 13.87 -10.50 10.60
C VAL B 348 15.02 -11.45 10.27
N ILE B 349 16.16 -10.91 9.85
CA ILE B 349 17.30 -11.75 9.51
C ILE B 349 17.86 -12.50 10.73
N ASN B 350 18.12 -11.76 11.81
CA ASN B 350 18.62 -12.37 13.04
C ASN B 350 17.65 -13.42 13.60
N ALA B 351 16.36 -13.10 13.56
CA ALA B 351 15.35 -13.99 14.10
C ALA B 351 15.19 -15.26 13.26
N ALA B 352 15.44 -15.15 11.96
CA ALA B 352 15.24 -16.26 11.04
C ALA B 352 16.48 -17.17 10.97
N SER B 353 17.65 -16.55 10.95
CA SER B 353 18.91 -17.29 10.78
C SER B 353 19.32 -18.00 12.07
N GLY B 354 18.66 -17.66 13.17
CA GLY B 354 18.91 -18.31 14.43
C GLY B 354 19.82 -17.51 15.35
N ARG B 355 20.39 -16.42 14.83
CA ARG B 355 21.31 -15.60 15.60
C ARG B 355 20.68 -15.06 16.88
N GLN B 356 19.36 -15.03 16.93
CA GLN B 356 18.65 -14.29 17.97
C GLN B 356 17.21 -14.78 18.10
N THR B 357 16.64 -14.65 19.30
CA THR B 357 15.27 -15.07 19.53
C THR B 357 14.31 -14.02 18.99
N VAL B 358 13.14 -14.44 18.55
CA VAL B 358 12.13 -13.53 18.00
C VAL B 358 11.78 -12.45 19.01
N ASP B 359 11.68 -12.82 20.28
CA ASP B 359 11.23 -11.91 21.33
C ASP B 359 12.21 -10.76 21.57
N ALA B 360 13.50 -10.99 21.34
CA ALA B 360 14.52 -9.98 21.60
C ALA B 360 15.02 -9.30 20.32
N ALA B 361 14.75 -9.94 19.18
CA ALA B 361 15.08 -9.35 17.89
C ALA B 361 14.12 -8.19 17.62
N LEU B 362 12.86 -8.38 18.01
CA LEU B 362 11.84 -7.35 17.82
C LEU B 362 11.92 -6.31 18.93
N ALA B 363 12.31 -6.72 20.13
CA ALA B 363 12.48 -5.77 21.22
C ALA B 363 13.66 -4.85 20.88
N ALA B 364 14.56 -5.36 20.05
CA ALA B 364 15.72 -4.57 19.61
C ALA B 364 15.33 -3.54 18.57
N ALA B 365 14.54 -3.97 17.58
CA ALA B 365 14.07 -3.09 16.54
C ALA B 365 13.20 -1.98 17.11
N GLN B 366 12.60 -2.24 18.26
CA GLN B 366 11.73 -1.26 18.91
C GLN B 366 12.52 -0.03 19.38
N THR B 367 13.66 -0.27 20.03
CA THR B 367 14.48 0.82 20.55
C THR B 367 15.30 1.49 19.43
N ASN B 368 15.66 0.71 18.41
CA ASN B 368 16.52 1.19 17.33
C ASN B 368 15.76 1.98 16.28
N ALA B 369 14.47 1.69 16.12
CA ALA B 369 13.63 2.44 15.20
C ALA B 369 13.39 3.84 15.76
N ALA B 370 13.17 3.91 17.06
CA ALA B 370 12.81 5.15 17.72
C ALA B 370 13.93 6.17 17.75
N ALA B 371 15.13 5.75 18.06
CA ALA B 371 15.97 6.68 18.76
C ALA B 371 16.66 7.63 17.78
N PRO B 372 16.16 8.86 17.67
CA PRO B 372 16.55 9.72 16.54
C PRO B 372 18.06 9.95 16.45
N GLY B 373 18.71 10.24 17.58
CA GLY B 373 20.13 10.54 17.58
C GLY B 373 21.00 9.39 17.06
N LEU B 374 20.62 8.19 17.34
CA LEU B 374 21.36 7.05 16.87
C LEU B 374 21.25 7.02 15.40
N HIS B 375 20.05 7.30 14.96
CA HIS B 375 19.72 7.05 13.61
C HIS B 375 20.58 7.87 12.74
N ALA B 376 20.84 9.09 13.16
CA ALA B 376 21.57 10.00 12.33
C ALA B 376 22.94 9.48 12.08
N ILE B 377 23.53 8.94 13.12
CA ILE B 377 24.86 8.41 13.04
C ILE B 377 24.91 7.23 12.12
N TYR B 378 23.92 6.38 12.21
CA TYR B 378 23.94 5.19 11.41
C TYR B 378 23.95 5.68 9.99
N GLY B 379 23.17 6.72 9.74
CA GLY B 379 22.97 7.18 8.39
C GLY B 379 24.25 7.71 7.83
N GLU B 380 24.97 8.41 8.67
CA GLU B 380 26.19 9.02 8.23
C GLU B 380 27.14 7.92 7.87
N CYS B 381 27.12 6.86 8.65
CA CYS B 381 28.03 5.78 8.41
C CYS B 381 27.76 5.19 7.10
N ARG B 382 26.49 5.06 6.83
CA ARG B 382 26.09 4.37 5.62
C ARG B 382 26.53 5.17 4.42
N ARG B 383 26.43 6.50 4.52
CA ARG B 383 26.82 7.35 3.41
C ARG B 383 28.26 7.10 2.99
N LEU B 384 29.07 6.56 3.91
CA LEU B 384 30.46 6.27 3.62
C LEU B 384 30.66 4.81 3.23
N TYR B 385 29.84 3.93 3.78
CA TYR B 385 30.02 2.49 3.54
C TYR B 385 28.71 1.85 3.09
N PRO B 386 28.26 2.23 1.88
CA PRO B 386 27.02 1.72 1.30
C PRO B 386 27.01 0.20 1.22
N ASP B 387 28.17 -0.41 1.00
CA ASP B 387 28.22 -1.85 0.78
C ASP B 387 28.57 -2.67 2.02
N GLN B 388 28.43 -2.06 3.20
CA GLN B 388 28.58 -2.79 4.45
C GLN B 388 27.39 -2.51 5.35
N PRO B 389 26.25 -3.16 5.09
CA PRO B 389 25.05 -2.87 5.88
C PRO B 389 25.15 -3.48 7.28
N ASN B 390 25.98 -4.50 7.44
CA ASN B 390 26.11 -5.16 8.74
C ASN B 390 27.57 -5.33 9.18
N PRO B 391 28.15 -4.26 9.75
CA PRO B 391 29.55 -4.22 10.16
C PRO B 391 29.79 -4.96 11.47
N LEU B 392 30.97 -5.53 11.66
CA LEU B 392 31.30 -6.07 12.97
C LEU B 392 31.12 -4.94 13.96
N GLN B 393 30.59 -5.24 15.14
CA GLN B 393 30.17 -4.19 16.07
C GLN B 393 30.20 -4.62 17.53
N VAL B 394 30.83 -3.82 18.39
CA VAL B 394 30.86 -4.09 19.82
C VAL B 394 29.71 -3.38 20.51
N THR B 395 28.99 -4.11 21.37
CA THR B 395 27.86 -3.53 22.10
C THR B 395 28.04 -3.67 23.60
N ALA B 396 27.79 -2.59 24.34
CA ALA B 396 27.77 -2.66 25.79
C ALA B 396 26.53 -3.44 26.23
N ILE B 397 26.74 -4.59 26.89
CA ILE B 397 25.63 -5.46 27.26
C ILE B 397 24.94 -5.01 28.55
N VAL B 398 25.69 -4.37 29.45
CA VAL B 398 25.11 -3.69 30.60
C VAL B 398 25.09 -2.20 30.31
N LYS B 399 23.94 -1.69 29.89
CA LYS B 399 23.85 -0.31 29.43
C LYS B 399 24.33 0.68 30.48
N TYR B 400 25.00 1.72 30.01
CA TYR B 400 25.63 2.70 30.89
C TYR B 400 24.62 3.41 31.81
N TRP B 401 23.35 3.41 31.45
CA TRP B 401 22.35 4.13 32.24
C TRP B 401 21.58 3.23 33.21
N LEU B 402 22.03 1.99 33.36
CA LEU B 402 21.50 1.11 34.39
C LEU B 402 22.60 0.82 35.40
N GLY B 403 23.60 1.70 35.43
CA GLY B 403 24.72 1.57 36.34
C GLY B 403 25.93 0.94 35.69
N GLY B 404 25.86 0.73 34.39
CA GLY B 404 26.95 0.09 33.67
C GLY B 404 28.20 0.95 33.64
N PRO B 405 29.36 0.31 33.44
CA PRO B 405 30.64 1.02 33.39
C PRO B 405 30.92 1.71 32.06
N ASP B 406 30.57 1.06 30.97
CA ASP B 406 30.94 1.53 29.63
C ASP B 406 29.88 2.44 29.03
N PRO B 407 30.21 3.72 28.82
CA PRO B 407 29.26 4.75 28.37
C PRO B 407 28.90 4.70 26.89
N LEU B 408 29.70 4.02 26.07
CA LEU B 408 29.41 3.88 24.64
C LEU B 408 28.53 2.65 24.41
N ASP B 409 27.28 2.90 24.01
CA ASP B 409 26.32 1.83 23.77
C ASP B 409 26.73 0.94 22.60
N TYR B 410 27.35 1.53 21.59
CA TYR B 410 27.86 0.77 20.47
C TYR B 410 29.18 1.34 19.97
N VAL B 411 29.94 0.52 19.26
CA VAL B 411 31.07 1.00 18.49
C VAL B 411 31.07 0.20 17.19
N SER B 412 30.81 0.86 16.07
CA SER B 412 30.77 0.19 14.78
C SER B 412 32.16 0.13 14.15
N MET B 413 32.45 -0.95 13.44
CA MET B 413 33.77 -1.16 12.85
C MET B 413 33.67 -1.43 11.34
N TYR B 414 33.96 -0.40 10.55
CA TYR B 414 33.89 -0.51 9.10
C TYR B 414 35.26 -0.82 8.49
N ARG B 415 35.26 -1.33 7.26
CA ARG B 415 36.50 -1.53 6.51
C ARG B 415 36.64 -0.42 5.48
N ASN B 416 37.65 0.42 5.64
CA ASN B 416 37.90 1.51 4.69
C ASN B 416 39.04 1.14 3.75
N VAL B 417 38.71 0.91 2.48
CA VAL B 417 39.70 0.41 1.51
C VAL B 417 40.81 1.42 1.24
N GLY B 418 40.64 2.64 1.72
CA GLY B 418 41.64 3.67 1.53
C GLY B 418 41.65 4.20 0.11
N SER B 419 42.74 4.84 -0.28
CA SER B 419 42.90 5.34 -1.63
C SER B 419 44.28 4.97 -2.16
N PRO B 420 44.34 4.12 -3.19
CA PRO B 420 45.65 3.71 -3.71
C PRO B 420 46.35 4.83 -4.50
N SER B 421 45.58 5.76 -5.05
CA SER B 421 46.15 6.87 -5.83
C SER B 421 46.76 7.95 -4.94
N ALA B 422 46.19 8.13 -3.75
CA ALA B 422 46.64 9.20 -2.85
C ALA B 422 47.47 8.70 -1.67
N ASN B 423 47.91 7.44 -1.73
CA ASN B 423 48.81 6.90 -0.72
C ASN B 423 48.16 6.75 0.67
N ILE B 424 46.84 6.53 0.69
CA ILE B 424 46.12 6.28 1.93
C ILE B 424 45.84 4.78 2.09
N PRO B 425 46.47 4.14 3.09
CA PRO B 425 46.39 2.68 3.22
C PRO B 425 45.01 2.16 3.60
N GLU B 426 44.78 0.87 3.36
CA GLU B 426 43.57 0.21 3.83
C GLU B 426 43.61 0.16 5.36
N HIS B 427 42.50 0.52 6.00
CA HIS B 427 42.45 0.61 7.45
C HIS B 427 41.06 0.29 7.99
N TRP B 428 40.94 0.24 9.31
CA TRP B 428 39.66 0.03 9.97
C TRP B 428 39.18 1.35 10.54
N HIS B 429 37.88 1.62 10.42
CA HIS B 429 37.32 2.87 10.89
C HIS B 429 36.28 2.61 11.97
N TYR B 430 36.57 3.06 13.18
CA TYR B 430 35.64 2.89 14.30
C TYR B 430 34.83 4.16 14.54
N ILE B 431 33.52 4.02 14.70
CA ILE B 431 32.67 5.14 15.10
C ILE B 431 31.95 4.76 16.40
N SER B 432 31.86 5.69 17.34
CA SER B 432 31.24 5.41 18.64
C SER B 432 29.80 5.91 18.72
N PHE B 433 29.07 5.43 19.71
CA PHE B 433 27.67 5.84 19.90
C PHE B 433 27.34 6.02 21.37
N GLY B 434 27.11 7.26 21.78
CA GLY B 434 26.66 7.52 23.13
C GLY B 434 27.29 8.73 23.77
N LEU B 435 28.29 9.33 23.12
CA LEU B 435 28.85 10.57 23.61
C LEU B 435 27.86 11.67 23.26
N SER B 436 27.18 11.51 22.13
CA SER B 436 26.07 12.40 21.78
C SER B 436 24.77 11.80 22.32
N ASP B 437 23.66 12.52 22.12
CA ASP B 437 22.38 12.08 22.65
C ASP B 437 21.66 11.18 21.66
N LEU B 438 21.62 9.89 21.95
CA LEU B 438 21.03 8.92 21.04
C LEU B 438 19.52 8.86 21.19
N TYR B 439 19.01 9.02 22.41
CA TYR B 439 17.61 8.72 22.68
C TYR B 439 16.77 9.96 22.99
N GLY B 440 17.42 11.00 23.52
CA GLY B 440 16.75 12.26 23.79
C GLY B 440 15.58 12.16 24.74
N ASP B 441 15.74 11.32 25.76
CA ASP B 441 14.70 11.16 26.78
C ASP B 441 15.31 11.21 28.17
N ASN B 442 16.35 12.03 28.33
CA ASN B 442 16.92 12.27 29.65
C ASN B 442 17.37 11.01 30.37
N ARG B 443 17.75 9.97 29.62
CA ARG B 443 18.24 8.74 30.23
C ARG B 443 19.74 8.79 30.50
N VAL B 444 20.49 9.44 29.61
CA VAL B 444 21.92 9.60 29.78
C VAL B 444 22.34 11.05 29.70
N HIS B 445 21.70 11.81 28.82
CA HIS B 445 22.08 13.19 28.54
C HIS B 445 20.88 14.12 28.61
N GLU B 446 21.09 15.33 29.11
CA GLU B 446 20.04 16.33 29.20
C GLU B 446 19.57 16.77 27.82
N PHE B 447 18.26 16.69 27.59
CA PHE B 447 17.68 17.10 26.32
C PHE B 447 17.74 18.61 26.19
N THR B 448 18.50 19.11 25.23
CA THR B 448 18.66 20.56 25.05
C THR B 448 18.21 21.04 23.67
N GLY B 449 17.11 20.49 23.18
CA GLY B 449 16.52 20.94 21.93
C GLY B 449 17.40 20.77 20.70
N THR B 450 16.88 21.16 19.54
CA THR B 450 17.61 21.00 18.29
C THR B 450 18.75 22.02 18.15
N ASP B 451 18.71 23.07 18.96
CA ASP B 451 19.74 24.09 18.93
C ASP B 451 20.79 23.80 20.02
N GLY B 452 22.05 23.72 19.62
CA GLY B 452 23.13 23.44 20.54
C GLY B 452 23.69 22.04 20.32
N PRO B 453 24.61 21.61 21.19
CA PRO B 453 25.21 20.28 21.07
C PRO B 453 24.30 19.13 21.52
N SER B 454 24.38 18.01 20.81
CA SER B 454 23.67 16.78 21.16
C SER B 454 24.50 16.03 22.18
N GLY B 455 24.12 16.09 23.45
CA GLY B 455 24.95 15.52 24.48
C GLY B 455 26.27 16.27 24.49
N PHE B 456 27.38 15.55 24.54
CA PHE B 456 28.70 16.19 24.55
C PHE B 456 29.02 16.84 23.19
N GLY B 457 28.21 16.53 22.18
CA GLY B 457 28.28 17.21 20.91
C GLY B 457 29.14 16.52 19.87
N PHE B 458 29.72 15.38 20.22
CA PHE B 458 30.56 14.66 19.27
C PHE B 458 30.57 13.14 19.53
N GLU B 459 31.08 12.38 18.57
CA GLU B 459 31.34 10.97 18.75
C GLU B 459 32.78 10.70 18.37
N LEU B 460 33.42 9.74 19.02
CA LEU B 460 34.80 9.40 18.69
C LEU B 460 34.87 8.55 17.42
N THR B 461 35.99 8.66 16.71
CA THR B 461 36.29 7.76 15.61
C THR B 461 37.78 7.44 15.68
N PHE B 462 38.18 6.37 15.01
CA PHE B 462 39.57 5.92 15.03
C PHE B 462 39.88 5.21 13.71
N ARG B 463 41.10 5.40 13.20
CA ARG B 463 41.49 4.75 11.96
C ARG B 463 42.76 3.96 12.20
N LEU B 464 42.65 2.63 12.20
CA LEU B 464 43.76 1.75 12.51
C LEU B 464 44.28 1.08 11.25
N LYS B 465 45.58 1.22 10.98
CA LYS B 465 46.17 0.59 9.80
C LYS B 465 45.90 -0.91 9.81
N ARG B 466 45.39 -1.43 8.69
CA ARG B 466 45.11 -2.86 8.57
C ARG B 466 46.42 -3.64 8.51
N GLU B 467 46.60 -4.55 9.46
CA GLU B 467 47.76 -5.44 9.43
C GLU B 467 47.53 -6.56 8.43
N THR B 468 48.59 -7.25 8.04
CA THR B 468 48.51 -8.21 6.96
C THR B 468 47.90 -9.53 7.45
N GLY B 469 47.01 -10.09 6.65
CA GLY B 469 46.33 -11.33 7.01
C GLY B 469 45.22 -11.11 8.03
N GLU B 470 44.72 -9.87 8.13
CA GLU B 470 43.63 -9.56 9.05
C GLU B 470 42.29 -9.55 8.33
N SER B 471 41.49 -10.60 8.55
CA SER B 471 40.20 -10.73 7.88
C SER B 471 39.19 -9.73 8.40
N ALA B 472 39.32 -9.38 9.67
CA ALA B 472 38.35 -8.52 10.32
C ALA B 472 39.04 -7.52 11.23
N PRO B 473 38.35 -6.43 11.60
CA PRO B 473 38.97 -5.43 12.48
C PRO B 473 39.14 -5.97 13.89
N PRO B 474 40.26 -5.63 14.55
CA PRO B 474 40.45 -6.02 15.95
C PRO B 474 39.45 -5.27 16.83
N THR B 475 39.24 -5.72 18.06
CA THR B 475 38.25 -5.09 18.92
C THR B 475 38.88 -4.27 20.05
N TRP B 476 40.21 -4.28 20.16
CA TRP B 476 40.87 -3.58 21.26
C TRP B 476 40.62 -2.05 21.21
N PRO B 477 40.40 -1.49 20.00
CA PRO B 477 40.18 -0.04 20.01
C PRO B 477 38.82 0.35 20.59
N ALA B 478 37.84 -0.55 20.52
CA ALA B 478 36.53 -0.27 21.12
C ALA B 478 36.73 -0.11 22.63
N GLU B 479 37.60 -0.94 23.20
CA GLU B 479 37.95 -0.82 24.61
C GLU B 479 38.55 0.56 24.88
N LEU B 480 39.47 0.97 24.03
CA LEU B 480 40.14 2.26 24.17
C LEU B 480 39.15 3.42 24.20
N MET B 481 38.19 3.38 23.28
CA MET B 481 37.18 4.43 23.18
C MET B 481 36.27 4.44 24.40
N GLN B 482 36.07 3.28 25.03
CA GLN B 482 35.33 3.23 26.27
C GLN B 482 36.14 3.98 27.33
N GLY B 483 37.46 3.84 27.27
CA GLY B 483 38.34 4.50 28.21
C GLY B 483 38.30 6.01 28.06
N LEU B 484 38.36 6.48 26.82
CA LEU B 484 38.30 7.92 26.56
C LEU B 484 36.94 8.47 26.90
N ALA B 485 35.89 7.70 26.62
CA ALA B 485 34.54 8.17 26.86
C ALA B 485 34.32 8.35 28.35
N ARG B 486 34.80 7.39 29.14
CA ARG B 486 34.73 7.48 30.59
C ARG B 486 35.43 8.74 31.06
N TYR B 487 36.62 9.00 30.50
CA TYR B 487 37.36 10.21 30.81
C TYR B 487 36.53 11.46 30.51
N VAL B 488 35.88 11.49 29.36
CA VAL B 488 35.02 12.60 28.97
C VAL B 488 33.94 12.88 30.01
N PHE B 489 33.30 11.81 30.48
CA PHE B 489 32.20 11.91 31.45
C PHE B 489 32.65 12.36 32.85
N GLN B 490 33.76 11.82 33.31
CA GLN B 490 34.27 12.14 34.65
C GLN B 490 34.82 13.56 34.70
N SER B 491 35.51 13.98 33.64
CA SER B 491 36.37 15.17 33.70
C SER B 491 35.70 16.44 33.16
N GLU B 492 35.00 16.30 32.04
CA GLU B 492 34.15 17.37 31.52
C GLU B 492 34.86 18.66 31.05
N ASN B 493 36.00 18.53 30.37
CA ASN B 493 36.35 19.51 29.35
C ASN B 493 35.85 18.94 28.05
N THR B 494 34.87 19.59 27.44
CA THR B 494 34.30 19.06 26.21
C THR B 494 35.34 19.23 25.10
N PHE B 495 35.76 18.13 24.50
CA PHE B 495 36.94 18.10 23.67
C PHE B 495 36.73 18.70 22.29
N CYS B 496 37.55 19.69 21.94
CA CYS B 496 37.46 20.35 20.64
C CYS B 496 38.61 19.87 19.75
N SER B 497 38.60 20.29 18.50
CA SER B 497 39.63 19.90 17.54
C SER B 497 40.99 20.45 17.94
N GLY B 498 41.98 19.58 18.11
CA GLY B 498 43.31 20.04 18.45
C GLY B 498 43.74 19.65 19.84
N ASP B 499 42.79 19.24 20.68
CA ASP B 499 43.08 18.86 22.05
C ASP B 499 44.00 17.64 22.09
N HIS B 500 44.76 17.50 23.17
CA HIS B 500 45.61 16.34 23.35
C HIS B 500 45.17 15.58 24.61
N VAL B 501 45.55 14.31 24.67
CA VAL B 501 45.23 13.47 25.82
C VAL B 501 46.41 12.59 26.20
N SER B 502 46.98 12.82 27.39
CA SER B 502 48.05 11.99 27.92
C SER B 502 47.47 10.66 28.37
N TRP B 503 47.92 9.57 27.76
CA TRP B 503 47.43 8.24 28.08
C TRP B 503 48.50 7.46 28.85
N HIS B 504 49.75 7.70 28.48
CA HIS B 504 50.89 7.12 29.18
C HIS B 504 50.89 5.60 29.16
N SER B 505 50.30 5.04 28.10
CA SER B 505 50.26 3.60 27.93
C SER B 505 50.12 3.31 26.44
N PRO B 506 50.93 2.39 25.91
CA PRO B 506 50.70 2.02 24.51
C PRO B 506 49.22 1.69 24.31
N LEU B 507 48.56 2.37 23.38
CA LEU B 507 47.10 2.32 23.25
C LEU B 507 46.55 0.89 23.15
N ASP B 508 47.31 0.00 22.52
CA ASP B 508 46.86 -1.38 22.32
C ASP B 508 47.32 -2.35 23.40
N ASN B 509 48.03 -1.85 24.40
CA ASN B 509 48.58 -2.68 25.47
C ASN B 509 49.64 -3.66 25.00
N SER B 510 50.12 -3.47 23.76
CA SER B 510 51.38 -4.07 23.35
C SER B 510 52.47 -3.03 23.61
N GLU B 511 53.72 -3.32 23.25
CA GLU B 511 54.81 -2.39 23.53
C GLU B 511 54.85 -1.17 22.62
N SER B 512 53.87 -1.03 21.72
CA SER B 512 53.89 0.01 20.70
C SER B 512 54.34 1.36 21.25
N ARG B 513 55.11 2.09 20.46
CA ARG B 513 55.61 3.41 20.87
C ARG B 513 54.51 4.47 20.86
N ILE B 514 53.40 4.15 20.20
CA ILE B 514 52.24 5.03 20.16
C ILE B 514 51.48 4.93 21.48
N GLN B 515 51.68 5.92 22.35
CA GLN B 515 51.15 5.84 23.71
C GLN B 515 50.28 7.03 24.12
N HIS B 516 49.93 7.87 23.15
CA HIS B 516 49.10 9.04 23.44
C HIS B 516 48.13 9.33 22.32
N MET B 517 47.48 10.48 22.38
CA MET B 517 46.42 10.80 21.45
C MET B 517 46.25 12.29 21.24
N LEU B 518 46.07 12.69 19.99
CA LEU B 518 45.63 14.03 19.66
C LEU B 518 44.25 13.86 19.03
N LEU B 519 43.40 14.89 19.13
CA LEU B 519 42.06 14.82 18.56
C LEU B 519 41.96 15.79 17.40
N THR B 520 41.19 15.41 16.37
CA THR B 520 41.01 16.26 15.19
C THR B 520 39.76 15.84 14.44
N GLU B 521 39.19 16.78 13.69
CA GLU B 521 37.95 16.51 12.97
C GLU B 521 38.14 15.38 11.98
N ASP B 522 37.30 14.36 12.10
CA ASP B 522 37.34 13.22 11.19
C ASP B 522 37.21 13.72 9.76
N PRO B 523 38.12 13.29 8.87
CA PRO B 523 38.23 13.81 7.51
C PRO B 523 37.05 13.47 6.59
N GLN B 524 36.25 12.46 6.93
CA GLN B 524 35.15 12.04 6.08
C GLN B 524 33.78 12.26 6.73
N MET B 525 33.59 11.73 7.94
CA MET B 525 32.35 11.94 8.69
C MET B 525 32.02 13.43 8.70
N GLN B 526 30.78 13.78 8.35
CA GLN B 526 30.37 15.18 8.31
C GLN B 526 29.33 15.42 9.41
N PRO B 527 29.44 16.57 10.09
CA PRO B 527 28.50 16.86 11.18
C PRO B 527 27.06 16.66 10.77
N VAL B 528 26.23 16.19 11.69
CA VAL B 528 24.84 15.80 11.38
C VAL B 528 23.84 16.63 12.18
N GLN B 529 22.67 16.88 11.61
CA GLN B 529 21.59 17.50 12.36
C GLN B 529 20.72 16.43 12.97
N THR B 530 20.45 16.59 14.26
CA THR B 530 19.67 15.62 15.04
C THR B 530 18.55 16.38 15.72
N PRO B 531 17.39 15.74 15.90
CA PRO B 531 16.31 16.43 16.62
C PRO B 531 16.67 16.77 18.08
N PHE B 532 17.86 16.38 18.53
CA PHE B 532 18.31 16.65 19.90
C PHE B 532 19.55 17.55 19.93
N GLY B 533 20.10 17.86 18.76
CA GLY B 533 21.22 18.77 18.68
C GLY B 533 22.12 18.52 17.49
N VAL B 534 23.36 18.98 17.58
CA VAL B 534 24.32 18.80 16.50
C VAL B 534 25.38 17.79 16.92
N VAL B 535 25.84 16.99 15.98
CA VAL B 535 26.86 15.98 16.27
C VAL B 535 28.02 16.07 15.29
N THR B 536 29.17 16.53 15.76
CA THR B 536 30.38 16.48 14.93
C THR B 536 31.10 15.18 15.25
N PHE B 537 32.17 14.88 14.53
CA PHE B 537 32.92 13.65 14.78
C PHE B 537 34.41 13.92 15.00
N LEU B 538 34.88 13.65 16.21
CA LEU B 538 36.29 13.77 16.53
C LEU B 538 36.99 12.45 16.29
N GLN B 539 38.17 12.51 15.68
CA GLN B 539 38.96 11.31 15.42
C GLN B 539 40.18 11.29 16.34
N ILE B 540 40.44 10.12 16.93
CA ILE B 540 41.63 9.90 17.74
C ILE B 540 42.82 9.64 16.84
N VAL B 541 43.98 10.19 17.19
CA VAL B 541 45.20 9.99 16.41
C VAL B 541 46.34 9.60 17.33
N GLY B 542 46.78 8.34 17.27
CA GLY B 542 47.85 7.87 18.13
C GLY B 542 49.15 8.62 17.86
N VAL B 543 49.89 8.93 18.91
CA VAL B 543 51.17 9.64 18.77
C VAL B 543 52.19 9.13 19.80
N CYS B 544 53.47 9.39 19.55
CA CYS B 544 54.53 9.07 20.50
C CYS B 544 54.60 10.13 21.59
N THR B 545 55.27 9.84 22.70
CA THR B 545 55.35 10.83 23.78
C THR B 545 56.07 12.08 23.27
N GLU B 546 57.09 11.88 22.44
CA GLU B 546 57.85 12.99 21.89
C GLU B 546 56.92 13.95 21.15
N GLU B 547 55.95 13.39 20.43
CA GLU B 547 55.01 14.21 19.65
C GLU B 547 53.92 14.84 20.52
N LEU B 548 53.47 14.12 21.53
CA LEU B 548 52.54 14.66 22.52
C LEU B 548 53.13 15.90 23.17
N HIS B 549 54.43 15.86 23.45
CA HIS B 549 55.12 16.97 24.09
C HIS B 549 55.18 18.17 23.14
N SER B 550 55.38 17.92 21.85
CA SER B 550 55.40 19.00 20.86
C SER B 550 54.06 19.70 20.82
N ALA B 551 53.00 18.92 20.94
CA ALA B 551 51.65 19.48 20.87
C ALA B 551 51.36 20.32 22.10
N GLN B 552 52.01 19.99 23.21
CA GLN B 552 51.81 20.75 24.44
C GLN B 552 52.65 22.03 24.43
N GLN B 553 53.83 21.96 23.84
CA GLN B 553 54.74 23.09 23.76
C GLN B 553 54.31 24.12 22.73
N TRP B 554 53.68 23.67 21.65
CA TRP B 554 53.33 24.55 20.54
C TRP B 554 51.82 24.65 20.37
N ASN B 555 51.22 23.65 19.74
CA ASN B 555 49.78 23.60 19.55
C ASN B 555 49.36 22.21 19.10
N GLY B 556 48.07 21.92 19.20
CA GLY B 556 47.56 20.67 18.70
C GLY B 556 47.44 20.69 17.19
N GLN B 557 46.94 21.80 16.65
CA GLN B 557 46.71 21.92 15.22
C GLN B 557 48.00 21.83 14.42
N GLY B 558 49.03 22.56 14.87
CA GLY B 558 50.30 22.56 14.19
C GLY B 558 50.93 21.19 14.07
N ILE B 559 50.85 20.39 15.14
CA ILE B 559 51.44 19.05 15.11
C ILE B 559 50.61 18.13 14.24
N LEU B 560 49.30 18.35 14.22
CA LEU B 560 48.42 17.55 13.38
C LEU B 560 48.77 17.77 11.90
N GLU B 561 49.04 19.02 11.54
CA GLU B 561 49.46 19.34 10.17
C GLU B 561 50.69 18.52 9.78
N LEU B 562 51.62 18.37 10.71
CA LEU B 562 52.86 17.65 10.43
C LEU B 562 52.61 16.15 10.25
N LEU B 563 51.75 15.57 11.10
CA LEU B 563 51.45 14.16 10.98
C LEU B 563 50.83 13.87 9.62
N ARG B 564 50.24 14.89 9.00
CA ARG B 564 49.62 14.74 7.68
C ARG B 564 50.65 14.72 6.56
N THR B 565 51.77 15.40 6.76
CA THR B 565 52.82 15.47 5.74
C THR B 565 53.76 14.27 5.81
N VAL B 566 53.66 13.47 6.87
CA VAL B 566 54.41 12.22 6.97
C VAL B 566 53.44 11.05 6.83
N PRO B 567 53.32 10.47 5.62
CA PRO B 567 52.31 9.44 5.34
C PRO B 567 52.31 8.27 6.32
N ILE B 568 53.48 7.80 6.74
CA ILE B 568 53.58 6.59 7.56
C ILE B 568 53.23 6.87 9.02
N ALA B 569 52.82 8.10 9.33
CA ALA B 569 52.49 8.50 10.68
C ALA B 569 51.06 9.04 10.78
N GLY B 570 50.38 9.09 9.63
CA GLY B 570 49.00 9.54 9.59
C GLY B 570 48.54 9.85 8.18
N GLY B 571 49.35 10.61 7.45
CA GLY B 571 48.95 11.06 6.12
C GLY B 571 47.78 12.01 6.21
N PRO B 572 47.11 12.28 5.08
CA PRO B 572 46.00 13.22 5.04
C PRO B 572 44.82 12.81 5.91
N TRP B 573 44.70 11.52 6.20
CA TRP B 573 43.56 11.02 6.98
C TRP B 573 43.97 10.66 8.41
N LEU B 574 45.22 10.93 8.74
CA LEU B 574 45.70 10.74 10.10
C LEU B 574 45.35 9.35 10.61
N ILE B 575 45.70 8.34 9.81
CA ILE B 575 45.57 6.94 10.20
C ILE B 575 46.67 6.55 11.18
N THR B 576 46.29 5.89 12.27
CA THR B 576 47.24 5.48 13.28
C THR B 576 47.87 4.13 12.95
N ASP B 577 49.18 4.12 12.77
CA ASP B 577 49.92 2.88 12.56
C ASP B 577 50.59 2.47 13.87
N MET B 578 50.05 1.42 14.50
CA MET B 578 50.53 1.01 15.82
C MET B 578 51.89 0.32 15.79
N ARG B 579 52.40 0.03 14.61
CA ARG B 579 53.71 -0.60 14.49
C ARG B 579 54.77 0.41 14.10
N ARG B 580 54.40 1.68 14.10
CA ARG B 580 55.34 2.75 13.86
C ARG B 580 56.36 2.79 14.99
N GLY B 581 57.64 2.77 14.64
CA GLY B 581 58.69 2.71 15.63
C GLY B 581 59.53 3.97 15.69
N GLU B 582 59.18 4.95 14.87
CA GLU B 582 59.93 6.20 14.80
C GLU B 582 59.03 7.42 14.98
N THR B 583 59.50 8.43 15.71
CA THR B 583 58.77 9.69 15.80
C THR B 583 58.90 10.43 14.48
N ILE B 584 58.08 11.44 14.25
CA ILE B 584 58.14 12.19 13.00
C ILE B 584 59.41 13.04 12.92
N PHE B 585 60.08 13.22 14.06
CA PHE B 585 61.30 14.02 14.10
C PHE B 585 62.53 13.20 13.77
N GLU B 586 62.38 11.88 13.82
CA GLU B 586 63.47 10.96 13.48
C GLU B 586 63.34 10.49 12.04
N ILE B 587 62.15 10.64 11.48
CA ILE B 587 61.90 10.33 10.08
C ILE B 587 62.32 11.52 9.22
N ASP B 588 62.06 12.71 9.73
CA ASP B 588 62.29 13.94 9.00
C ASP B 588 62.84 14.98 9.99
N PRO B 589 64.16 14.96 10.22
CA PRO B 589 64.75 15.80 11.27
C PRO B 589 64.46 17.28 11.08
N HIS B 590 64.19 17.70 9.84
CA HIS B 590 63.99 19.11 9.54
C HIS B 590 62.61 19.61 9.95
N LEU B 591 61.85 18.77 10.65
CA LEU B 591 60.54 19.15 11.14
C LEU B 591 60.66 19.82 12.51
N GLN B 592 61.66 19.41 13.28
CA GLN B 592 61.92 20.01 14.58
C GLN B 592 62.07 21.52 14.43
N GLU B 593 62.60 21.94 13.29
CA GLU B 593 62.76 23.37 12.99
C GLU B 593 61.39 24.04 12.86
N ARG B 594 60.48 23.40 12.12
CA ARG B 594 59.14 23.96 11.93
C ARG B 594 58.42 24.21 13.25
N VAL B 595 58.63 23.32 14.23
CA VAL B 595 57.99 23.45 15.52
C VAL B 595 58.58 24.63 16.30
N ASP B 596 59.91 24.70 16.34
CA ASP B 596 60.60 25.79 17.05
C ASP B 596 60.16 27.14 16.48
N LYS B 597 60.08 27.23 15.15
CA LYS B 597 59.62 28.44 14.49
C LYS B 597 58.17 28.72 14.86
N GLY B 598 57.37 27.66 14.87
CA GLY B 598 55.96 27.76 15.22
C GLY B 598 55.78 28.31 16.62
N ILE B 599 56.75 28.03 17.48
CA ILE B 599 56.70 28.48 18.86
C ILE B 599 57.16 29.94 18.97
N GLU B 600 58.13 30.30 18.14
CA GLU B 600 58.67 31.66 18.16
C GLU B 600 57.62 32.66 17.68
N THR B 601 56.70 32.20 16.83
CA THR B 601 55.71 33.10 16.22
C THR B 601 54.32 32.98 16.85
N ASP B 602 53.91 31.77 17.24
CA ASP B 602 52.59 31.56 17.87
C ASP B 602 52.67 31.60 19.40
N GLY B 603 53.72 31.01 19.96
CA GLY B 603 53.89 30.95 21.39
C GLY B 603 53.46 29.60 21.93
N SER B 604 53.88 29.31 23.16
CA SER B 604 53.63 28.01 23.78
C SER B 604 52.27 27.97 24.45
N ASN B 605 51.62 26.81 24.39
CA ASN B 605 50.35 26.60 25.09
C ASN B 605 50.57 26.14 26.52
N LEU B 606 51.80 25.72 26.79
CA LEU B 606 52.19 25.17 28.08
C LEU B 606 52.30 26.29 29.13
N SER B 607 51.35 26.34 30.06
CA SER B 607 51.33 27.41 31.08
C SER B 607 52.16 27.10 32.33
N GLY B 608 52.64 25.87 32.44
CA GLY B 608 53.42 25.47 33.60
C GLY B 608 53.71 23.99 33.58
N VAL B 609 54.46 23.52 34.58
CA VAL B 609 54.76 22.10 34.66
C VAL B 609 54.96 21.69 36.11
N SER B 610 54.75 20.40 36.38
CA SER B 610 55.14 19.85 37.67
C SER B 610 56.46 19.15 37.41
N ALA B 611 57.52 19.67 38.00
CA ALA B 611 58.85 19.12 37.78
C ALA B 611 59.71 19.24 39.03
N LYS B 612 60.85 18.55 39.02
CA LYS B 612 61.76 18.59 40.15
C LYS B 612 62.52 19.91 40.14
N CYS B 613 62.26 20.75 41.14
CA CYS B 613 62.89 22.06 41.20
C CYS B 613 62.77 22.68 42.59
N ALA B 614 63.45 23.79 42.79
CA ALA B 614 63.34 24.56 44.03
C ALA B 614 64.08 25.88 43.88
N TRP B 615 63.85 26.80 44.80
CA TRP B 615 64.54 28.08 44.77
C TRP B 615 65.08 28.38 46.16
N ASP B 616 66.10 29.24 46.23
CA ASP B 616 66.72 29.55 47.50
C ASP B 616 67.10 31.03 47.54
N ASP B 617 67.07 31.61 48.73
CA ASP B 617 67.44 33.00 48.92
C ASP B 617 68.96 33.11 49.07
N LEU B 618 69.53 34.26 48.72
CA LEU B 618 70.96 34.51 48.94
C LEU B 618 71.13 35.80 49.75
N ILE B 701 51.83 34.71 57.20
CA ILE B 701 52.62 34.65 55.97
C ILE B 701 52.95 36.07 55.47
N ARG B 702 54.10 36.22 54.82
CA ARG B 702 54.56 37.53 54.38
C ARG B 702 54.65 37.60 52.85
N THR B 703 55.22 38.69 52.36
CA THR B 703 55.70 38.76 50.97
C THR B 703 57.17 39.17 50.99
N ARG B 704 58.07 38.19 51.08
CA ARG B 704 59.49 38.46 51.13
C ARG B 704 59.94 39.07 49.80
N GLN B 705 60.40 40.31 49.82
CA GLN B 705 61.04 40.89 48.65
C GLN B 705 62.54 40.62 48.73
N LEU B 706 63.07 40.02 47.68
CA LEU B 706 64.48 39.60 47.63
C LEU B 706 65.21 40.30 46.49
N GLU B 707 66.54 40.26 46.54
CA GLU B 707 67.35 40.85 45.47
C GLU B 707 68.40 39.90 44.94
N SER B 708 68.43 38.68 45.50
CA SER B 708 69.33 37.64 45.03
C SER B 708 68.63 36.29 45.11
N VAL B 709 68.47 35.63 43.97
CA VAL B 709 67.71 34.38 43.90
C VAL B 709 68.51 33.29 43.19
N HIS B 710 68.37 32.06 43.67
CA HIS B 710 69.12 30.94 43.14
C HIS B 710 68.15 29.81 42.78
N LEU B 711 67.78 29.71 41.51
CA LEU B 711 66.84 28.70 41.05
C LEU B 711 67.57 27.39 40.74
N LYS B 712 67.02 26.28 41.19
CA LYS B 712 67.62 24.96 40.99
C LYS B 712 66.64 24.07 40.23
N PHE B 713 67.11 23.42 39.17
CA PHE B 713 66.25 22.57 38.35
C PHE B 713 66.82 21.16 38.15
N ASN B 714 65.96 20.24 37.75
CA ASN B 714 66.36 18.93 37.27
C ASN B 714 66.82 19.12 35.82
N GLN B 715 67.53 18.16 35.26
CA GLN B 715 67.95 18.27 33.86
C GLN B 715 66.72 18.28 32.93
N GLU B 716 65.76 17.42 33.22
CA GLU B 716 64.58 17.30 32.38
C GLU B 716 63.81 18.62 32.34
N SER B 717 63.56 19.19 33.52
CA SER B 717 62.77 20.41 33.60
C SER B 717 63.61 21.65 33.34
N GLY B 718 64.91 21.47 33.27
CA GLY B 718 65.83 22.56 32.98
C GLY B 718 65.88 22.81 31.49
N ALA B 719 65.71 21.74 30.71
CA ALA B 719 65.66 21.87 29.26
C ALA B 719 64.42 22.65 28.84
N LEU B 720 63.45 22.77 29.75
CA LEU B 720 62.24 23.54 29.48
C LEU B 720 62.49 25.04 29.49
N ILE B 721 63.48 25.49 30.25
CA ILE B 721 63.65 26.92 30.51
C ILE B 721 63.64 27.80 29.25
N PRO B 722 64.31 27.37 28.18
CA PRO B 722 64.28 28.19 26.96
C PRO B 722 62.89 28.30 26.35
N LEU B 723 62.10 27.24 26.42
CA LEU B 723 60.69 27.28 25.99
C LEU B 723 59.88 28.24 26.86
N CYS B 724 60.18 28.27 28.15
CA CYS B 724 59.57 29.20 29.09
C CYS B 724 59.92 30.65 28.71
N LEU B 725 61.16 30.87 28.27
CA LEU B 725 61.64 32.21 27.95
C LEU B 725 61.18 32.67 26.56
N ARG B 726 61.57 31.92 25.54
CA ARG B 726 61.25 32.26 24.15
C ARG B 726 59.76 32.11 23.84
N GLY B 727 59.15 31.07 24.40
CA GLY B 727 57.80 30.70 24.05
C GLY B 727 56.70 31.35 24.86
N ARG B 728 57.05 32.00 25.97
CA ARG B 728 56.02 32.61 26.80
C ARG B 728 56.39 33.99 27.34
N LEU B 729 57.50 34.11 28.06
CA LEU B 729 57.90 35.42 28.57
C LEU B 729 58.07 36.45 27.45
N LEU B 730 58.36 35.98 26.23
CA LEU B 730 58.52 36.89 25.10
C LEU B 730 57.16 37.24 24.49
N HIS B 731 56.16 36.40 24.74
CA HIS B 731 54.80 36.66 24.28
C HIS B 731 53.96 37.23 25.40
N GLY B 732 54.62 37.79 26.40
CA GLY B 732 53.95 38.45 27.51
C GLY B 732 53.08 37.52 28.34
N ARG B 733 53.59 36.32 28.61
CA ARG B 733 52.85 35.30 29.35
C ARG B 733 53.69 34.76 30.50
N HIS B 734 53.02 34.34 31.58
CA HIS B 734 53.71 33.76 32.73
C HIS B 734 53.97 32.29 32.45
N PHE B 735 54.80 31.68 33.28
CA PHE B 735 55.05 30.23 33.23
C PHE B 735 55.44 29.78 34.63
N THR B 736 54.81 28.71 35.12
CA THR B 736 55.01 28.29 36.50
C THR B 736 55.55 26.87 36.62
N TYR B 737 56.61 26.71 37.42
CA TYR B 737 57.15 25.41 37.78
C TYR B 737 56.68 25.02 39.16
N LYS B 738 55.85 23.99 39.27
CA LYS B 738 55.47 23.48 40.59
C LYS B 738 56.40 22.36 40.99
N SER B 739 56.52 22.12 42.29
CA SER B 739 57.69 21.42 42.83
C SER B 739 57.55 19.90 42.93
N ILE B 740 56.40 19.44 43.41
CA ILE B 740 56.10 18.00 43.49
C ILE B 740 57.03 17.18 44.37
N THR B 741 58.10 17.80 44.86
CA THR B 741 58.93 17.21 45.90
C THR B 741 58.65 17.93 47.21
N GLY B 742 57.69 18.85 47.16
CA GLY B 742 57.44 19.77 48.25
C GLY B 742 56.28 20.69 47.93
N ASP B 743 56.45 21.98 48.22
CA ASP B 743 55.40 22.96 47.94
C ASP B 743 55.93 24.21 47.25
N MET B 744 57.22 24.22 46.95
CA MET B 744 57.83 25.35 46.26
C MET B 744 57.26 25.54 44.85
N ALA B 745 57.46 26.73 44.31
CA ALA B 745 57.03 27.04 42.96
C ALA B 745 57.82 28.22 42.45
N ILE B 746 58.02 28.28 41.14
CA ILE B 746 58.72 29.39 40.52
C ILE B 746 57.89 29.88 39.34
N THR B 747 57.35 31.08 39.43
CA THR B 747 56.55 31.64 38.34
C THR B 747 57.33 32.75 37.64
N PHE B 748 57.82 32.44 36.44
CA PHE B 748 58.41 33.44 35.58
C PHE B 748 57.33 34.38 35.06
N VAL B 749 57.58 35.68 35.14
CA VAL B 749 56.58 36.67 34.79
C VAL B 749 57.20 37.70 33.86
N SER B 750 56.54 37.96 32.73
CA SER B 750 57.02 38.96 31.78
C SER B 750 56.70 40.35 32.28
N THR B 751 57.32 41.34 31.65
CA THR B 751 56.93 42.73 31.88
C THR B 751 55.47 42.90 31.44
N GLY B 752 54.68 43.51 32.31
CA GLY B 752 53.32 43.88 31.96
C GLY B 752 52.32 42.75 31.82
N VAL B 753 52.26 41.86 32.80
CA VAL B 753 51.14 40.94 32.93
C VAL B 753 50.44 41.18 34.27
N GLU B 754 49.12 41.14 34.25
CA GLU B 754 48.33 41.44 35.44
C GLU B 754 48.56 40.43 36.53
N GLY B 755 48.22 40.79 37.76
CA GLY B 755 48.06 39.81 38.81
C GLY B 755 49.20 39.66 39.78
N ALA B 756 50.39 40.04 39.35
CA ALA B 756 51.59 39.44 39.91
C ALA B 756 52.46 40.45 40.64
N PHE B 757 53.00 40.01 41.78
CA PHE B 757 53.50 40.94 42.79
C PHE B 757 54.99 41.29 42.69
N ALA B 758 55.71 40.66 41.77
CA ALA B 758 57.03 41.15 41.43
C ALA B 758 56.85 42.39 40.55
N THR B 759 57.37 43.52 41.01
CA THR B 759 57.08 44.81 40.37
C THR B 759 58.02 45.18 39.25
N GLU B 760 59.27 44.70 39.33
CA GLU B 760 60.34 45.15 38.44
C GLU B 760 61.00 46.42 38.97
N GLU B 761 60.43 46.98 40.04
CA GLU B 761 61.21 47.82 40.95
C GLU B 761 61.98 46.85 41.84
N HIS B 762 61.33 45.73 42.13
CA HIS B 762 61.95 44.62 42.84
C HIS B 762 61.48 43.32 42.19
N PRO B 763 62.22 42.85 41.17
CA PRO B 763 61.80 41.73 40.30
C PRO B 763 61.64 40.39 41.01
N TYR B 764 62.28 40.17 42.15
CA TYR B 764 62.18 38.87 42.80
C TYR B 764 61.42 38.97 44.11
N ALA B 765 60.13 38.65 44.06
CA ALA B 765 59.33 38.61 45.27
C ALA B 765 58.85 37.19 45.50
N ALA B 766 58.65 36.83 46.76
CA ALA B 766 58.09 35.52 47.09
C ALA B 766 57.00 35.72 48.13
N HIS B 767 55.99 34.87 48.07
CA HIS B 767 54.92 34.89 49.03
C HIS B 767 55.14 33.86 50.10
N GLY B 768 56.04 32.92 49.81
CA GLY B 768 55.78 31.58 50.27
C GLY B 768 56.89 30.62 50.03
N PRO B 769 56.51 29.37 49.77
CA PRO B 769 57.28 28.60 48.82
C PRO B 769 57.02 29.15 47.42
N TRP B 770 55.99 29.98 47.28
CA TRP B 770 55.64 30.59 46.00
C TRP B 770 56.54 31.75 45.62
N LEU B 771 57.41 31.52 44.64
CA LEU B 771 58.31 32.56 44.16
C LEU B 771 57.84 33.10 42.83
N GLN B 772 57.84 34.41 42.67
CA GLN B 772 57.62 35.04 41.37
C GLN B 772 58.82 35.89 41.00
N ILE B 773 59.33 35.70 39.78
CA ILE B 773 60.47 36.49 39.31
C ILE B 773 60.19 37.09 37.94
N LEU B 774 60.38 38.41 37.83
CA LEU B 774 60.06 39.15 36.60
C LEU B 774 61.32 39.47 35.80
N LEU B 775 61.28 39.13 34.52
CA LEU B 775 62.42 39.35 33.63
C LEU B 775 62.04 40.29 32.49
N THR B 776 62.87 41.32 32.27
CA THR B 776 62.65 42.26 31.18
C THR B 776 62.96 41.58 29.85
N GLU B 777 62.39 42.08 28.76
CA GLU B 777 62.63 41.48 27.45
C GLU B 777 64.13 41.42 27.13
N GLU B 778 64.83 42.52 27.41
CA GLU B 778 66.27 42.60 27.15
C GLU B 778 67.00 41.45 27.82
N PHE B 779 66.72 41.23 29.09
CA PHE B 779 67.40 40.21 29.87
C PHE B 779 67.02 38.79 29.47
N VAL B 780 65.80 38.61 28.96
CA VAL B 780 65.37 37.30 28.50
C VAL B 780 66.12 36.92 27.24
N GLU B 781 66.31 37.90 26.36
CA GLU B 781 66.95 37.65 25.06
C GLU B 781 68.41 37.29 25.25
N LYS B 782 69.07 37.92 26.23
CA LYS B 782 70.47 37.64 26.53
C LYS B 782 70.60 36.34 27.31
N MET B 783 69.63 36.09 28.19
CA MET B 783 69.63 34.89 29.00
C MET B 783 69.48 33.66 28.12
N LEU B 784 68.78 33.82 26.99
CA LEU B 784 68.58 32.73 26.04
C LEU B 784 69.88 32.41 25.30
N GLU B 785 70.70 33.44 25.09
CA GLU B 785 72.00 33.25 24.47
C GLU B 785 72.91 32.43 25.37
N ASP B 786 72.82 32.70 26.67
CA ASP B 786 73.70 32.07 27.65
C ASP B 786 73.29 30.64 27.99
N LEU B 787 72.09 30.23 27.61
CA LEU B 787 71.61 28.88 27.88
C LEU B 787 71.60 28.03 26.62
N GLU B 788 72.59 27.15 26.51
CA GLU B 788 72.70 26.25 25.36
C GLU B 788 72.79 24.79 25.82
N ASP B 789 71.68 24.06 25.64
CA ASP B 789 71.59 22.67 26.08
C ASP B 789 71.74 21.71 24.91
N GLU B 794 78.71 20.32 21.78
CA GLU B 794 78.30 20.54 23.16
C GLU B 794 78.67 19.35 24.01
N GLU B 795 78.55 19.51 25.33
CA GLU B 795 78.69 18.38 26.24
C GLU B 795 77.70 18.42 27.41
N PHE B 796 77.91 17.54 28.39
CA PHE B 796 76.81 17.01 29.20
C PHE B 796 77.15 17.02 30.70
N LYS B 797 77.79 18.09 31.14
CA LYS B 797 78.47 18.10 32.44
C LYS B 797 77.64 18.69 33.58
N LEU B 798 77.51 17.94 34.68
CA LEU B 798 76.70 18.35 35.84
C LEU B 798 77.53 18.37 37.10
N PRO B 799 77.15 19.21 38.08
CA PRO B 799 76.13 20.24 37.86
C PRO B 799 76.66 21.38 36.99
N LYS B 800 75.84 21.89 36.08
CA LYS B 800 76.16 23.13 35.39
C LYS B 800 75.68 24.26 36.27
N GLU B 801 76.19 25.46 36.05
CA GLU B 801 75.66 26.62 36.73
C GLU B 801 75.85 27.86 35.89
N TYR B 802 74.83 28.72 35.88
CA TYR B 802 74.88 29.98 35.17
C TYR B 802 74.76 31.10 36.21
N SER B 803 75.55 32.16 36.03
CA SER B 803 75.54 33.26 36.99
C SER B 803 75.33 34.60 36.28
N TRP B 804 75.10 35.65 37.06
CA TRP B 804 74.79 36.98 36.51
C TRP B 804 75.10 38.12 37.51
N PRO B 805 74.77 39.38 37.14
CA PRO B 805 74.82 40.44 38.15
C PRO B 805 73.64 40.39 39.12
N GLU B 806 72.51 39.83 38.66
CA GLU B 806 71.30 39.73 39.45
C GLU B 806 71.25 38.51 40.36
N LYS B 807 71.70 37.39 39.81
CA LYS B 807 71.05 36.12 40.05
C LYS B 807 71.92 34.92 39.72
N LYS B 808 71.45 33.73 40.05
CA LYS B 808 72.14 32.49 39.68
C LYS B 808 71.13 31.38 39.37
N LEU B 809 71.56 30.38 38.63
CA LEU B 809 70.69 29.32 38.14
C LEU B 809 71.45 27.99 37.98
N LYS B 810 71.09 27.00 38.79
CA LYS B 810 71.76 25.71 38.76
C LYS B 810 70.90 24.65 38.08
N VAL B 811 71.53 23.64 37.53
CA VAL B 811 70.82 22.44 37.11
C VAL B 811 71.56 21.25 37.70
N SER B 812 70.93 20.52 38.60
CA SER B 812 71.61 19.40 39.25
C SER B 812 70.72 18.17 39.35
N ILE B 813 71.20 17.15 40.04
CA ILE B 813 70.79 15.78 39.74
C ILE B 813 69.83 15.09 40.71
N LEU B 814 70.35 14.70 41.86
CA LEU B 814 69.62 13.91 42.83
C LEU B 814 68.94 14.73 43.94
N PRO B 815 69.50 15.88 44.31
CA PRO B 815 69.10 16.50 45.58
C PRO B 815 67.60 16.51 45.84
N ASP B 816 66.78 16.52 44.79
CA ASP B 816 65.34 16.52 44.94
C ASP B 816 64.84 15.25 45.63
N VAL B 817 65.15 14.09 45.05
CA VAL B 817 64.66 12.80 45.56
C VAL B 817 65.06 12.46 47.01
N VAL B 818 66.36 12.42 47.28
CA VAL B 818 66.92 11.73 48.44
C VAL B 818 66.91 12.65 49.63
N PHE B 819 66.64 13.91 49.32
CA PHE B 819 67.54 14.99 49.70
C PHE B 819 68.46 14.69 50.89
N ASP B 820 67.90 14.44 52.07
CA ASP B 820 68.67 14.38 53.31
C ASP B 820 70.18 14.40 53.03
#